data_2NBM
#
_entry.id   2NBM
#
_entity_poly.entity_id   1
_entity_poly.type   'polypeptide(L)'
_entity_poly.pdbx_seq_one_letter_code
;MSVETIIERIKARVGAVDPNGPRKVLGVFQLNIKTASGVEQWIVDLKQLKVDQGVFASPDVTVTVGLEDMLAISGKTLTV
GDALKQGKIELSGDADLAAKLAEVIHHHHHH
;
_entity_poly.pdbx_strand_id   A
#
# COMPACT_ATOMS: atom_id res chain seq x y z
N MET A 1 -8.82 13.05 -4.14
CA MET A 1 -9.66 14.03 -3.46
C MET A 1 -8.99 14.52 -2.17
N SER A 2 -8.20 13.65 -1.56
CA SER A 2 -7.50 13.98 -0.32
C SER A 2 -6.64 12.81 0.16
N VAL A 3 -5.33 12.99 0.11
CA VAL A 3 -4.40 11.95 0.54
C VAL A 3 -4.76 11.44 1.93
N GLU A 4 -5.22 12.34 2.80
CA GLU A 4 -5.60 11.97 4.16
C GLU A 4 -6.73 10.97 4.15
N THR A 5 -7.70 11.18 3.26
CA THR A 5 -8.85 10.28 3.16
C THR A 5 -8.43 8.90 2.68
N ILE A 6 -7.20 8.80 2.17
CA ILE A 6 -6.68 7.53 1.68
C ILE A 6 -6.09 6.70 2.81
N ILE A 7 -5.16 7.30 3.55
CA ILE A 7 -4.51 6.61 4.66
C ILE A 7 -5.52 6.29 5.76
N GLU A 8 -6.46 7.20 5.98
CA GLU A 8 -7.49 7.02 7.01
C GLU A 8 -8.10 5.63 6.90
N ARG A 9 -8.45 5.23 5.68
CA ARG A 9 -9.05 3.92 5.45
C ARG A 9 -8.09 2.79 5.82
N ILE A 10 -6.80 3.05 5.64
CA ILE A 10 -5.77 2.06 5.96
C ILE A 10 -5.67 1.85 7.47
N LYS A 11 -5.63 2.94 8.21
CA LYS A 11 -5.54 2.89 9.67
C LYS A 11 -6.80 2.28 10.27
N ALA A 12 -7.96 2.66 9.73
CA ALA A 12 -9.22 2.15 10.22
C ALA A 12 -9.38 0.67 9.90
N ARG A 13 -8.76 0.23 8.81
CA ARG A 13 -8.83 -1.16 8.39
C ARG A 13 -7.82 -2.02 9.17
N VAL A 14 -6.57 -1.56 9.19
CA VAL A 14 -5.52 -2.27 9.89
C VAL A 14 -5.93 -2.58 11.33
N GLY A 15 -6.52 -1.60 12.00
CA GLY A 15 -6.96 -1.78 13.37
C GLY A 15 -8.10 -2.76 13.49
N ALA A 16 -8.64 -3.18 12.35
CA ALA A 16 -9.76 -4.13 12.33
C ALA A 16 -9.37 -5.41 11.59
N VAL A 17 -8.34 -5.32 10.76
CA VAL A 17 -7.88 -6.47 9.99
C VAL A 17 -7.11 -7.44 10.87
N ASP A 18 -6.94 -8.67 10.38
CA ASP A 18 -6.21 -9.70 11.13
C ASP A 18 -4.81 -9.89 10.56
N PRO A 19 -3.91 -10.46 11.38
CA PRO A 19 -2.52 -10.70 10.99
C PRO A 19 -2.41 -11.80 9.93
N ASN A 20 -3.22 -12.85 10.08
CA ASN A 20 -3.21 -13.97 9.14
C ASN A 20 -3.84 -13.57 7.82
N GLY A 21 -4.55 -12.44 7.82
CA GLY A 21 -5.20 -11.96 6.62
C GLY A 21 -4.27 -11.96 5.42
N PRO A 22 -3.26 -11.07 5.46
CA PRO A 22 -2.27 -10.94 4.37
C PRO A 22 -1.35 -12.15 4.29
N ARG A 23 -0.44 -12.12 3.32
CA ARG A 23 0.51 -13.21 3.13
C ARG A 23 1.51 -13.28 4.29
N LYS A 24 2.20 -14.41 4.41
CA LYS A 24 3.18 -14.60 5.47
C LYS A 24 4.36 -13.65 5.30
N VAL A 25 4.24 -12.45 5.86
CA VAL A 25 5.30 -11.46 5.78
C VAL A 25 5.29 -10.53 7.00
N LEU A 26 6.29 -9.68 7.09
CA LEU A 26 6.40 -8.74 8.20
C LEU A 26 7.55 -7.76 7.98
N GLY A 27 7.23 -6.47 7.96
CA GLY A 27 8.25 -5.45 7.76
C GLY A 27 7.67 -4.06 7.67
N VAL A 28 8.22 -3.26 6.75
CA VAL A 28 7.74 -1.89 6.56
C VAL A 28 7.87 -1.46 5.11
N PHE A 29 6.91 -0.66 4.64
CA PHE A 29 6.91 -0.19 3.27
C PHE A 29 6.85 1.34 3.22
N GLN A 30 7.37 1.91 2.14
CA GLN A 30 7.39 3.35 1.97
C GLN A 30 6.49 3.78 0.82
N LEU A 31 5.32 4.31 1.15
CA LEU A 31 4.36 4.76 0.14
C LEU A 31 4.58 6.22 -0.21
N ASN A 32 4.32 6.57 -1.46
CA ASN A 32 4.48 7.94 -1.93
C ASN A 32 3.37 8.33 -2.90
N ILE A 33 2.68 9.43 -2.60
CA ILE A 33 1.60 9.91 -3.45
C ILE A 33 2.09 10.97 -4.42
N LYS A 34 2.15 10.61 -5.70
CA LYS A 34 2.60 11.53 -6.73
C LYS A 34 1.57 12.63 -6.96
N THR A 35 1.97 13.87 -6.69
CA THR A 35 1.09 15.02 -6.86
C THR A 35 1.80 16.16 -7.58
N ALA A 36 1.03 17.03 -8.21
CA ALA A 36 1.58 18.17 -8.94
C ALA A 36 2.31 19.11 -7.99
N SER A 37 1.95 19.06 -6.71
CA SER A 37 2.58 19.91 -5.71
C SER A 37 3.84 19.25 -5.15
N GLY A 38 4.01 17.96 -5.43
CA GLY A 38 5.18 17.25 -4.95
C GLY A 38 4.93 15.76 -4.79
N VAL A 39 5.24 15.23 -3.62
CA VAL A 39 5.04 13.81 -3.34
C VAL A 39 4.83 13.57 -1.85
N GLU A 40 3.65 13.07 -1.50
CA GLU A 40 3.31 12.79 -0.11
C GLU A 40 3.84 11.42 0.31
N GLN A 41 4.84 11.42 1.19
CA GLN A 41 5.43 10.17 1.67
C GLN A 41 4.66 9.64 2.86
N TRP A 42 4.60 8.32 2.98
CA TRP A 42 3.90 7.67 4.09
C TRP A 42 4.61 6.39 4.51
N ILE A 43 4.53 6.07 5.80
CA ILE A 43 5.17 4.88 6.33
C ILE A 43 4.12 3.86 6.79
N VAL A 44 4.30 2.61 6.37
CA VAL A 44 3.37 1.55 6.73
C VAL A 44 4.12 0.31 7.21
N ASP A 45 3.63 -0.30 8.29
CA ASP A 45 4.25 -1.50 8.84
C ASP A 45 3.38 -2.73 8.61
N LEU A 46 4.01 -3.83 8.24
CA LEU A 46 3.29 -5.08 7.99
C LEU A 46 3.16 -5.90 9.27
N LYS A 47 4.27 -6.02 10.00
CA LYS A 47 4.28 -6.78 11.24
C LYS A 47 3.04 -6.47 12.08
N GLN A 48 2.93 -5.22 12.53
CA GLN A 48 1.79 -4.80 13.34
C GLN A 48 0.79 -4.01 12.52
N LEU A 49 -0.14 -3.36 13.19
CA LEU A 49 -1.16 -2.56 12.51
C LEU A 49 -1.06 -1.09 12.90
N LYS A 50 -0.05 -0.41 12.37
CA LYS A 50 0.17 1.00 12.65
C LYS A 50 0.40 1.78 11.37
N VAL A 51 0.34 3.11 11.47
CA VAL A 51 0.54 3.97 10.31
C VAL A 51 1.23 5.27 10.72
N ASP A 52 2.23 5.66 9.94
CA ASP A 52 2.99 6.88 10.21
C ASP A 52 3.18 7.70 8.93
N GLN A 53 3.37 9.00 9.09
CA GLN A 53 3.57 9.90 7.96
C GLN A 53 5.05 10.27 7.82
N GLY A 54 5.52 10.33 6.57
CA GLY A 54 6.90 10.68 6.32
C GLY A 54 7.67 9.57 5.64
N VAL A 55 8.99 9.62 5.73
CA VAL A 55 9.85 8.61 5.11
C VAL A 55 10.58 7.78 6.17
N PHE A 56 10.27 6.50 6.22
CA PHE A 56 10.90 5.60 7.18
C PHE A 56 12.43 5.69 7.10
N ALA A 57 13.08 5.55 8.25
CA ALA A 57 14.54 5.62 8.31
C ALA A 57 15.18 4.59 7.39
N SER A 58 14.47 3.50 7.15
CA SER A 58 14.96 2.44 6.29
C SER A 58 13.87 1.41 6.00
N PRO A 59 12.96 1.77 5.08
CA PRO A 59 11.84 0.90 4.69
C PRO A 59 12.31 -0.32 3.89
N ASP A 60 11.50 -1.37 3.89
CA ASP A 60 11.83 -2.59 3.16
C ASP A 60 11.67 -2.39 1.66
N VAL A 61 10.65 -1.64 1.27
CA VAL A 61 10.38 -1.36 -0.13
C VAL A 61 9.81 0.04 -0.33
N THR A 62 10.07 0.62 -1.49
CA THR A 62 9.57 1.96 -1.81
C THR A 62 8.66 1.93 -3.03
N VAL A 63 7.39 2.23 -2.81
CA VAL A 63 6.41 2.25 -3.90
C VAL A 63 5.92 3.66 -4.16
N THR A 64 5.77 3.99 -5.45
CA THR A 64 5.31 5.32 -5.84
C THR A 64 4.08 5.23 -6.74
N VAL A 65 2.95 5.71 -6.25
CA VAL A 65 1.71 5.68 -7.02
C VAL A 65 1.06 7.06 -7.05
N GLY A 66 0.15 7.25 -8.02
CA GLY A 66 -0.52 8.53 -8.15
C GLY A 66 -1.67 8.68 -7.17
N LEU A 67 -2.14 9.91 -7.00
CA LEU A 67 -3.24 10.19 -6.08
C LEU A 67 -4.53 9.54 -6.57
N GLU A 68 -4.90 9.82 -7.81
CA GLU A 68 -6.11 9.25 -8.40
C GLU A 68 -6.18 7.75 -8.17
N ASP A 69 -5.09 7.06 -8.51
CA ASP A 69 -5.03 5.61 -8.33
C ASP A 69 -5.40 5.22 -6.91
N MET A 70 -4.68 5.77 -5.94
CA MET A 70 -4.93 5.48 -4.53
C MET A 70 -6.39 5.74 -4.17
N LEU A 71 -7.03 6.63 -4.92
CA LEU A 71 -8.43 6.97 -4.68
C LEU A 71 -9.34 5.80 -5.06
N ALA A 72 -9.13 5.25 -6.24
CA ALA A 72 -9.93 4.13 -6.72
C ALA A 72 -9.75 2.91 -5.82
N ILE A 73 -8.52 2.69 -5.36
CA ILE A 73 -8.23 1.56 -4.49
C ILE A 73 -8.74 1.81 -3.08
N SER A 74 -8.20 2.84 -2.43
CA SER A 74 -8.60 3.18 -1.07
C SER A 74 -10.12 3.41 -0.99
N GLY A 75 -10.71 3.84 -2.09
CA GLY A 75 -12.14 4.08 -2.13
C GLY A 75 -12.94 2.80 -2.25
N LYS A 76 -12.24 1.68 -2.31
CA LYS A 76 -12.90 0.38 -2.43
C LYS A 76 -13.65 0.28 -3.74
N THR A 77 -12.96 0.48 -4.86
CA THR A 77 -13.57 0.40 -6.18
C THR A 77 -12.72 -0.41 -7.14
N LEU A 78 -11.48 0.04 -7.35
CA LEU A 78 -10.56 -0.66 -8.25
C LEU A 78 -9.83 -1.78 -7.53
N THR A 79 -9.12 -2.61 -8.28
CA THR A 79 -8.39 -3.73 -7.72
C THR A 79 -6.89 -3.58 -7.98
N VAL A 80 -6.08 -4.14 -7.08
CA VAL A 80 -4.63 -4.07 -7.22
C VAL A 80 -4.19 -4.51 -8.60
N GLY A 81 -4.82 -5.56 -9.12
CA GLY A 81 -4.47 -6.07 -10.44
C GLY A 81 -4.69 -5.03 -11.52
N ASP A 82 -5.80 -4.31 -11.43
CA ASP A 82 -6.12 -3.28 -12.42
C ASP A 82 -5.07 -2.17 -12.42
N ALA A 83 -4.81 -1.61 -11.24
CA ALA A 83 -3.82 -0.55 -11.11
C ALA A 83 -2.44 -1.01 -11.58
N LEU A 84 -2.15 -2.28 -11.37
CA LEU A 84 -0.87 -2.85 -11.77
C LEU A 84 -0.75 -2.91 -13.29
N LYS A 85 -1.82 -3.35 -13.94
CA LYS A 85 -1.85 -3.44 -15.40
C LYS A 85 -1.68 -2.07 -16.04
N GLN A 86 -2.25 -1.05 -15.41
CA GLN A 86 -2.16 0.32 -15.92
C GLN A 86 -0.73 0.85 -15.79
N GLY A 87 -0.10 0.57 -14.66
CA GLY A 87 1.26 1.03 -14.43
C GLY A 87 1.30 2.26 -13.53
N LYS A 88 0.26 2.45 -12.74
CA LYS A 88 0.18 3.59 -11.84
C LYS A 88 1.06 3.36 -10.61
N ILE A 89 1.16 2.11 -10.18
CA ILE A 89 1.96 1.76 -9.02
C ILE A 89 3.39 1.42 -9.42
N GLU A 90 4.33 2.28 -9.05
CA GLU A 90 5.73 2.07 -9.37
C GLU A 90 6.46 1.39 -8.21
N LEU A 91 7.38 0.49 -8.54
CA LEU A 91 8.14 -0.23 -7.54
C LEU A 91 9.60 0.22 -7.53
N SER A 92 10.28 -0.02 -6.41
CA SER A 92 11.68 0.37 -6.28
C SER A 92 12.26 -0.13 -4.97
N GLY A 93 13.33 -0.90 -5.06
CA GLY A 93 13.97 -1.44 -3.87
C GLY A 93 13.94 -2.95 -3.83
N ASP A 94 13.16 -3.52 -2.91
CA ASP A 94 13.06 -4.96 -2.78
C ASP A 94 11.79 -5.47 -3.45
N ALA A 95 11.80 -5.50 -4.78
CA ALA A 95 10.66 -5.97 -5.55
C ALA A 95 10.09 -7.26 -4.96
N ASP A 96 10.98 -8.12 -4.46
CA ASP A 96 10.56 -9.39 -3.87
C ASP A 96 9.49 -9.17 -2.81
N LEU A 97 9.72 -8.20 -1.93
CA LEU A 97 8.76 -7.90 -0.87
C LEU A 97 7.47 -7.32 -1.45
N ALA A 98 7.61 -6.34 -2.33
CA ALA A 98 6.46 -5.72 -2.96
C ALA A 98 5.62 -6.74 -3.72
N ALA A 99 6.27 -7.79 -4.19
CA ALA A 99 5.59 -8.84 -4.94
C ALA A 99 4.56 -9.55 -4.06
N LYS A 100 4.91 -9.75 -2.80
CA LYS A 100 4.01 -10.42 -1.85
C LYS A 100 2.65 -9.75 -1.84
N LEU A 101 2.63 -8.44 -2.10
CA LEU A 101 1.39 -7.68 -2.11
C LEU A 101 0.54 -8.03 -3.33
N ALA A 102 1.14 -7.89 -4.51
CA ALA A 102 0.45 -8.19 -5.76
C ALA A 102 -0.11 -9.61 -5.74
N GLU A 103 0.57 -10.51 -5.02
CA GLU A 103 0.15 -11.89 -4.92
C GLU A 103 -1.31 -11.99 -4.50
N VAL A 104 -1.77 -10.99 -3.74
CA VAL A 104 -3.15 -10.96 -3.25
C VAL A 104 -4.13 -11.00 -4.42
N ILE A 105 -3.67 -10.62 -5.60
CA ILE A 105 -4.51 -10.61 -6.79
C ILE A 105 -5.08 -12.01 -7.06
N HIS A 106 -4.40 -13.03 -6.56
CA HIS A 106 -4.84 -14.40 -6.75
C HIS A 106 -6.20 -14.64 -6.09
N HIS A 107 -6.89 -15.69 -6.52
CA HIS A 107 -8.20 -16.01 -5.97
C HIS A 107 -8.19 -17.36 -5.28
N HIS A 108 -7.64 -17.40 -4.07
CA HIS A 108 -7.56 -18.64 -3.31
C HIS A 108 -8.75 -18.77 -2.35
N HIS A 109 -8.87 -19.93 -1.71
CA HIS A 109 -9.95 -20.18 -0.78
C HIS A 109 -9.73 -19.42 0.54
N HIS A 110 -8.54 -19.59 1.11
CA HIS A 110 -8.21 -18.92 2.36
C HIS A 110 -7.17 -17.81 2.12
N HIS A 111 -7.34 -16.69 2.81
CA HIS A 111 -6.43 -15.56 2.68
C HIS A 111 -5.23 -15.73 3.61
N MET A 1 -11.07 11.56 -2.90
CA MET A 1 -9.97 12.51 -3.07
C MET A 1 -9.30 12.80 -1.73
N SER A 2 -8.38 13.76 -1.73
CA SER A 2 -7.66 14.15 -0.52
C SER A 2 -6.78 13.00 -0.03
N VAL A 3 -5.49 13.28 0.14
CA VAL A 3 -4.55 12.28 0.61
C VAL A 3 -5.00 11.67 1.94
N GLU A 4 -5.73 12.46 2.73
CA GLU A 4 -6.21 12.01 4.02
C GLU A 4 -7.22 10.87 3.86
N THR A 5 -8.12 11.02 2.89
CA THR A 5 -9.12 10.00 2.63
C THR A 5 -8.49 8.69 2.16
N ILE A 6 -7.21 8.76 1.79
CA ILE A 6 -6.50 7.59 1.33
C ILE A 6 -5.96 6.78 2.50
N ILE A 7 -5.21 7.44 3.38
CA ILE A 7 -4.64 6.77 4.55
C ILE A 7 -5.73 6.38 5.55
N GLU A 8 -6.74 7.22 5.67
CA GLU A 8 -7.85 6.95 6.59
C GLU A 8 -8.36 5.53 6.41
N ARG A 9 -8.52 5.11 5.16
CA ARG A 9 -9.01 3.77 4.86
C ARG A 9 -7.96 2.71 5.21
N ILE A 10 -6.69 3.08 5.07
CA ILE A 10 -5.60 2.16 5.38
C ILE A 10 -5.51 1.89 6.89
N LYS A 11 -5.40 2.96 7.66
CA LYS A 11 -5.31 2.84 9.11
C LYS A 11 -6.59 2.24 9.69
N ALA A 12 -7.73 2.73 9.22
CA ALA A 12 -9.02 2.24 9.69
C ALA A 12 -9.10 0.72 9.58
N ARG A 13 -8.61 0.18 8.47
CA ARG A 13 -8.62 -1.26 8.25
C ARG A 13 -7.47 -1.93 8.99
N VAL A 14 -6.30 -1.30 8.96
CA VAL A 14 -5.12 -1.84 9.63
C VAL A 14 -5.43 -2.22 11.08
N GLY A 15 -6.27 -1.41 11.72
CA GLY A 15 -6.64 -1.67 13.10
C GLY A 15 -7.33 -3.02 13.27
N ALA A 16 -7.92 -3.51 12.20
CA ALA A 16 -8.62 -4.79 12.24
C ALA A 16 -7.84 -5.86 11.48
N VAL A 17 -7.11 -5.44 10.45
CA VAL A 17 -6.32 -6.35 9.63
C VAL A 17 -5.47 -7.26 10.51
N ASP A 18 -5.29 -8.50 10.07
CA ASP A 18 -4.50 -9.47 10.80
C ASP A 18 -3.02 -9.34 10.46
N PRO A 19 -2.15 -9.83 11.36
CA PRO A 19 -0.70 -9.77 11.17
C PRO A 19 -0.23 -10.72 10.07
N ASN A 20 -0.87 -11.87 9.96
CA ASN A 20 -0.51 -12.85 8.94
C ASN A 20 -0.85 -12.35 7.54
N GLY A 21 -1.81 -11.42 7.47
CA GLY A 21 -2.22 -10.88 6.20
C GLY A 21 -2.47 -11.94 5.16
N PRO A 22 -2.55 -11.53 3.89
CA PRO A 22 -2.80 -12.45 2.77
C PRO A 22 -1.61 -13.36 2.50
N ARG A 23 -0.45 -12.97 3.01
CA ARG A 23 0.77 -13.76 2.82
C ARG A 23 1.62 -13.75 4.09
N LYS A 24 2.31 -14.86 4.33
CA LYS A 24 3.16 -14.99 5.51
C LYS A 24 4.35 -14.03 5.43
N VAL A 25 4.15 -12.80 5.88
CA VAL A 25 5.21 -11.79 5.86
C VAL A 25 5.01 -10.76 6.96
N LEU A 26 5.98 -9.87 7.12
CA LEU A 26 5.91 -8.84 8.14
C LEU A 26 7.10 -7.88 8.03
N GLY A 27 6.79 -6.59 7.88
CA GLY A 27 7.85 -5.60 7.76
C GLY A 27 7.30 -4.19 7.67
N VAL A 28 7.85 -3.40 6.75
CA VAL A 28 7.41 -2.03 6.56
C VAL A 28 7.48 -1.62 5.09
N PHE A 29 6.58 -0.75 4.68
CA PHE A 29 6.52 -0.28 3.30
C PHE A 29 6.53 1.24 3.23
N GLN A 30 7.08 1.78 2.15
CA GLN A 30 7.14 3.23 1.97
C GLN A 30 6.25 3.68 0.81
N LEU A 31 5.09 4.24 1.13
CA LEU A 31 4.16 4.70 0.11
C LEU A 31 4.41 6.17 -0.23
N ASN A 32 4.15 6.54 -1.48
CA ASN A 32 4.35 7.91 -1.93
C ASN A 32 3.23 8.33 -2.88
N ILE A 33 2.58 9.44 -2.55
CA ILE A 33 1.49 9.95 -3.37
C ILE A 33 1.99 11.03 -4.34
N LYS A 34 2.06 10.66 -5.62
CA LYS A 34 2.52 11.59 -6.64
C LYS A 34 1.47 12.66 -6.93
N THR A 35 1.76 13.89 -6.53
CA THR A 35 0.83 15.00 -6.75
C THR A 35 1.52 16.16 -7.47
N ALA A 36 0.72 17.14 -7.88
CA ALA A 36 1.26 18.31 -8.58
C ALA A 36 2.09 19.17 -7.64
N SER A 37 1.78 19.12 -6.36
CA SER A 37 2.49 19.90 -5.35
C SER A 37 3.79 19.22 -4.96
N GLY A 38 3.92 17.94 -5.31
CA GLY A 38 5.11 17.19 -4.99
C GLY A 38 4.84 15.71 -4.80
N VAL A 39 5.24 15.18 -3.66
CA VAL A 39 5.03 13.76 -3.36
C VAL A 39 4.85 13.53 -1.87
N GLU A 40 3.65 13.07 -1.49
CA GLU A 40 3.34 12.82 -0.10
C GLU A 40 3.82 11.43 0.32
N GLN A 41 4.85 11.39 1.16
CA GLN A 41 5.40 10.12 1.64
C GLN A 41 4.64 9.62 2.86
N TRP A 42 4.49 8.30 2.95
CA TRP A 42 3.79 7.69 4.07
C TRP A 42 4.48 6.40 4.51
N ILE A 43 4.43 6.12 5.80
CA ILE A 43 5.05 4.91 6.35
C ILE A 43 3.99 3.93 6.86
N VAL A 44 4.10 2.68 6.43
CA VAL A 44 3.16 1.65 6.84
C VAL A 44 3.89 0.39 7.30
N ASP A 45 3.40 -0.21 8.39
CA ASP A 45 4.01 -1.42 8.92
C ASP A 45 3.07 -2.61 8.76
N LEU A 46 3.64 -3.76 8.41
CA LEU A 46 2.86 -4.97 8.21
C LEU A 46 2.80 -5.79 9.51
N LYS A 47 3.94 -5.90 10.17
CA LYS A 47 4.03 -6.65 11.42
C LYS A 47 2.85 -6.33 12.33
N GLN A 48 2.79 -5.08 12.79
CA GLN A 48 1.72 -4.65 13.67
C GLN A 48 0.69 -3.81 12.91
N LEU A 49 -0.18 -3.14 13.64
CA LEU A 49 -1.21 -2.31 13.04
C LEU A 49 -0.99 -0.83 13.37
N LYS A 50 0.04 -0.24 12.77
CA LYS A 50 0.37 1.15 13.00
C LYS A 50 0.62 1.88 11.68
N VAL A 51 0.54 3.20 11.70
CA VAL A 51 0.77 4.01 10.51
C VAL A 51 1.43 5.33 10.86
N ASP A 52 2.36 5.77 10.02
CA ASP A 52 3.06 7.03 10.24
C ASP A 52 3.21 7.81 8.94
N GLN A 53 3.45 9.11 9.05
CA GLN A 53 3.60 9.97 7.89
C GLN A 53 5.07 10.33 7.67
N GLY A 54 5.48 10.38 6.40
CA GLY A 54 6.86 10.72 6.09
C GLY A 54 7.61 9.56 5.45
N VAL A 55 8.93 9.59 5.54
CA VAL A 55 9.76 8.54 4.97
C VAL A 55 10.47 7.76 6.06
N PHE A 56 10.18 6.46 6.13
CA PHE A 56 10.79 5.59 7.13
C PHE A 56 12.32 5.68 7.07
N ALA A 57 12.95 5.54 8.22
CA ALA A 57 14.41 5.61 8.30
C ALA A 57 15.06 4.54 7.43
N SER A 58 14.32 3.44 7.20
CA SER A 58 14.83 2.35 6.39
C SER A 58 13.72 1.35 6.08
N PRO A 59 12.83 1.71 5.15
CA PRO A 59 11.70 0.86 4.75
C PRO A 59 12.16 -0.36 3.97
N ASP A 60 11.31 -1.38 3.93
CA ASP A 60 11.62 -2.61 3.21
C ASP A 60 11.43 -2.43 1.71
N VAL A 61 10.43 -1.66 1.33
CA VAL A 61 10.15 -1.40 -0.08
C VAL A 61 9.61 0.02 -0.28
N THR A 62 9.86 0.57 -1.46
CA THR A 62 9.41 1.91 -1.78
C THR A 62 8.60 1.92 -3.07
N VAL A 63 7.29 2.15 -2.95
CA VAL A 63 6.41 2.18 -4.10
C VAL A 63 5.85 3.59 -4.32
N THR A 64 5.68 3.96 -5.59
CA THR A 64 5.17 5.28 -5.93
C THR A 64 3.91 5.16 -6.80
N VAL A 65 2.89 5.93 -6.45
CA VAL A 65 1.63 5.92 -7.19
C VAL A 65 0.94 7.27 -7.14
N GLY A 66 0.18 7.59 -8.17
CA GLY A 66 -0.52 8.86 -8.22
C GLY A 66 -1.70 8.90 -7.28
N LEU A 67 -2.22 10.10 -7.03
CA LEU A 67 -3.37 10.27 -6.14
C LEU A 67 -4.62 9.63 -6.72
N GLU A 68 -4.93 9.98 -7.97
CA GLU A 68 -6.11 9.44 -8.64
C GLU A 68 -6.15 7.92 -8.51
N ASP A 69 -5.07 7.26 -8.93
CA ASP A 69 -4.99 5.81 -8.87
C ASP A 69 -5.31 5.31 -7.45
N MET A 70 -4.60 5.85 -6.47
CA MET A 70 -4.79 5.47 -5.08
C MET A 70 -6.24 5.69 -4.66
N LEU A 71 -6.83 6.78 -5.13
CA LEU A 71 -8.22 7.10 -4.79
C LEU A 71 -9.13 5.90 -5.06
N ALA A 72 -9.02 5.34 -6.26
CA ALA A 72 -9.84 4.19 -6.64
C ALA A 72 -9.60 3.02 -5.69
N ILE A 73 -8.37 2.90 -5.19
CA ILE A 73 -8.02 1.83 -4.28
C ILE A 73 -8.58 2.08 -2.89
N SER A 74 -8.13 3.16 -2.26
CA SER A 74 -8.59 3.51 -0.92
C SER A 74 -10.11 3.64 -0.88
N GLY A 75 -10.69 4.03 -2.01
CA GLY A 75 -12.13 4.19 -2.08
C GLY A 75 -12.85 2.87 -2.24
N LYS A 76 -12.08 1.79 -2.28
CA LYS A 76 -12.65 0.45 -2.44
C LYS A 76 -13.35 0.31 -3.79
N THR A 77 -12.60 0.54 -4.86
CA THR A 77 -13.15 0.45 -6.21
C THR A 77 -12.25 -0.40 -7.10
N LEU A 78 -11.01 0.05 -7.28
CA LEU A 78 -10.05 -0.68 -8.11
C LEU A 78 -9.23 -1.65 -7.28
N THR A 79 -8.47 -2.51 -7.95
CA THR A 79 -7.63 -3.48 -7.27
C THR A 79 -6.17 -3.28 -7.63
N VAL A 80 -5.28 -3.71 -6.73
CA VAL A 80 -3.85 -3.58 -6.94
C VAL A 80 -3.44 -4.16 -8.30
N GLY A 81 -4.03 -5.30 -8.64
CA GLY A 81 -3.71 -5.94 -9.91
C GLY A 81 -4.02 -5.04 -11.09
N ASP A 82 -5.16 -4.36 -11.04
CA ASP A 82 -5.57 -3.47 -12.12
C ASP A 82 -4.57 -2.32 -12.29
N ALA A 83 -4.30 -1.60 -11.20
CA ALA A 83 -3.37 -0.49 -11.22
C ALA A 83 -1.99 -0.94 -11.70
N LEU A 84 -1.62 -2.17 -11.34
CA LEU A 84 -0.33 -2.72 -11.73
C LEU A 84 -0.25 -2.93 -13.24
N LYS A 85 -1.32 -3.48 -13.80
CA LYS A 85 -1.38 -3.74 -15.24
C LYS A 85 -1.28 -2.44 -16.02
N GLN A 86 -1.84 -1.37 -15.47
CA GLN A 86 -1.81 -0.06 -16.13
C GLN A 86 -0.40 0.51 -16.12
N GLY A 87 0.30 0.35 -15.01
CA GLY A 87 1.65 0.86 -14.91
C GLY A 87 1.72 2.18 -14.17
N LYS A 88 0.67 2.49 -13.40
CA LYS A 88 0.62 3.72 -12.64
C LYS A 88 1.50 3.64 -11.40
N ILE A 89 1.59 2.45 -10.83
CA ILE A 89 2.40 2.24 -9.63
C ILE A 89 3.81 1.78 -10.00
N GLU A 90 4.81 2.54 -9.54
CA GLU A 90 6.20 2.20 -9.82
C GLU A 90 6.78 1.35 -8.71
N LEU A 91 7.73 0.48 -9.08
CA LEU A 91 8.37 -0.40 -8.10
C LEU A 91 9.84 -0.03 -7.91
N SER A 92 10.35 -0.27 -6.72
CA SER A 92 11.73 0.05 -6.39
C SER A 92 12.11 -0.47 -5.02
N GLY A 93 13.31 -1.07 -4.91
CA GLY A 93 13.76 -1.59 -3.65
C GLY A 93 13.74 -3.11 -3.61
N ASP A 94 12.81 -3.66 -2.83
CA ASP A 94 12.68 -5.12 -2.71
C ASP A 94 11.43 -5.61 -3.42
N ALA A 95 11.48 -5.68 -4.74
CA ALA A 95 10.35 -6.13 -5.54
C ALA A 95 9.73 -7.39 -4.94
N ASP A 96 10.58 -8.26 -4.39
CA ASP A 96 10.12 -9.49 -3.78
C ASP A 96 9.03 -9.23 -2.74
N LEU A 97 9.29 -8.26 -1.87
CA LEU A 97 8.34 -7.89 -0.83
C LEU A 97 7.07 -7.29 -1.42
N ALA A 98 7.24 -6.26 -2.25
CA ALA A 98 6.12 -5.60 -2.89
C ALA A 98 5.28 -6.59 -3.69
N ALA A 99 5.93 -7.64 -4.17
CA ALA A 99 5.24 -8.66 -4.95
C ALA A 99 4.08 -9.26 -4.17
N LYS A 100 4.28 -9.47 -2.87
CA LYS A 100 3.25 -10.04 -2.01
C LYS A 100 1.96 -9.24 -2.12
N LEU A 101 2.07 -7.93 -2.14
CA LEU A 101 0.91 -7.05 -2.25
C LEU A 101 0.16 -7.31 -3.55
N ALA A 102 0.88 -7.76 -4.57
CA ALA A 102 0.28 -8.05 -5.87
C ALA A 102 -0.54 -9.33 -5.82
N GLU A 103 0.03 -10.37 -5.21
CA GLU A 103 -0.65 -11.66 -5.09
C GLU A 103 -2.04 -11.49 -4.49
N VAL A 104 -2.20 -10.46 -3.67
CA VAL A 104 -3.48 -10.18 -3.03
C VAL A 104 -4.58 -9.98 -4.06
N ILE A 105 -4.18 -9.65 -5.28
CA ILE A 105 -5.14 -9.44 -6.36
C ILE A 105 -6.12 -10.60 -6.47
N HIS A 106 -5.64 -11.80 -6.16
CA HIS A 106 -6.47 -12.99 -6.23
C HIS A 106 -6.43 -13.76 -4.91
N HIS A 107 -7.02 -13.17 -3.88
CA HIS A 107 -7.06 -13.79 -2.56
C HIS A 107 -7.94 -15.03 -2.57
N HIS A 108 -7.32 -16.20 -2.45
CA HIS A 108 -8.04 -17.47 -2.45
C HIS A 108 -7.96 -18.13 -1.08
N HIS A 109 -8.87 -19.07 -0.83
CA HIS A 109 -8.90 -19.78 0.44
C HIS A 109 -9.90 -20.94 0.39
N HIS A 110 -9.38 -22.16 0.26
CA HIS A 110 -10.23 -23.35 0.20
C HIS A 110 -10.44 -23.93 1.59
N HIS A 111 -11.69 -23.98 2.03
CA HIS A 111 -12.04 -24.52 3.33
C HIS A 111 -13.32 -25.34 3.27
N MET A 1 -10.82 12.53 -4.47
CA MET A 1 -9.39 12.81 -4.37
C MET A 1 -9.04 13.39 -3.00
N SER A 2 -8.25 12.64 -2.23
CA SER A 2 -7.85 13.08 -0.90
C SER A 2 -6.93 12.05 -0.25
N VAL A 3 -5.67 12.42 -0.06
CA VAL A 3 -4.70 11.53 0.56
C VAL A 3 -5.24 10.95 1.86
N GLU A 4 -5.96 11.77 2.61
CA GLU A 4 -6.53 11.35 3.89
C GLU A 4 -7.46 10.16 3.69
N THR A 5 -8.31 10.23 2.67
CA THR A 5 -9.25 9.16 2.37
C THR A 5 -8.52 7.87 2.01
N ILE A 6 -7.23 7.99 1.70
CA ILE A 6 -6.43 6.83 1.34
C ILE A 6 -5.90 6.11 2.58
N ILE A 7 -5.22 6.85 3.44
CA ILE A 7 -4.67 6.29 4.67
C ILE A 7 -5.79 5.86 5.63
N GLU A 8 -6.81 6.70 5.73
CA GLU A 8 -7.94 6.41 6.60
C GLU A 8 -8.45 4.98 6.40
N ARG A 9 -8.48 4.55 5.14
CA ARG A 9 -8.94 3.21 4.80
C ARG A 9 -7.89 2.16 5.18
N ILE A 10 -6.62 2.55 5.08
CA ILE A 10 -5.53 1.64 5.41
C ILE A 10 -5.46 1.39 6.91
N LYS A 11 -5.36 2.46 7.69
CA LYS A 11 -5.30 2.36 9.14
C LYS A 11 -6.57 1.71 9.70
N ALA A 12 -7.71 2.18 9.23
CA ALA A 12 -9.00 1.64 9.67
C ALA A 12 -9.03 0.12 9.56
N ARG A 13 -8.49 -0.39 8.46
CA ARG A 13 -8.46 -1.83 8.22
C ARG A 13 -7.32 -2.49 8.98
N VAL A 14 -6.23 -1.74 9.16
CA VAL A 14 -5.06 -2.25 9.87
C VAL A 14 -5.40 -2.56 11.33
N GLY A 15 -6.23 -1.72 11.92
CA GLY A 15 -6.62 -1.92 13.31
C GLY A 15 -7.63 -3.04 13.46
N ALA A 16 -8.09 -3.59 12.34
CA ALA A 16 -9.07 -4.67 12.36
C ALA A 16 -8.51 -5.91 11.67
N VAL A 17 -7.50 -5.71 10.84
CA VAL A 17 -6.88 -6.82 10.12
C VAL A 17 -5.97 -7.64 11.03
N ASP A 18 -5.82 -8.92 10.71
CA ASP A 18 -4.97 -9.81 11.49
C ASP A 18 -3.63 -10.04 10.81
N PRO A 19 -2.63 -10.46 11.59
CA PRO A 19 -1.28 -10.72 11.07
C PRO A 19 -1.23 -11.96 10.19
N ASN A 20 -1.96 -13.00 10.60
CA ASN A 20 -2.00 -14.25 9.84
C ASN A 20 -2.96 -14.14 8.66
N GLY A 21 -3.78 -13.09 8.66
CA GLY A 21 -4.73 -12.89 7.59
C GLY A 21 -4.09 -13.02 6.22
N PRO A 22 -3.19 -12.09 5.88
CA PRO A 22 -2.50 -12.08 4.59
C PRO A 22 -1.49 -13.24 4.47
N ARG A 23 -0.65 -13.18 3.44
CA ARG A 23 0.35 -14.21 3.22
C ARG A 23 1.41 -14.17 4.31
N LYS A 24 2.21 -15.23 4.39
CA LYS A 24 3.27 -15.33 5.39
C LYS A 24 4.34 -14.28 5.14
N VAL A 25 4.14 -13.09 5.70
CA VAL A 25 5.09 -12.00 5.55
C VAL A 25 5.05 -11.05 6.74
N LEU A 26 6.04 -10.19 6.84
CA LEU A 26 6.13 -9.22 7.93
C LEU A 26 7.30 -8.27 7.74
N GLY A 27 6.98 -7.00 7.53
CA GLY A 27 8.02 -6.00 7.33
C GLY A 27 7.48 -4.59 7.29
N VAL A 28 8.00 -3.77 6.38
CA VAL A 28 7.56 -2.39 6.24
C VAL A 28 7.62 -1.94 4.79
N PHE A 29 6.70 -1.05 4.42
CA PHE A 29 6.65 -0.53 3.06
C PHE A 29 6.62 0.99 3.04
N GLN A 30 7.13 1.59 1.96
CA GLN A 30 7.15 3.04 1.84
C GLN A 30 6.36 3.49 0.62
N LEU A 31 5.17 4.02 0.85
CA LEU A 31 4.32 4.49 -0.23
C LEU A 31 4.39 6.01 -0.37
N ASN A 32 4.39 6.50 -1.60
CA ASN A 32 4.46 7.93 -1.87
C ASN A 32 3.34 8.37 -2.81
N ILE A 33 2.62 9.40 -2.41
CA ILE A 33 1.52 9.92 -3.22
C ILE A 33 2.02 10.93 -4.24
N LYS A 34 1.26 11.11 -5.32
CA LYS A 34 1.63 12.04 -6.38
C LYS A 34 0.58 13.14 -6.51
N THR A 35 0.92 14.34 -6.05
CA THR A 35 0.01 15.48 -6.12
C THR A 35 0.69 16.70 -6.74
N ALA A 36 -0.11 17.70 -7.08
CA ALA A 36 0.41 18.92 -7.68
C ALA A 36 1.27 19.70 -6.68
N SER A 37 1.04 19.46 -5.40
CA SER A 37 1.78 20.14 -4.35
C SER A 37 3.13 19.47 -4.11
N GLY A 38 3.26 18.23 -4.60
CA GLY A 38 4.50 17.50 -4.42
C GLY A 38 4.28 16.01 -4.31
N VAL A 39 4.76 15.42 -3.21
CA VAL A 39 4.61 13.99 -2.98
C VAL A 39 4.46 13.69 -1.50
N GLU A 40 3.31 13.13 -1.12
CA GLU A 40 3.05 12.79 0.27
C GLU A 40 3.59 11.40 0.60
N GLN A 41 4.61 11.35 1.45
CA GLN A 41 5.21 10.08 1.85
C GLN A 41 4.50 9.50 3.06
N TRP A 42 4.34 8.18 3.06
CA TRP A 42 3.67 7.49 4.16
C TRP A 42 4.40 6.20 4.51
N ILE A 43 4.32 5.82 5.78
CA ILE A 43 4.98 4.59 6.25
C ILE A 43 3.94 3.57 6.71
N VAL A 44 4.11 2.33 6.26
CA VAL A 44 3.20 1.25 6.63
C VAL A 44 3.98 0.00 7.07
N ASP A 45 3.49 -0.65 8.11
CA ASP A 45 4.12 -1.86 8.63
C ASP A 45 3.21 -3.07 8.45
N LEU A 46 3.81 -4.21 8.12
CA LEU A 46 3.07 -5.44 7.93
C LEU A 46 3.07 -6.30 9.18
N LYS A 47 4.23 -6.38 9.83
CA LYS A 47 4.38 -7.17 11.05
C LYS A 47 3.21 -6.92 11.99
N GLN A 48 3.09 -5.69 12.48
CA GLN A 48 2.01 -5.32 13.39
C GLN A 48 0.95 -4.49 12.68
N LEU A 49 0.08 -3.88 13.46
CA LEU A 49 -0.99 -3.04 12.90
C LEU A 49 -0.79 -1.58 13.28
N LYS A 50 0.16 -0.93 12.64
CA LYS A 50 0.45 0.48 12.91
C LYS A 50 0.64 1.26 11.61
N VAL A 51 0.57 2.57 11.69
CA VAL A 51 0.74 3.43 10.53
C VAL A 51 1.40 4.75 10.91
N ASP A 52 2.28 5.23 10.04
CA ASP A 52 2.99 6.49 10.28
C ASP A 52 3.09 7.31 9.00
N GLN A 53 3.32 8.61 9.15
CA GLN A 53 3.45 9.50 8.00
C GLN A 53 4.89 9.91 7.77
N GLY A 54 5.28 10.03 6.50
CA GLY A 54 6.65 10.41 6.18
C GLY A 54 7.42 9.29 5.50
N VAL A 55 8.74 9.35 5.58
CA VAL A 55 9.59 8.34 4.98
C VAL A 55 10.35 7.55 6.04
N PHE A 56 10.07 6.25 6.12
CA PHE A 56 10.74 5.40 7.10
C PHE A 56 12.25 5.54 7.02
N ALA A 57 12.92 5.38 8.15
CA ALA A 57 14.37 5.49 8.21
C ALA A 57 15.04 4.45 7.32
N SER A 58 14.35 3.33 7.12
CA SER A 58 14.88 2.24 6.30
C SER A 58 13.80 1.23 5.96
N PRO A 59 12.89 1.60 5.05
CA PRO A 59 11.78 0.74 4.63
C PRO A 59 12.26 -0.45 3.80
N ASP A 60 11.42 -1.48 3.72
CA ASP A 60 11.76 -2.67 2.96
C ASP A 60 11.63 -2.42 1.46
N VAL A 61 10.60 -1.67 1.08
CA VAL A 61 10.37 -1.36 -0.33
C VAL A 61 9.76 0.03 -0.48
N THR A 62 10.04 0.67 -1.62
CA THR A 62 9.52 2.00 -1.89
C THR A 62 8.59 2.00 -3.10
N VAL A 63 7.28 2.01 -2.84
CA VAL A 63 6.29 2.01 -3.90
C VAL A 63 5.76 3.41 -4.17
N THR A 64 5.46 3.70 -5.42
CA THR A 64 4.94 5.01 -5.80
C THR A 64 3.60 4.88 -6.52
N VAL A 65 2.62 5.65 -6.06
CA VAL A 65 1.28 5.62 -6.64
C VAL A 65 0.59 6.98 -6.50
N GLY A 66 -0.28 7.30 -7.44
CA GLY A 66 -0.99 8.56 -7.42
C GLY A 66 -2.20 8.52 -6.50
N LEU A 67 -2.82 9.67 -6.29
CA LEU A 67 -4.00 9.77 -5.44
C LEU A 67 -5.16 9.00 -6.04
N GLU A 68 -5.53 9.36 -7.26
CA GLU A 68 -6.64 8.71 -7.95
C GLU A 68 -6.43 7.19 -8.00
N ASP A 69 -5.27 6.78 -8.49
CA ASP A 69 -4.95 5.37 -8.60
C ASP A 69 -5.14 4.66 -7.25
N MET A 70 -4.50 5.20 -6.22
CA MET A 70 -4.60 4.63 -4.87
C MET A 70 -6.02 4.72 -4.35
N LEU A 71 -6.79 5.67 -4.88
CA LEU A 71 -8.17 5.86 -4.46
C LEU A 71 -9.01 4.63 -4.78
N ALA A 72 -8.88 4.13 -6.01
CA ALA A 72 -9.62 2.94 -6.43
C ALA A 72 -9.24 1.73 -5.60
N ILE A 73 -7.99 1.70 -5.13
CA ILE A 73 -7.50 0.59 -4.33
C ILE A 73 -7.95 0.72 -2.88
N SER A 74 -7.49 1.78 -2.22
CA SER A 74 -7.86 2.02 -0.83
C SER A 74 -9.37 2.09 -0.66
N GLY A 75 -10.05 2.58 -1.69
CA GLY A 75 -11.50 2.69 -1.64
C GLY A 75 -12.19 1.35 -1.81
N LYS A 76 -11.40 0.30 -2.00
CA LYS A 76 -11.94 -1.05 -2.19
C LYS A 76 -12.76 -1.13 -3.48
N THR A 77 -12.12 -0.79 -4.59
CA THR A 77 -12.78 -0.83 -5.89
C THR A 77 -11.95 -1.62 -6.91
N LEU A 78 -10.74 -1.14 -7.17
CA LEU A 78 -9.84 -1.79 -8.12
C LEU A 78 -8.98 -2.84 -7.43
N THR A 79 -8.29 -3.66 -8.23
CA THR A 79 -7.44 -4.71 -7.69
C THR A 79 -5.97 -4.44 -8.00
N VAL A 80 -5.09 -4.90 -7.12
CA VAL A 80 -3.65 -4.70 -7.31
C VAL A 80 -3.22 -5.11 -8.71
N GLY A 81 -3.74 -6.24 -9.18
CA GLY A 81 -3.40 -6.72 -10.51
C GLY A 81 -3.76 -5.73 -11.60
N ASP A 82 -4.91 -5.09 -11.45
CA ASP A 82 -5.37 -4.11 -12.43
C ASP A 82 -4.43 -2.91 -12.49
N ALA A 83 -4.18 -2.30 -11.33
CA ALA A 83 -3.30 -1.15 -11.25
C ALA A 83 -1.90 -1.50 -11.75
N LEU A 84 -1.48 -2.73 -11.51
CA LEU A 84 -0.16 -3.19 -11.94
C LEU A 84 -0.08 -3.26 -13.46
N LYS A 85 -1.11 -3.83 -14.08
CA LYS A 85 -1.16 -3.96 -15.52
C LYS A 85 -1.14 -2.59 -16.20
N GLN A 86 -1.82 -1.63 -15.59
CA GLN A 86 -1.89 -0.28 -16.13
C GLN A 86 -0.55 0.43 -15.98
N GLY A 87 0.08 0.26 -14.82
CA GLY A 87 1.36 0.89 -14.56
C GLY A 87 1.24 2.14 -13.72
N LYS A 88 0.28 2.13 -12.81
CA LYS A 88 0.06 3.28 -11.93
C LYS A 88 0.91 3.17 -10.66
N ILE A 89 1.14 1.94 -10.21
CA ILE A 89 1.95 1.71 -9.02
C ILE A 89 3.36 1.28 -9.38
N GLU A 90 4.33 2.14 -9.09
CA GLU A 90 5.72 1.85 -9.39
C GLU A 90 6.41 1.19 -8.20
N LEU A 91 7.38 0.33 -8.49
CA LEU A 91 8.11 -0.38 -7.45
C LEU A 91 9.58 0.04 -7.43
N SER A 92 10.27 -0.26 -6.33
CA SER A 92 11.68 0.09 -6.19
C SER A 92 12.26 -0.49 -4.90
N GLY A 93 13.51 -0.91 -4.96
CA GLY A 93 14.16 -1.50 -3.81
C GLY A 93 14.11 -3.01 -3.81
N ASP A 94 13.30 -3.57 -2.93
CA ASP A 94 13.16 -5.03 -2.83
C ASP A 94 11.92 -5.51 -3.57
N ALA A 95 11.99 -5.50 -4.90
CA ALA A 95 10.87 -5.93 -5.73
C ALA A 95 10.27 -7.22 -5.20
N ASP A 96 11.12 -8.10 -4.68
CA ASP A 96 10.66 -9.38 -4.13
C ASP A 96 9.53 -9.17 -3.14
N LEU A 97 9.73 -8.22 -2.22
CA LEU A 97 8.73 -7.92 -1.21
C LEU A 97 7.46 -7.34 -1.83
N ALA A 98 7.62 -6.27 -2.61
CA ALA A 98 6.49 -5.64 -3.27
C ALA A 98 5.71 -6.65 -4.10
N ALA A 99 6.40 -7.66 -4.60
CA ALA A 99 5.77 -8.69 -5.41
C ALA A 99 4.64 -9.37 -4.66
N LYS A 100 4.84 -9.60 -3.37
CA LYS A 100 3.83 -10.25 -2.54
C LYS A 100 2.49 -9.53 -2.66
N LEU A 101 2.53 -8.23 -2.93
CA LEU A 101 1.32 -7.44 -3.09
C LEU A 101 0.58 -7.80 -4.36
N ALA A 102 1.34 -8.12 -5.42
CA ALA A 102 0.76 -8.50 -6.70
C ALA A 102 0.14 -9.88 -6.64
N GLU A 103 0.73 -10.76 -5.82
CA GLU A 103 0.24 -12.12 -5.66
C GLU A 103 -1.25 -12.13 -5.31
N VAL A 104 -1.69 -11.07 -4.63
CA VAL A 104 -3.09 -10.96 -4.24
C VAL A 104 -4.01 -10.99 -5.45
N ILE A 105 -3.46 -10.68 -6.62
CA ILE A 105 -4.23 -10.67 -7.86
C ILE A 105 -5.00 -11.99 -8.03
N HIS A 106 -4.43 -13.07 -7.51
CA HIS A 106 -5.05 -14.38 -7.61
C HIS A 106 -5.16 -15.04 -6.23
N HIS A 107 -5.29 -14.21 -5.19
CA HIS A 107 -5.40 -14.72 -3.84
C HIS A 107 -6.26 -13.79 -2.98
N HIS A 108 -7.16 -13.06 -3.62
CA HIS A 108 -8.05 -12.13 -2.93
C HIS A 108 -8.79 -12.85 -1.80
N HIS A 109 -8.81 -12.22 -0.63
CA HIS A 109 -9.48 -12.80 0.53
C HIS A 109 -9.87 -11.71 1.53
N HIS A 110 -10.05 -10.49 1.03
CA HIS A 110 -10.42 -9.36 1.88
C HIS A 110 -11.90 -9.42 2.24
N HIS A 111 -12.19 -10.06 3.37
CA HIS A 111 -13.56 -10.20 3.85
C HIS A 111 -14.43 -10.90 2.81
N MET A 1 -10.42 14.46 -4.48
CA MET A 1 -9.24 13.78 -3.96
C MET A 1 -8.78 14.40 -2.64
N SER A 2 -8.03 13.63 -1.87
CA SER A 2 -7.54 14.11 -0.58
C SER A 2 -6.59 13.08 0.05
N VAL A 3 -5.31 13.42 0.11
CA VAL A 3 -4.32 12.53 0.69
C VAL A 3 -4.74 12.05 2.07
N GLU A 4 -5.37 12.94 2.82
CA GLU A 4 -5.84 12.61 4.17
C GLU A 4 -6.85 11.48 4.14
N THR A 5 -7.76 11.53 3.17
CA THR A 5 -8.79 10.51 3.03
C THR A 5 -8.17 9.16 2.68
N ILE A 6 -6.91 9.17 2.27
CA ILE A 6 -6.21 7.94 1.92
C ILE A 6 -5.66 7.25 3.15
N ILE A 7 -4.88 7.98 3.95
CA ILE A 7 -4.29 7.43 5.16
C ILE A 7 -5.38 7.14 6.21
N GLU A 8 -6.36 8.04 6.31
CA GLU A 8 -7.43 7.88 7.27
C GLU A 8 -8.01 6.46 7.20
N ARG A 9 -8.24 5.98 5.99
CA ARG A 9 -8.80 4.65 5.79
C ARG A 9 -7.76 3.57 6.15
N ILE A 10 -6.50 3.89 5.93
CA ILE A 10 -5.42 2.96 6.24
C ILE A 10 -5.27 2.76 7.75
N LYS A 11 -5.07 3.87 8.46
CA LYS A 11 -4.91 3.82 9.91
C LYS A 11 -6.17 3.29 10.58
N ALA A 12 -7.32 3.80 10.14
CA ALA A 12 -8.60 3.36 10.70
C ALA A 12 -8.73 1.84 10.68
N ARG A 13 -8.30 1.23 9.58
CA ARG A 13 -8.37 -0.22 9.44
C ARG A 13 -7.20 -0.89 10.15
N VAL A 14 -6.05 -0.23 10.15
CA VAL A 14 -4.86 -0.76 10.80
C VAL A 14 -5.10 -0.97 12.28
N GLY A 15 -5.89 -0.08 12.89
CA GLY A 15 -6.18 -0.18 14.31
C GLY A 15 -7.27 -1.20 14.61
N ALA A 16 -7.86 -1.75 13.55
CA ALA A 16 -8.92 -2.74 13.71
C ALA A 16 -8.47 -4.11 13.19
N VAL A 17 -7.54 -4.10 12.25
CA VAL A 17 -7.03 -5.34 11.67
C VAL A 17 -6.63 -6.34 12.76
N ASP A 18 -6.77 -7.62 12.46
CA ASP A 18 -6.43 -8.67 13.41
C ASP A 18 -4.91 -8.78 13.58
N PRO A 19 -4.48 -9.35 14.71
CA PRO A 19 -3.06 -9.52 15.01
C PRO A 19 -2.41 -10.57 14.12
N ASN A 20 -3.11 -11.67 13.87
CA ASN A 20 -2.60 -12.74 13.02
C ASN A 20 -2.48 -12.28 11.57
N GLY A 21 -3.24 -11.24 11.22
CA GLY A 21 -3.21 -10.73 9.86
C GLY A 21 -3.65 -11.76 8.85
N PRO A 22 -3.95 -11.30 7.62
CA PRO A 22 -4.39 -12.18 6.53
C PRO A 22 -3.27 -13.07 6.02
N ARG A 23 -2.03 -12.66 6.26
CA ARG A 23 -0.86 -13.42 5.83
C ARG A 23 0.25 -13.36 6.87
N LYS A 24 0.94 -14.47 7.05
CA LYS A 24 2.04 -14.55 8.02
C LYS A 24 3.22 -13.70 7.56
N VAL A 25 3.18 -12.41 7.91
CA VAL A 25 4.26 -11.50 7.54
C VAL A 25 4.37 -10.35 8.54
N LEU A 26 5.43 -9.56 8.41
CA LEU A 26 5.65 -8.43 9.30
C LEU A 26 6.86 -7.61 8.85
N GLY A 27 6.64 -6.32 8.61
CA GLY A 27 7.71 -5.46 8.18
C GLY A 27 7.27 -4.02 8.01
N VAL A 28 7.79 -3.35 6.99
CA VAL A 28 7.44 -1.95 6.73
C VAL A 28 7.42 -1.67 5.22
N PHE A 29 6.53 -0.77 4.81
CA PHE A 29 6.41 -0.40 3.40
C PHE A 29 6.47 1.12 3.22
N GLN A 30 6.89 1.54 2.04
CA GLN A 30 7.00 2.96 1.74
C GLN A 30 6.16 3.33 0.53
N LEU A 31 5.02 3.98 0.78
CA LEU A 31 4.12 4.39 -0.29
C LEU A 31 4.27 5.89 -0.59
N ASN A 32 4.17 6.23 -1.87
CA ASN A 32 4.29 7.63 -2.28
C ASN A 32 3.08 8.06 -3.11
N ILE A 33 2.51 9.20 -2.75
CA ILE A 33 1.34 9.72 -3.45
C ILE A 33 1.75 10.73 -4.52
N LYS A 34 1.68 10.31 -5.78
CA LYS A 34 2.04 11.16 -6.90
C LYS A 34 1.03 12.30 -7.07
N THR A 35 1.42 13.49 -6.64
CA THR A 35 0.55 14.66 -6.74
C THR A 35 1.06 15.63 -7.80
N ALA A 36 0.15 16.43 -8.35
CA ALA A 36 0.51 17.41 -9.37
C ALA A 36 1.45 18.48 -8.80
N SER A 37 1.50 18.57 -7.47
CA SER A 37 2.35 19.54 -6.81
C SER A 37 3.66 18.90 -6.34
N GLY A 38 3.66 17.58 -6.28
CA GLY A 38 4.85 16.86 -5.84
C GLY A 38 4.57 15.40 -5.54
N VAL A 39 5.08 14.92 -4.42
CA VAL A 39 4.89 13.53 -4.02
C VAL A 39 4.84 13.40 -2.51
N GLU A 40 3.70 12.96 -1.99
CA GLU A 40 3.53 12.79 -0.56
C GLU A 40 3.96 11.39 -0.11
N GLN A 41 5.06 11.33 0.63
CA GLN A 41 5.58 10.05 1.11
C GLN A 41 4.92 9.65 2.42
N TRP A 42 4.67 8.36 2.58
CA TRP A 42 4.03 7.84 3.79
C TRP A 42 4.70 6.55 4.25
N ILE A 43 4.73 6.34 5.55
CA ILE A 43 5.33 5.13 6.12
C ILE A 43 4.28 4.25 6.77
N VAL A 44 4.33 2.96 6.44
CA VAL A 44 3.38 2.00 7.00
C VAL A 44 4.10 0.75 7.52
N ASP A 45 3.64 0.25 8.66
CA ASP A 45 4.24 -0.94 9.27
C ASP A 45 3.25 -2.08 9.31
N LEU A 46 3.73 -3.29 9.05
CA LEU A 46 2.88 -4.47 9.05
C LEU A 46 2.91 -5.17 10.41
N LYS A 47 4.11 -5.27 10.99
CA LYS A 47 4.27 -5.89 12.28
C LYS A 47 3.18 -5.44 13.25
N GLN A 48 3.18 -4.16 13.58
CA GLN A 48 2.20 -3.61 14.50
C GLN A 48 1.16 -2.78 13.74
N LEU A 49 0.35 -2.03 14.49
CA LEU A 49 -0.68 -1.19 13.89
C LEU A 49 -0.37 0.29 14.08
N LYS A 50 0.67 0.75 13.39
CA LYS A 50 1.07 2.15 13.47
C LYS A 50 1.24 2.76 12.09
N VAL A 51 1.22 4.09 12.02
CA VAL A 51 1.37 4.80 10.75
C VAL A 51 2.14 6.10 10.94
N ASP A 52 3.00 6.41 9.97
CA ASP A 52 3.79 7.63 10.01
C ASP A 52 3.85 8.30 8.65
N GLN A 53 4.16 9.59 8.63
CA GLN A 53 4.25 10.35 7.39
C GLN A 53 5.70 10.62 7.02
N GLY A 54 6.00 10.56 5.73
CA GLY A 54 7.36 10.80 5.27
C GLY A 54 7.99 9.57 4.67
N VAL A 55 9.32 9.54 4.65
CA VAL A 55 10.06 8.40 4.10
C VAL A 55 10.85 7.69 5.19
N PHE A 56 10.50 6.43 5.42
CA PHE A 56 11.18 5.62 6.43
C PHE A 56 12.69 5.65 6.24
N ALA A 57 13.43 5.55 7.33
CA ALA A 57 14.89 5.56 7.28
C ALA A 57 15.41 4.39 6.45
N SER A 58 14.65 3.30 6.43
CA SER A 58 15.04 2.12 5.68
C SER A 58 13.86 1.15 5.53
N PRO A 59 12.91 1.51 4.66
CA PRO A 59 11.72 0.70 4.41
C PRO A 59 12.05 -0.60 3.67
N ASP A 60 11.15 -1.57 3.76
CA ASP A 60 11.34 -2.85 3.09
C ASP A 60 11.10 -2.73 1.59
N VAL A 61 10.09 -1.95 1.22
CA VAL A 61 9.75 -1.74 -0.19
C VAL A 61 9.23 -0.33 -0.43
N THR A 62 9.43 0.17 -1.64
CA THR A 62 8.98 1.50 -1.99
C THR A 62 8.07 1.46 -3.22
N VAL A 63 6.79 1.75 -2.99
CA VAL A 63 5.81 1.74 -4.08
C VAL A 63 5.31 3.15 -4.38
N THR A 64 5.08 3.43 -5.65
CA THR A 64 4.61 4.75 -6.07
C THR A 64 3.30 4.64 -6.84
N VAL A 65 2.32 5.45 -6.46
CA VAL A 65 1.01 5.44 -7.12
C VAL A 65 0.44 6.85 -7.21
N GLY A 66 -0.59 7.02 -8.04
CA GLY A 66 -1.20 8.31 -8.21
C GLY A 66 -2.35 8.54 -7.23
N LEU A 67 -2.72 9.80 -7.05
CA LEU A 67 -3.81 10.15 -6.14
C LEU A 67 -5.08 9.38 -6.48
N GLU A 68 -5.58 9.59 -7.69
CA GLU A 68 -6.79 8.91 -8.14
C GLU A 68 -6.66 7.40 -7.98
N ASP A 69 -5.50 6.87 -8.35
CA ASP A 69 -5.25 5.44 -8.24
C ASP A 69 -5.40 4.97 -6.80
N MET A 70 -4.68 5.61 -5.89
CA MET A 70 -4.73 5.25 -4.47
C MET A 70 -6.13 5.51 -3.91
N LEU A 71 -6.87 6.41 -4.54
CA LEU A 71 -8.21 6.73 -4.10
C LEU A 71 -9.16 5.55 -4.29
N ALA A 72 -9.09 4.92 -5.46
CA ALA A 72 -9.93 3.77 -5.77
C ALA A 72 -9.59 2.59 -4.86
N ILE A 73 -8.31 2.37 -4.64
CA ILE A 73 -7.86 1.28 -3.78
C ILE A 73 -8.10 1.59 -2.31
N SER A 74 -7.42 2.62 -1.81
CA SER A 74 -7.56 3.01 -0.41
C SER A 74 -9.01 3.33 -0.08
N GLY A 75 -9.77 3.74 -1.08
CA GLY A 75 -11.16 4.06 -0.88
C GLY A 75 -12.05 2.83 -0.83
N LYS A 76 -11.42 1.66 -0.92
CA LYS A 76 -12.15 0.40 -0.89
C LYS A 76 -13.07 0.27 -2.11
N THR A 77 -12.48 0.37 -3.29
CA THR A 77 -13.26 0.26 -4.53
C THR A 77 -12.55 -0.65 -5.53
N LEU A 78 -11.33 -0.27 -5.90
CA LEU A 78 -10.55 -1.05 -6.86
C LEU A 78 -9.71 -2.10 -6.15
N THR A 79 -9.12 -3.01 -6.92
CA THR A 79 -8.30 -4.07 -6.37
C THR A 79 -6.86 -3.98 -6.89
N VAL A 80 -5.91 -4.45 -6.08
CA VAL A 80 -4.50 -4.42 -6.46
C VAL A 80 -4.31 -4.99 -7.86
N GLY A 81 -4.96 -6.11 -8.14
CA GLY A 81 -4.84 -6.74 -9.45
C GLY A 81 -5.20 -5.79 -10.58
N ASP A 82 -6.27 -5.03 -10.38
CA ASP A 82 -6.73 -4.08 -11.39
C ASP A 82 -5.67 -3.01 -11.65
N ALA A 83 -5.25 -2.33 -10.58
CA ALA A 83 -4.26 -1.28 -10.69
C ALA A 83 -2.96 -1.82 -11.28
N LEU A 84 -2.64 -3.07 -10.97
CA LEU A 84 -1.42 -3.70 -11.47
C LEU A 84 -1.50 -3.89 -12.98
N LYS A 85 -2.64 -4.37 -13.46
CA LYS A 85 -2.84 -4.59 -14.89
C LYS A 85 -2.72 -3.29 -15.66
N GLN A 86 -3.17 -2.20 -15.05
CA GLN A 86 -3.11 -0.89 -15.69
C GLN A 86 -1.69 -0.34 -15.69
N GLY A 87 -0.97 -0.58 -14.59
CA GLY A 87 0.40 -0.10 -14.48
C GLY A 87 0.50 1.20 -13.72
N LYS A 88 -0.49 1.48 -12.89
CA LYS A 88 -0.51 2.70 -12.10
C LYS A 88 0.42 2.58 -10.89
N ILE A 89 0.53 1.38 -10.35
CA ILE A 89 1.39 1.13 -9.20
C ILE A 89 2.80 0.75 -9.63
N GLU A 90 3.77 1.58 -9.26
CA GLU A 90 5.17 1.33 -9.62
C GLU A 90 5.88 0.57 -8.51
N LEU A 91 6.79 -0.32 -8.90
CA LEU A 91 7.55 -1.12 -7.94
C LEU A 91 9.00 -0.67 -7.88
N SER A 92 9.63 -0.87 -6.73
CA SER A 92 11.02 -0.49 -6.54
C SER A 92 11.54 -0.97 -5.19
N GLY A 93 12.63 -1.73 -5.22
CA GLY A 93 13.21 -2.25 -3.99
C GLY A 93 13.09 -3.75 -3.89
N ASP A 94 12.32 -4.22 -2.91
CA ASP A 94 12.13 -5.66 -2.70
C ASP A 94 10.79 -6.12 -3.28
N ALA A 95 10.73 -6.19 -4.61
CA ALA A 95 9.51 -6.62 -5.28
C ALA A 95 8.91 -7.84 -4.62
N ASP A 96 9.77 -8.72 -4.13
CA ASP A 96 9.33 -9.94 -3.45
C ASP A 96 8.32 -9.61 -2.36
N LEU A 97 8.65 -8.64 -1.52
CA LEU A 97 7.78 -8.23 -0.43
C LEU A 97 6.47 -7.68 -0.96
N ALA A 98 6.55 -6.62 -1.76
CA ALA A 98 5.37 -6.00 -2.33
C ALA A 98 4.52 -7.02 -3.07
N ALA A 99 5.16 -8.08 -3.56
CA ALA A 99 4.45 -9.12 -4.29
C ALA A 99 3.41 -9.80 -3.41
N LYS A 100 3.67 -9.84 -2.10
CA LYS A 100 2.75 -10.45 -1.16
C LYS A 100 1.34 -9.88 -1.32
N LEU A 101 1.26 -8.64 -1.77
CA LEU A 101 -0.03 -7.98 -1.97
C LEU A 101 -0.65 -8.40 -3.30
N ALA A 102 0.20 -8.62 -4.30
CA ALA A 102 -0.27 -9.04 -5.62
C ALA A 102 -0.67 -10.51 -5.62
N GLU A 103 -0.01 -11.29 -4.79
CA GLU A 103 -0.30 -12.72 -4.69
C GLU A 103 -1.59 -12.97 -3.91
N VAL A 104 -1.83 -12.14 -2.90
CA VAL A 104 -3.02 -12.27 -2.08
C VAL A 104 -4.26 -11.77 -2.81
N ILE A 105 -4.07 -10.71 -3.61
CA ILE A 105 -5.17 -10.14 -4.38
C ILE A 105 -5.49 -10.97 -5.61
N HIS A 106 -4.54 -11.84 -5.98
CA HIS A 106 -4.71 -12.70 -7.14
C HIS A 106 -5.35 -14.04 -6.75
N HIS A 107 -4.95 -14.54 -5.58
CA HIS A 107 -5.47 -15.81 -5.09
C HIS A 107 -5.10 -16.95 -6.03
N HIS A 108 -5.68 -18.13 -5.78
CA HIS A 108 -5.40 -19.30 -6.60
C HIS A 108 -5.63 -19.00 -8.08
N HIS A 109 -4.54 -19.01 -8.85
CA HIS A 109 -4.63 -18.73 -10.28
C HIS A 109 -3.72 -19.68 -11.07
N HIS A 110 -4.01 -19.82 -12.36
CA HIS A 110 -3.23 -20.71 -13.23
C HIS A 110 -3.38 -20.30 -14.69
N HIS A 111 -4.62 -20.17 -15.13
CA HIS A 111 -4.90 -19.79 -16.52
C HIS A 111 -4.36 -18.40 -16.82
N MET A 1 -8.03 12.64 -5.43
CA MET A 1 -9.02 13.58 -4.91
C MET A 1 -8.63 14.08 -3.53
N SER A 2 -7.89 13.26 -2.80
CA SER A 2 -7.46 13.61 -1.45
C SER A 2 -6.59 12.51 -0.85
N VAL A 3 -5.31 12.80 -0.65
CA VAL A 3 -4.38 11.83 -0.09
C VAL A 3 -4.71 11.55 1.37
N GLU A 4 -5.24 12.56 2.07
CA GLU A 4 -5.59 12.41 3.47
C GLU A 4 -6.74 11.40 3.64
N THR A 5 -7.69 11.43 2.71
CA THR A 5 -8.83 10.53 2.76
C THR A 5 -8.40 9.08 2.52
N ILE A 6 -7.16 8.91 2.06
CA ILE A 6 -6.62 7.59 1.80
C ILE A 6 -6.07 6.95 3.06
N ILE A 7 -5.14 7.65 3.71
CA ILE A 7 -4.53 7.15 4.94
C ILE A 7 -5.60 6.80 5.98
N GLU A 8 -6.59 7.67 6.11
CA GLU A 8 -7.67 7.47 7.07
C GLU A 8 -8.21 6.04 6.97
N ARG A 9 -8.44 5.59 5.75
CA ARG A 9 -8.96 4.24 5.52
C ARG A 9 -7.91 3.19 5.86
N ILE A 10 -6.65 3.53 5.62
CA ILE A 10 -5.55 2.61 5.90
C ILE A 10 -5.38 2.39 7.40
N LYS A 11 -5.18 3.49 8.13
CA LYS A 11 -5.00 3.41 9.57
C LYS A 11 -6.25 2.85 10.25
N ALA A 12 -7.40 3.40 9.89
CA ALA A 12 -8.67 2.95 10.46
C ALA A 12 -8.81 1.43 10.34
N ARG A 13 -8.27 0.87 9.27
CA ARG A 13 -8.34 -0.57 9.04
C ARG A 13 -7.29 -1.30 9.86
N VAL A 14 -6.06 -0.81 9.82
CA VAL A 14 -4.96 -1.42 10.57
C VAL A 14 -5.36 -1.65 12.03
N GLY A 15 -6.02 -0.67 12.62
CA GLY A 15 -6.44 -0.79 14.00
C GLY A 15 -7.36 -1.98 14.23
N ALA A 16 -8.06 -2.40 13.18
CA ALA A 16 -8.97 -3.53 13.27
C ALA A 16 -8.31 -4.80 12.73
N VAL A 17 -7.44 -4.63 11.74
CA VAL A 17 -6.75 -5.77 11.14
C VAL A 17 -6.06 -6.62 12.21
N ASP A 18 -6.04 -7.93 11.99
CA ASP A 18 -5.41 -8.85 12.91
C ASP A 18 -4.06 -9.33 12.39
N PRO A 19 -3.11 -9.53 13.31
CA PRO A 19 -1.75 -9.99 12.96
C PRO A 19 -1.73 -11.43 12.47
N ASN A 20 -2.56 -12.27 13.09
CA ASN A 20 -2.63 -13.68 12.72
C ASN A 20 -3.35 -13.86 11.40
N GLY A 21 -4.00 -12.79 10.93
CA GLY A 21 -4.72 -12.85 9.67
C GLY A 21 -3.91 -13.51 8.58
N PRO A 22 -4.60 -13.97 7.52
CA PRO A 22 -3.95 -14.64 6.38
C PRO A 22 -3.12 -13.67 5.55
N ARG A 23 -1.96 -13.29 6.08
CA ARG A 23 -1.07 -12.36 5.38
C ARG A 23 0.38 -12.65 5.72
N LYS A 24 1.04 -13.47 4.90
CA LYS A 24 2.44 -13.82 5.12
C LYS A 24 3.34 -12.64 4.81
N VAL A 25 3.54 -11.77 5.79
CA VAL A 25 4.38 -10.60 5.63
C VAL A 25 4.96 -10.15 6.97
N LEU A 26 5.98 -9.31 6.91
CA LEU A 26 6.63 -8.80 8.12
C LEU A 26 7.69 -7.77 7.77
N GLY A 27 7.46 -6.52 8.14
CA GLY A 27 8.41 -5.46 7.86
C GLY A 27 7.74 -4.12 7.62
N VAL A 28 8.52 -3.14 7.18
CA VAL A 28 8.00 -1.81 6.89
C VAL A 28 7.96 -1.54 5.40
N PHE A 29 6.99 -0.73 4.98
CA PHE A 29 6.84 -0.39 3.56
C PHE A 29 6.79 1.12 3.37
N GLN A 30 7.27 1.59 2.23
CA GLN A 30 7.27 3.02 1.93
C GLN A 30 6.44 3.31 0.69
N LEU A 31 5.24 3.83 0.90
CA LEU A 31 4.34 4.15 -0.20
C LEU A 31 4.44 5.63 -0.57
N ASN A 32 4.38 5.92 -1.87
CA ASN A 32 4.46 7.29 -2.34
C ASN A 32 3.21 7.67 -3.13
N ILE A 33 2.61 8.79 -2.76
CA ILE A 33 1.40 9.26 -3.44
C ILE A 33 1.74 10.25 -4.55
N LYS A 34 1.72 9.76 -5.79
CA LYS A 34 2.02 10.60 -6.94
C LYS A 34 0.91 11.63 -7.18
N THR A 35 1.24 12.90 -6.95
CA THR A 35 0.27 13.97 -7.13
C THR A 35 0.84 15.08 -8.01
N ALA A 36 -0.04 15.93 -8.53
CA ALA A 36 0.38 17.04 -9.38
C ALA A 36 1.23 18.04 -8.60
N SER A 37 1.01 18.12 -7.30
CA SER A 37 1.76 19.03 -6.45
C SER A 37 3.11 18.44 -6.06
N GLY A 38 3.27 17.15 -6.32
CA GLY A 38 4.52 16.48 -5.99
C GLY A 38 4.33 15.01 -5.68
N VAL A 39 4.82 14.59 -4.52
CA VAL A 39 4.71 13.20 -4.10
C VAL A 39 4.66 13.09 -2.58
N GLU A 40 3.52 12.64 -2.07
CA GLU A 40 3.35 12.49 -0.63
C GLU A 40 3.82 11.11 -0.16
N GLN A 41 4.93 11.09 0.57
CA GLN A 41 5.49 9.84 1.07
C GLN A 41 4.86 9.47 2.41
N TRP A 42 4.52 8.19 2.55
CA TRP A 42 3.91 7.69 3.78
C TRP A 42 4.61 6.43 4.26
N ILE A 43 4.69 6.29 5.58
CA ILE A 43 5.34 5.13 6.18
C ILE A 43 4.31 4.17 6.79
N VAL A 44 4.48 2.88 6.50
CA VAL A 44 3.58 1.86 7.01
C VAL A 44 4.35 0.66 7.55
N ASP A 45 3.89 0.13 8.68
CA ASP A 45 4.54 -1.02 9.29
C ASP A 45 3.61 -2.24 9.28
N LEU A 46 4.05 -3.29 8.60
CA LEU A 46 3.26 -4.51 8.50
C LEU A 46 3.22 -5.25 9.84
N LYS A 47 4.40 -5.57 10.37
CA LYS A 47 4.50 -6.27 11.64
C LYS A 47 3.50 -5.71 12.64
N GLN A 48 3.69 -4.45 13.02
CA GLN A 48 2.80 -3.79 13.98
C GLN A 48 1.65 -3.10 13.27
N LEU A 49 0.77 -2.48 14.04
CA LEU A 49 -0.39 -1.78 13.48
C LEU A 49 -0.28 -0.28 13.72
N LYS A 50 0.71 0.35 13.08
CA LYS A 50 0.93 1.78 13.22
C LYS A 50 1.11 2.44 11.85
N VAL A 51 1.07 3.76 11.84
CA VAL A 51 1.23 4.52 10.60
C VAL A 51 1.93 5.85 10.84
N ASP A 52 2.79 6.24 9.91
CA ASP A 52 3.52 7.50 10.03
C ASP A 52 3.63 8.19 8.67
N GLN A 53 3.89 9.50 8.70
CA GLN A 53 4.01 10.28 7.48
C GLN A 53 5.46 10.63 7.20
N GLY A 54 5.85 10.60 5.93
CA GLY A 54 7.21 10.92 5.55
C GLY A 54 7.95 9.72 5.00
N VAL A 55 9.28 9.77 5.09
CA VAL A 55 10.11 8.67 4.59
C VAL A 55 10.79 7.94 5.74
N PHE A 56 10.52 6.64 5.86
CA PHE A 56 11.10 5.82 6.91
C PHE A 56 12.63 5.89 6.87
N ALA A 57 13.25 5.81 8.03
CA ALA A 57 14.70 5.86 8.13
C ALA A 57 15.34 4.74 7.31
N SER A 58 14.61 3.66 7.12
CA SER A 58 15.10 2.51 6.36
C SER A 58 13.99 1.51 6.10
N PRO A 59 13.12 1.83 5.14
CA PRO A 59 11.99 0.97 4.77
C PRO A 59 12.44 -0.30 4.06
N ASP A 60 11.58 -1.31 4.06
CA ASP A 60 11.89 -2.58 3.42
C ASP A 60 11.67 -2.50 1.91
N VAL A 61 10.63 -1.77 1.52
CA VAL A 61 10.30 -1.60 0.11
C VAL A 61 9.71 -0.23 -0.16
N THR A 62 9.90 0.26 -1.38
CA THR A 62 9.39 1.57 -1.77
C THR A 62 8.49 1.47 -3.00
N VAL A 63 7.18 1.60 -2.78
CA VAL A 63 6.22 1.53 -3.87
C VAL A 63 5.69 2.91 -4.24
N THR A 64 5.35 3.10 -5.51
CA THR A 64 4.83 4.37 -5.98
C THR A 64 3.46 4.21 -6.62
N VAL A 65 2.50 5.02 -6.17
CA VAL A 65 1.14 4.97 -6.70
C VAL A 65 0.49 6.34 -6.66
N GLY A 66 -0.43 6.58 -7.60
CA GLY A 66 -1.12 7.85 -7.66
C GLY A 66 -2.24 7.94 -6.64
N LEU A 67 -2.76 9.15 -6.44
CA LEU A 67 -3.85 9.38 -5.49
C LEU A 67 -5.12 8.68 -5.95
N GLU A 68 -5.51 8.93 -7.20
CA GLU A 68 -6.71 8.32 -7.77
C GLU A 68 -6.74 6.82 -7.50
N ASP A 69 -5.71 6.13 -7.97
CA ASP A 69 -5.61 4.68 -7.78
C ASP A 69 -5.76 4.31 -6.31
N MET A 70 -4.97 4.95 -5.46
CA MET A 70 -5.03 4.68 -4.03
C MET A 70 -6.43 4.93 -3.48
N LEU A 71 -7.16 5.85 -4.11
CA LEU A 71 -8.51 6.17 -3.69
C LEU A 71 -9.47 5.01 -3.95
N ALA A 72 -9.32 4.39 -5.13
CA ALA A 72 -10.16 3.27 -5.51
C ALA A 72 -9.91 2.07 -4.60
N ILE A 73 -8.65 1.80 -4.31
CA ILE A 73 -8.27 0.68 -3.45
C ILE A 73 -8.57 0.99 -1.98
N SER A 74 -7.89 2.00 -1.44
CA SER A 74 -8.08 2.39 -0.06
C SER A 74 -9.53 2.74 0.22
N GLY A 75 -10.25 3.15 -0.83
CA GLY A 75 -11.66 3.50 -0.68
C GLY A 75 -12.56 2.28 -0.69
N LYS A 76 -11.95 1.10 -0.73
CA LYS A 76 -12.72 -0.15 -0.75
C LYS A 76 -13.54 -0.26 -2.03
N THR A 77 -12.88 -0.16 -3.17
CA THR A 77 -13.55 -0.26 -4.46
C THR A 77 -12.79 -1.16 -5.42
N LEU A 78 -11.54 -0.78 -5.70
CA LEU A 78 -10.70 -1.55 -6.61
C LEU A 78 -9.88 -2.59 -5.85
N THR A 79 -9.24 -3.49 -6.59
CA THR A 79 -8.44 -4.55 -5.98
C THR A 79 -6.97 -4.41 -6.39
N VAL A 80 -6.07 -4.86 -5.52
CA VAL A 80 -4.64 -4.80 -5.78
C VAL A 80 -4.32 -5.36 -7.15
N GLY A 81 -4.94 -6.50 -7.49
CA GLY A 81 -4.71 -7.12 -8.77
C GLY A 81 -5.05 -6.21 -9.94
N ASP A 82 -6.14 -5.47 -9.80
CA ASP A 82 -6.58 -4.56 -10.85
C ASP A 82 -5.55 -3.45 -11.07
N ALA A 83 -5.20 -2.75 -10.00
CA ALA A 83 -4.22 -1.67 -10.09
C ALA A 83 -2.89 -2.18 -10.62
N LEU A 84 -2.55 -3.41 -10.28
CA LEU A 84 -1.30 -4.02 -10.73
C LEU A 84 -1.31 -4.26 -12.23
N LYS A 85 -2.43 -4.79 -12.72
CA LYS A 85 -2.57 -5.07 -14.15
C LYS A 85 -2.48 -3.78 -14.97
N GLN A 86 -3.02 -2.70 -14.41
CA GLN A 86 -3.00 -1.40 -15.10
C GLN A 86 -1.58 -0.84 -15.13
N GLY A 87 -0.85 -0.98 -14.04
CA GLY A 87 0.51 -0.49 -13.97
C GLY A 87 0.60 0.85 -13.25
N LYS A 88 -0.39 1.14 -12.42
CA LYS A 88 -0.42 2.39 -11.66
C LYS A 88 0.53 2.32 -10.48
N ILE A 89 0.68 1.13 -9.91
CA ILE A 89 1.57 0.94 -8.76
C ILE A 89 2.92 0.40 -9.20
N GLU A 90 3.95 1.23 -9.07
CA GLU A 90 5.30 0.83 -9.46
C GLU A 90 6.06 0.26 -8.26
N LEU A 91 6.90 -0.74 -8.54
CA LEU A 91 7.69 -1.38 -7.49
C LEU A 91 9.09 -0.79 -7.41
N SER A 92 9.75 -0.98 -6.27
CA SER A 92 11.09 -0.47 -6.07
C SER A 92 11.68 -0.97 -4.76
N GLY A 93 12.98 -1.24 -4.76
CA GLY A 93 13.64 -1.72 -3.56
C GLY A 93 13.69 -3.24 -3.50
N ASP A 94 12.95 -3.81 -2.57
CA ASP A 94 12.92 -5.27 -2.40
C ASP A 94 11.62 -5.85 -2.99
N ALA A 95 11.57 -5.94 -4.30
CA ALA A 95 10.40 -6.48 -4.99
C ALA A 95 9.90 -7.75 -4.30
N ASP A 96 10.84 -8.55 -3.80
CA ASP A 96 10.49 -9.79 -3.12
C ASP A 96 9.45 -9.55 -2.03
N LEU A 97 9.68 -8.52 -1.22
CA LEU A 97 8.75 -8.18 -0.14
C LEU A 97 7.43 -7.68 -0.70
N ALA A 98 7.49 -6.68 -1.58
CA ALA A 98 6.30 -6.11 -2.19
C ALA A 98 5.46 -7.20 -2.87
N ALA A 99 6.13 -8.25 -3.32
CA ALA A 99 5.45 -9.36 -3.99
C ALA A 99 4.42 -10.00 -3.06
N LYS A 100 4.77 -10.15 -1.80
CA LYS A 100 3.87 -10.75 -0.81
C LYS A 100 2.52 -10.06 -0.82
N LEU A 101 2.54 -8.73 -0.96
CA LEU A 101 1.31 -7.94 -0.98
C LEU A 101 0.44 -8.33 -2.17
N ALA A 102 1.07 -8.50 -3.33
CA ALA A 102 0.35 -8.87 -4.54
C ALA A 102 -0.07 -10.34 -4.50
N GLU A 103 0.73 -11.15 -3.82
CA GLU A 103 0.44 -12.58 -3.71
C GLU A 103 -0.98 -12.81 -3.22
N VAL A 104 -1.45 -11.94 -2.33
CA VAL A 104 -2.79 -12.06 -1.78
C VAL A 104 -3.83 -12.14 -2.89
N ILE A 105 -3.52 -11.56 -4.04
CA ILE A 105 -4.43 -11.58 -5.19
C ILE A 105 -4.18 -12.80 -6.06
N HIS A 106 -2.93 -13.04 -6.39
CA HIS A 106 -2.56 -14.19 -7.22
C HIS A 106 -3.14 -15.48 -6.64
N HIS A 107 -3.05 -16.56 -7.42
CA HIS A 107 -3.57 -17.86 -6.98
C HIS A 107 -5.08 -17.79 -6.73
N HIS A 108 -5.79 -17.08 -7.60
CA HIS A 108 -7.23 -16.93 -7.47
C HIS A 108 -7.82 -16.18 -8.66
N HIS A 109 -7.23 -15.04 -8.97
CA HIS A 109 -7.68 -14.22 -10.09
C HIS A 109 -6.73 -14.35 -11.29
N HIS A 110 -7.22 -13.96 -12.46
CA HIS A 110 -6.41 -14.03 -13.67
C HIS A 110 -7.03 -13.18 -14.78
N HIS A 111 -6.20 -12.74 -15.73
CA HIS A 111 -6.66 -11.93 -16.84
C HIS A 111 -5.55 -11.73 -17.87
N MET A 1 -10.57 11.46 -3.14
CA MET A 1 -10.36 12.89 -3.34
C MET A 1 -9.64 13.50 -2.15
N SER A 2 -8.73 12.75 -1.55
CA SER A 2 -7.98 13.22 -0.40
C SER A 2 -7.04 12.13 0.12
N VAL A 3 -5.77 12.46 0.24
CA VAL A 3 -4.77 11.52 0.73
C VAL A 3 -5.22 10.88 2.03
N GLU A 4 -5.99 11.62 2.82
CA GLU A 4 -6.48 11.11 4.09
C GLU A 4 -7.41 9.92 3.88
N THR A 5 -8.28 10.02 2.88
CA THR A 5 -9.23 8.96 2.58
C THR A 5 -8.50 7.69 2.13
N ILE A 6 -7.22 7.83 1.81
CA ILE A 6 -6.41 6.69 1.37
C ILE A 6 -5.89 5.90 2.57
N ILE A 7 -5.19 6.59 3.47
CA ILE A 7 -4.64 5.95 4.66
C ILE A 7 -5.75 5.46 5.58
N GLU A 8 -6.82 6.25 5.70
CA GLU A 8 -7.94 5.88 6.55
C GLU A 8 -8.37 4.44 6.29
N ARG A 9 -8.29 4.02 5.04
CA ARG A 9 -8.68 2.66 4.66
C ARG A 9 -7.64 1.65 5.15
N ILE A 10 -6.36 2.03 5.05
CA ILE A 10 -5.29 1.15 5.48
C ILE A 10 -5.33 0.89 6.98
N LYS A 11 -5.42 1.96 7.76
CA LYS A 11 -5.48 1.86 9.21
C LYS A 11 -6.77 1.19 9.66
N ALA A 12 -7.88 1.53 8.99
CA ALA A 12 -9.17 0.95 9.32
C ALA A 12 -9.20 -0.54 8.99
N ARG A 13 -8.44 -0.94 7.97
CA ARG A 13 -8.38 -2.33 7.57
C ARG A 13 -7.44 -3.12 8.46
N VAL A 14 -6.20 -2.65 8.57
CA VAL A 14 -5.20 -3.30 9.40
C VAL A 14 -5.76 -3.67 10.76
N GLY A 15 -6.46 -2.72 11.38
CA GLY A 15 -7.05 -2.96 12.69
C GLY A 15 -7.88 -4.23 12.73
N ALA A 16 -8.45 -4.60 11.59
CA ALA A 16 -9.27 -5.80 11.49
C ALA A 16 -8.50 -6.95 10.86
N VAL A 17 -7.59 -6.61 9.95
CA VAL A 17 -6.78 -7.62 9.27
C VAL A 17 -6.07 -8.52 10.28
N ASP A 18 -5.83 -9.76 9.88
CA ASP A 18 -5.16 -10.73 10.74
C ASP A 18 -3.65 -10.49 10.76
N PRO A 19 -2.99 -10.97 11.82
CA PRO A 19 -1.54 -10.82 11.97
C PRO A 19 -0.76 -11.66 10.97
N ASN A 20 -1.28 -12.84 10.67
CA ASN A 20 -0.63 -13.74 9.72
C ASN A 20 -0.67 -13.17 8.30
N GLY A 21 -1.62 -12.27 8.06
CA GLY A 21 -1.75 -11.67 6.75
C GLY A 21 -2.02 -12.69 5.66
N PRO A 22 -2.46 -12.21 4.48
CA PRO A 22 -2.76 -13.06 3.34
C PRO A 22 -1.51 -13.70 2.74
N ARG A 23 -0.34 -13.21 3.16
CA ARG A 23 0.93 -13.73 2.66
C ARG A 23 1.96 -13.81 3.78
N LYS A 24 2.76 -14.88 3.76
CA LYS A 24 3.78 -15.09 4.78
C LYS A 24 4.88 -14.04 4.65
N VAL A 25 4.69 -12.91 5.29
CA VAL A 25 5.68 -11.82 5.26
C VAL A 25 5.61 -10.97 6.52
N LEU A 26 6.59 -10.09 6.68
CA LEU A 26 6.63 -9.20 7.84
C LEU A 26 7.76 -8.19 7.71
N GLY A 27 7.40 -6.90 7.75
CA GLY A 27 8.40 -5.86 7.63
C GLY A 27 7.78 -4.47 7.56
N VAL A 28 8.29 -3.64 6.66
CA VAL A 28 7.78 -2.29 6.49
C VAL A 28 7.84 -1.86 5.03
N PHE A 29 6.90 -0.99 4.64
CA PHE A 29 6.84 -0.50 3.27
C PHE A 29 6.80 1.03 3.24
N GLN A 30 7.21 1.60 2.12
CA GLN A 30 7.22 3.05 1.96
C GLN A 30 6.43 3.47 0.72
N LEU A 31 5.25 4.03 0.93
CA LEU A 31 4.40 4.47 -0.17
C LEU A 31 4.38 5.99 -0.26
N ASN A 32 4.43 6.51 -1.48
CA ASN A 32 4.42 7.95 -1.71
C ASN A 32 3.29 8.34 -2.66
N ILE A 33 2.52 9.34 -2.27
CA ILE A 33 1.41 9.82 -3.10
C ILE A 33 1.86 10.92 -4.05
N LYS A 34 2.13 10.55 -5.29
CA LYS A 34 2.57 11.51 -6.29
C LYS A 34 1.42 12.44 -6.70
N THR A 35 1.43 13.64 -6.13
CA THR A 35 0.40 14.63 -6.42
C THR A 35 0.99 15.88 -7.08
N ALA A 36 0.14 16.66 -7.72
CA ALA A 36 0.58 17.88 -8.39
C ALA A 36 1.24 18.83 -7.40
N SER A 37 0.86 18.72 -6.13
CA SER A 37 1.41 19.58 -5.08
C SER A 37 2.76 19.06 -4.61
N GLY A 38 3.03 17.79 -4.87
CA GLY A 38 4.30 17.19 -4.47
C GLY A 38 4.20 15.69 -4.31
N VAL A 39 4.70 15.18 -3.18
CA VAL A 39 4.67 13.75 -2.91
C VAL A 39 4.48 13.48 -1.42
N GLU A 40 3.35 12.88 -1.06
CA GLU A 40 3.06 12.56 0.33
C GLU A 40 3.62 11.20 0.70
N GLN A 41 4.64 11.20 1.57
CA GLN A 41 5.27 9.97 2.00
C GLN A 41 4.52 9.37 3.19
N TRP A 42 4.38 8.04 3.18
CA TRP A 42 3.68 7.35 4.26
C TRP A 42 4.42 6.07 4.64
N ILE A 43 4.34 5.71 5.92
CA ILE A 43 5.00 4.52 6.42
C ILE A 43 3.98 3.47 6.87
N VAL A 44 4.24 2.21 6.52
CA VAL A 44 3.35 1.13 6.88
C VAL A 44 4.13 -0.12 7.28
N ASP A 45 3.68 -0.78 8.35
CA ASP A 45 4.34 -1.99 8.84
C ASP A 45 3.48 -3.21 8.59
N LEU A 46 4.12 -4.31 8.17
CA LEU A 46 3.41 -5.56 7.89
C LEU A 46 3.29 -6.41 9.15
N LYS A 47 4.40 -6.53 9.88
CA LYS A 47 4.42 -7.31 11.10
C LYS A 47 3.19 -7.03 11.95
N GLN A 48 3.07 -5.80 12.44
CA GLN A 48 1.94 -5.40 13.26
C GLN A 48 0.93 -4.59 12.45
N LEU A 49 -0.01 -3.96 13.14
CA LEU A 49 -1.04 -3.15 12.48
C LEU A 49 -0.93 -1.69 12.90
N LYS A 50 0.14 -1.03 12.44
CA LYS A 50 0.36 0.37 12.75
C LYS A 50 0.59 1.18 11.48
N VAL A 51 0.46 2.50 11.60
CA VAL A 51 0.66 3.40 10.46
C VAL A 51 1.30 4.71 10.89
N ASP A 52 2.26 5.18 10.12
CA ASP A 52 2.96 6.43 10.41
C ASP A 52 3.09 7.28 9.16
N GLN A 53 3.26 8.59 9.36
CA GLN A 53 3.41 9.52 8.24
C GLN A 53 4.87 9.93 8.06
N GLY A 54 5.32 9.98 6.81
CA GLY A 54 6.69 10.35 6.54
C GLY A 54 7.47 9.26 5.83
N VAL A 55 8.78 9.30 5.94
CA VAL A 55 9.64 8.31 5.31
C VAL A 55 10.39 7.48 6.36
N PHE A 56 10.12 6.18 6.38
CA PHE A 56 10.76 5.28 7.34
C PHE A 56 12.27 5.42 7.27
N ALA A 57 12.92 5.24 8.42
CA ALA A 57 14.38 5.34 8.50
C ALA A 57 15.05 4.33 7.57
N SER A 58 14.36 3.22 7.31
CA SER A 58 14.90 2.18 6.45
C SER A 58 13.82 1.16 6.09
N PRO A 59 12.92 1.56 5.18
CA PRO A 59 11.81 0.70 4.73
C PRO A 59 12.30 -0.47 3.89
N ASP A 60 11.48 -1.51 3.80
CA ASP A 60 11.82 -2.70 3.01
C ASP A 60 11.67 -2.41 1.52
N VAL A 61 10.63 -1.67 1.17
CA VAL A 61 10.37 -1.33 -0.23
C VAL A 61 9.76 0.07 -0.35
N THR A 62 10.01 0.70 -1.49
CA THR A 62 9.49 2.05 -1.73
C THR A 62 8.63 2.08 -3.00
N VAL A 63 7.32 2.05 -2.81
CA VAL A 63 6.38 2.08 -3.94
C VAL A 63 5.84 3.48 -4.17
N THR A 64 5.71 3.86 -5.44
CA THR A 64 5.20 5.18 -5.79
C THR A 64 3.96 5.08 -6.67
N VAL A 65 2.93 5.84 -6.34
CA VAL A 65 1.69 5.83 -7.11
C VAL A 65 1.00 7.20 -7.05
N GLY A 66 0.29 7.54 -8.12
CA GLY A 66 -0.41 8.81 -8.17
C GLY A 66 -1.61 8.84 -7.25
N LEU A 67 -1.84 10.00 -6.62
CA LEU A 67 -2.97 10.16 -5.71
C LEU A 67 -4.28 9.82 -6.40
N GLU A 68 -4.35 10.10 -7.71
CA GLU A 68 -5.55 9.82 -8.48
C GLU A 68 -5.80 8.32 -8.58
N ASP A 69 -4.77 7.58 -8.97
CA ASP A 69 -4.88 6.13 -9.10
C ASP A 69 -5.39 5.50 -7.82
N MET A 70 -4.71 5.81 -6.71
CA MET A 70 -5.11 5.26 -5.41
C MET A 70 -6.52 5.72 -5.03
N LEU A 71 -6.93 6.86 -5.59
CA LEU A 71 -8.26 7.39 -5.30
C LEU A 71 -9.35 6.42 -5.73
N ALA A 72 -9.32 6.02 -7.00
CA ALA A 72 -10.30 5.08 -7.53
C ALA A 72 -10.35 3.80 -6.70
N ILE A 73 -9.20 3.43 -6.13
CA ILE A 73 -9.12 2.22 -5.31
C ILE A 73 -9.72 2.46 -3.94
N SER A 74 -9.14 3.40 -3.20
CA SER A 74 -9.62 3.72 -1.85
C SER A 74 -11.09 4.10 -1.88
N GLY A 75 -11.56 4.57 -3.03
CA GLY A 75 -12.95 4.96 -3.17
C GLY A 75 -13.86 3.79 -3.49
N LYS A 76 -13.30 2.58 -3.44
CA LYS A 76 -14.05 1.37 -3.73
C LYS A 76 -14.54 1.36 -5.18
N THR A 77 -13.59 1.48 -6.11
CA THR A 77 -13.91 1.48 -7.53
C THR A 77 -12.91 0.64 -8.32
N LEU A 78 -11.64 1.01 -8.25
CA LEU A 78 -10.60 0.28 -8.96
C LEU A 78 -9.98 -0.79 -8.07
N THR A 79 -9.16 -1.65 -8.67
CA THR A 79 -8.51 -2.73 -7.94
C THR A 79 -7.01 -2.73 -8.19
N VAL A 80 -6.25 -3.27 -7.24
CA VAL A 80 -4.80 -3.34 -7.35
C VAL A 80 -4.39 -3.96 -8.68
N GLY A 81 -5.02 -5.07 -9.02
CA GLY A 81 -4.71 -5.74 -10.27
C GLY A 81 -4.83 -4.83 -11.48
N ASP A 82 -5.83 -3.96 -11.46
CA ASP A 82 -6.06 -3.03 -12.56
C ASP A 82 -4.88 -2.06 -12.70
N ALA A 83 -4.57 -1.36 -11.61
CA ALA A 83 -3.47 -0.41 -11.60
C ALA A 83 -2.16 -1.08 -11.99
N LEU A 84 -2.00 -2.34 -11.60
CA LEU A 84 -0.79 -3.09 -11.90
C LEU A 84 -0.70 -3.38 -13.39
N LYS A 85 -1.78 -3.92 -13.96
CA LYS A 85 -1.81 -4.24 -15.38
C LYS A 85 -1.60 -3.00 -16.23
N GLN A 86 -2.21 -1.89 -15.82
CA GLN A 86 -2.08 -0.64 -16.54
C GLN A 86 -0.70 -0.02 -16.33
N GLY A 87 -0.18 -0.15 -15.11
CA GLY A 87 1.12 0.40 -14.80
C GLY A 87 1.04 1.73 -14.07
N LYS A 88 0.02 1.86 -13.23
CA LYS A 88 -0.17 3.09 -12.46
C LYS A 88 0.78 3.15 -11.29
N ILE A 89 1.15 1.99 -10.75
CA ILE A 89 2.06 1.91 -9.63
C ILE A 89 3.51 1.78 -10.09
N GLU A 90 4.44 2.17 -9.24
CA GLU A 90 5.86 2.10 -9.57
C GLU A 90 6.61 1.23 -8.56
N LEU A 91 7.66 0.57 -9.02
CA LEU A 91 8.46 -0.30 -8.16
C LEU A 91 9.87 0.26 -7.99
N SER A 92 10.46 0.02 -6.83
CA SER A 92 11.81 0.49 -6.54
C SER A 92 12.30 -0.05 -5.20
N GLY A 93 13.44 -0.73 -5.23
CA GLY A 93 14.01 -1.29 -4.01
C GLY A 93 13.98 -2.81 -4.01
N ASP A 94 13.18 -3.39 -3.13
CA ASP A 94 13.08 -4.84 -3.03
C ASP A 94 11.80 -5.34 -3.71
N ALA A 95 11.80 -5.32 -5.03
CA ALA A 95 10.64 -5.77 -5.80
C ALA A 95 10.10 -7.09 -5.26
N ASP A 96 11.00 -7.95 -4.81
CA ASP A 96 10.62 -9.25 -4.26
C ASP A 96 9.54 -9.08 -3.19
N LEU A 97 9.76 -8.14 -2.27
CA LEU A 97 8.82 -7.88 -1.20
C LEU A 97 7.51 -7.32 -1.74
N ALA A 98 7.61 -6.25 -2.52
CA ALA A 98 6.44 -5.61 -3.10
C ALA A 98 5.62 -6.62 -3.90
N ALA A 99 6.28 -7.63 -4.43
CA ALA A 99 5.62 -8.66 -5.23
C ALA A 99 4.56 -9.39 -4.39
N LYS A 100 4.87 -9.61 -3.12
CA LYS A 100 3.94 -10.29 -2.22
C LYS A 100 2.66 -9.49 -2.05
N LEU A 101 2.79 -8.20 -1.79
CA LEU A 101 1.65 -7.31 -1.61
C LEU A 101 0.72 -7.38 -2.82
N ALA A 102 1.27 -7.15 -4.00
CA ALA A 102 0.50 -7.19 -5.23
C ALA A 102 -0.13 -8.55 -5.44
N GLU A 103 0.66 -9.61 -5.22
CA GLU A 103 0.17 -10.97 -5.39
C GLU A 103 -1.11 -11.19 -4.59
N VAL A 104 -1.25 -10.47 -3.49
CA VAL A 104 -2.42 -10.59 -2.64
C VAL A 104 -3.71 -10.37 -3.45
N ILE A 105 -3.59 -9.62 -4.53
CA ILE A 105 -4.74 -9.33 -5.38
C ILE A 105 -5.38 -10.62 -5.89
N HIS A 106 -4.57 -11.66 -6.03
CA HIS A 106 -5.06 -12.96 -6.50
C HIS A 106 -5.64 -13.77 -5.35
N HIS A 107 -4.77 -14.32 -4.51
CA HIS A 107 -5.20 -15.11 -3.37
C HIS A 107 -5.24 -14.27 -2.10
N HIS A 108 -6.31 -14.43 -1.34
CA HIS A 108 -6.48 -13.68 -0.09
C HIS A 108 -7.73 -14.13 0.66
N HIS A 109 -7.66 -14.12 1.98
CA HIS A 109 -8.79 -14.53 2.81
C HIS A 109 -9.61 -13.32 3.24
N HIS A 110 -10.94 -13.44 3.11
CA HIS A 110 -11.84 -12.36 3.49
C HIS A 110 -12.80 -12.80 4.58
N HIS A 111 -12.47 -12.48 5.82
CA HIS A 111 -13.32 -12.85 6.96
C HIS A 111 -13.76 -11.61 7.73
N MET A 1 -11.50 11.47 -2.66
CA MET A 1 -10.35 12.36 -2.80
C MET A 1 -9.68 12.59 -1.44
N SER A 2 -8.75 13.53 -1.40
CA SER A 2 -8.03 13.85 -0.17
C SER A 2 -7.17 12.68 0.27
N VAL A 3 -5.86 12.86 0.22
CA VAL A 3 -4.92 11.82 0.62
C VAL A 3 -5.22 11.32 2.03
N GLU A 4 -5.66 12.23 2.90
CA GLU A 4 -5.98 11.88 4.28
C GLU A 4 -7.12 10.87 4.33
N THR A 5 -8.11 11.05 3.46
CA THR A 5 -9.25 10.17 3.41
C THR A 5 -8.85 8.77 2.93
N ILE A 6 -7.64 8.66 2.39
CA ILE A 6 -7.14 7.39 1.90
C ILE A 6 -6.51 6.57 3.03
N ILE A 7 -5.55 7.17 3.72
CA ILE A 7 -4.87 6.50 4.83
C ILE A 7 -5.87 6.06 5.89
N GLU A 8 -6.93 6.85 6.07
CA GLU A 8 -7.95 6.54 7.06
C GLU A 8 -8.39 5.09 6.96
N ARG A 9 -8.66 4.64 5.73
CA ARG A 9 -9.09 3.28 5.49
C ARG A 9 -7.98 2.29 5.86
N ILE A 10 -6.74 2.71 5.67
CA ILE A 10 -5.59 1.86 5.98
C ILE A 10 -5.43 1.67 7.48
N LYS A 11 -5.33 2.78 8.20
CA LYS A 11 -5.16 2.74 9.65
C LYS A 11 -6.39 2.12 10.31
N ALA A 12 -7.58 2.56 9.88
CA ALA A 12 -8.83 2.04 10.42
C ALA A 12 -8.86 0.51 10.40
N ARG A 13 -8.38 -0.05 9.29
CA ARG A 13 -8.35 -1.51 9.14
C ARG A 13 -7.14 -2.11 9.86
N VAL A 14 -6.02 -1.41 9.81
CA VAL A 14 -4.79 -1.87 10.45
C VAL A 14 -5.03 -2.14 11.93
N GLY A 15 -5.87 -1.32 12.56
CA GLY A 15 -6.17 -1.49 13.97
C GLY A 15 -7.04 -2.70 14.23
N ALA A 16 -7.51 -3.34 13.16
CA ALA A 16 -8.35 -4.52 13.30
C ALA A 16 -7.71 -5.74 12.64
N VAL A 17 -6.90 -5.49 11.62
CA VAL A 17 -6.22 -6.57 10.91
C VAL A 17 -5.27 -7.31 11.83
N ASP A 18 -5.04 -8.58 11.54
CA ASP A 18 -4.14 -9.41 12.33
C ASP A 18 -2.79 -9.56 11.65
N PRO A 19 -1.76 -9.93 12.44
CA PRO A 19 -0.41 -10.12 11.93
C PRO A 19 -0.29 -11.35 11.04
N ASN A 20 -0.98 -12.42 11.42
CA ASN A 20 -0.96 -13.67 10.66
C ASN A 20 -1.94 -13.61 9.50
N GLY A 21 -2.82 -12.61 9.52
CA GLY A 21 -3.79 -12.46 8.46
C GLY A 21 -3.19 -12.61 7.08
N PRO A 22 -2.31 -11.67 6.72
CA PRO A 22 -1.64 -11.67 5.41
C PRO A 22 -0.63 -12.81 5.29
N ARG A 23 0.19 -12.74 4.24
CA ARG A 23 1.20 -13.77 4.00
C ARG A 23 2.28 -13.74 5.08
N LYS A 24 3.07 -14.80 5.16
CA LYS A 24 4.15 -14.88 6.14
C LYS A 24 5.21 -13.82 5.88
N VAL A 25 5.02 -12.64 6.48
CA VAL A 25 5.96 -11.55 6.31
C VAL A 25 5.97 -10.64 7.53
N LEU A 26 6.90 -9.69 7.57
CA LEU A 26 7.00 -8.76 8.68
C LEU A 26 8.06 -7.70 8.40
N GLY A 27 7.65 -6.43 8.48
CA GLY A 27 8.58 -5.33 8.23
C GLY A 27 7.86 -4.02 8.04
N VAL A 28 8.45 -3.14 7.21
CA VAL A 28 7.86 -1.84 6.94
C VAL A 28 7.85 -1.54 5.44
N PHE A 29 6.82 -0.82 5.01
CA PHE A 29 6.69 -0.47 3.60
C PHE A 29 6.63 1.05 3.41
N GLN A 30 7.14 1.53 2.29
CA GLN A 30 7.14 2.95 2.00
C GLN A 30 6.22 3.27 0.83
N LEU A 31 5.03 3.82 1.14
CA LEU A 31 4.06 4.17 0.11
C LEU A 31 4.24 5.60 -0.34
N ASN A 32 3.94 5.87 -1.61
CA ASN A 32 4.06 7.21 -2.16
C ASN A 32 2.90 7.52 -3.09
N ILE A 33 2.20 8.63 -2.81
CA ILE A 33 1.06 9.04 -3.62
C ILE A 33 1.47 10.08 -4.65
N LYS A 34 1.56 9.65 -5.91
CA LYS A 34 1.94 10.54 -7.00
C LYS A 34 0.81 11.52 -7.32
N THR A 35 0.92 12.74 -6.80
CA THR A 35 -0.09 13.76 -7.03
C THR A 35 0.46 14.88 -7.92
N ALA A 36 -0.46 15.69 -8.46
CA ALA A 36 -0.07 16.80 -9.32
C ALA A 36 0.78 17.82 -8.56
N SER A 37 0.62 17.86 -7.25
CA SER A 37 1.37 18.78 -6.40
C SER A 37 2.73 18.21 -6.04
N GLY A 38 2.89 16.90 -6.25
CA GLY A 38 4.15 16.25 -5.94
C GLY A 38 3.98 14.78 -5.62
N VAL A 39 4.50 14.36 -4.47
CA VAL A 39 4.40 12.97 -4.05
C VAL A 39 4.29 12.86 -2.54
N GLU A 40 3.14 12.37 -2.07
CA GLU A 40 2.90 12.21 -0.64
C GLU A 40 3.45 10.86 -0.14
N GLN A 41 4.50 10.92 0.66
CA GLN A 41 5.12 9.72 1.20
C GLN A 41 4.41 9.27 2.48
N TRP A 42 4.33 7.96 2.67
CA TRP A 42 3.68 7.41 3.86
C TRP A 42 4.42 6.18 4.36
N ILE A 43 4.40 5.98 5.68
CA ILE A 43 5.08 4.84 6.29
C ILE A 43 4.07 3.87 6.89
N VAL A 44 4.27 2.58 6.63
CA VAL A 44 3.39 1.55 7.16
C VAL A 44 4.18 0.35 7.68
N ASP A 45 3.80 -0.13 8.85
CA ASP A 45 4.47 -1.27 9.45
C ASP A 45 3.60 -2.52 9.40
N LEU A 46 4.13 -3.58 8.79
CA LEU A 46 3.39 -4.83 8.66
C LEU A 46 3.35 -5.58 9.99
N LYS A 47 4.53 -5.77 10.59
CA LYS A 47 4.62 -6.46 11.87
C LYS A 47 3.51 -6.03 12.81
N GLN A 48 3.55 -4.77 13.23
CA GLN A 48 2.54 -4.24 14.14
C GLN A 48 1.39 -3.60 13.36
N LEU A 49 0.53 -2.88 14.07
CA LEU A 49 -0.61 -2.22 13.45
C LEU A 49 -0.56 -0.72 13.68
N LYS A 50 0.44 -0.07 13.07
CA LYS A 50 0.61 1.38 13.21
C LYS A 50 0.80 2.03 11.84
N VAL A 51 0.69 3.35 11.80
CA VAL A 51 0.85 4.09 10.56
C VAL A 51 1.49 5.45 10.82
N ASP A 52 2.39 5.86 9.93
CA ASP A 52 3.07 7.14 10.06
C ASP A 52 3.16 7.84 8.71
N GLN A 53 3.35 9.16 8.75
CA GLN A 53 3.45 9.95 7.52
C GLN A 53 4.90 10.35 7.26
N GLY A 54 5.30 10.31 5.99
CA GLY A 54 6.65 10.68 5.62
C GLY A 54 7.43 9.51 5.04
N VAL A 55 8.75 9.60 5.07
CA VAL A 55 9.61 8.55 4.54
C VAL A 55 10.39 7.86 5.65
N PHE A 56 10.15 6.57 5.83
CA PHE A 56 10.84 5.80 6.86
C PHE A 56 12.35 5.94 6.72
N ALA A 57 13.04 5.91 7.86
CA ALA A 57 14.49 6.03 7.87
C ALA A 57 15.15 4.94 7.03
N SER A 58 14.47 3.80 6.94
CA SER A 58 14.98 2.67 6.16
C SER A 58 13.91 1.60 5.98
N PRO A 59 12.96 1.87 5.07
CA PRO A 59 11.86 0.94 4.78
C PRO A 59 12.34 -0.32 4.07
N ASP A 60 11.55 -1.39 4.15
CA ASP A 60 11.89 -2.65 3.51
C ASP A 60 11.66 -2.58 2.01
N VAL A 61 10.60 -1.88 1.61
CA VAL A 61 10.26 -1.73 0.21
C VAL A 61 9.66 -0.36 -0.08
N THR A 62 9.86 0.13 -1.30
CA THR A 62 9.34 1.43 -1.70
C THR A 62 8.43 1.31 -2.92
N VAL A 63 7.15 1.60 -2.72
CA VAL A 63 6.17 1.53 -3.80
C VAL A 63 5.62 2.90 -4.13
N THR A 64 5.44 3.17 -5.43
CA THR A 64 4.92 4.45 -5.89
C THR A 64 3.67 4.27 -6.74
N VAL A 65 2.53 4.73 -6.22
CA VAL A 65 1.26 4.61 -6.95
C VAL A 65 0.67 5.99 -7.24
N GLY A 66 -0.06 6.09 -8.35
CA GLY A 66 -0.66 7.35 -8.72
C GLY A 66 -1.70 7.81 -7.73
N LEU A 67 -1.86 9.12 -7.59
CA LEU A 67 -2.82 9.70 -6.66
C LEU A 67 -4.25 9.37 -7.10
N GLU A 68 -4.54 9.62 -8.38
CA GLU A 68 -5.86 9.35 -8.92
C GLU A 68 -6.16 7.86 -8.93
N ASP A 69 -5.17 7.07 -9.35
CA ASP A 69 -5.33 5.62 -9.40
C ASP A 69 -5.62 5.04 -8.02
N MET A 70 -5.10 5.70 -6.99
CA MET A 70 -5.31 5.25 -5.62
C MET A 70 -6.68 5.68 -5.11
N LEU A 71 -7.21 6.74 -5.70
CA LEU A 71 -8.53 7.25 -5.31
C LEU A 71 -9.63 6.24 -5.63
N ALA A 72 -9.63 5.76 -6.87
CA ALA A 72 -10.61 4.78 -7.29
C ALA A 72 -10.64 3.57 -6.38
N ILE A 73 -9.46 3.20 -5.88
CA ILE A 73 -9.33 2.05 -4.97
C ILE A 73 -9.81 2.40 -3.57
N SER A 74 -9.17 3.39 -2.97
CA SER A 74 -9.53 3.82 -1.62
C SER A 74 -11.00 4.20 -1.54
N GLY A 75 -11.58 4.56 -2.68
CA GLY A 75 -12.98 4.93 -2.71
C GLY A 75 -13.90 3.73 -2.89
N LYS A 76 -13.33 2.54 -2.74
CA LYS A 76 -14.11 1.31 -2.88
C LYS A 76 -14.67 1.17 -4.29
N THR A 77 -13.77 1.19 -5.28
CA THR A 77 -14.17 1.07 -6.67
C THR A 77 -13.20 0.19 -7.45
N LEU A 78 -11.94 0.58 -7.47
CA LEU A 78 -10.90 -0.17 -8.17
C LEU A 78 -10.24 -1.18 -7.24
N THR A 79 -9.43 -2.07 -7.82
CA THR A 79 -8.73 -3.09 -7.05
C THR A 79 -7.24 -3.10 -7.37
N VAL A 80 -6.45 -3.66 -6.47
CA VAL A 80 -5.00 -3.74 -6.67
C VAL A 80 -4.67 -4.41 -8.00
N GLY A 81 -5.31 -5.53 -8.28
CA GLY A 81 -5.07 -6.24 -9.52
C GLY A 81 -5.21 -5.35 -10.74
N ASP A 82 -6.21 -4.47 -10.72
CA ASP A 82 -6.45 -3.55 -11.83
C ASP A 82 -5.29 -2.59 -11.98
N ALA A 83 -4.97 -1.85 -10.92
CA ALA A 83 -3.88 -0.89 -10.94
C ALA A 83 -2.57 -1.56 -11.31
N LEU A 84 -2.40 -2.81 -10.87
CA LEU A 84 -1.18 -3.56 -11.14
C LEU A 84 -1.07 -3.89 -12.63
N LYS A 85 -2.20 -4.21 -13.25
CA LYS A 85 -2.23 -4.54 -14.67
C LYS A 85 -1.93 -3.31 -15.52
N GLN A 86 -2.36 -2.15 -15.04
CA GLN A 86 -2.14 -0.90 -15.76
C GLN A 86 -0.70 -0.44 -15.62
N GLY A 87 -0.14 -0.60 -14.42
CA GLY A 87 1.23 -0.19 -14.18
C GLY A 87 1.33 1.12 -13.42
N LYS A 88 0.29 1.43 -12.65
CA LYS A 88 0.26 2.66 -11.87
C LYS A 88 1.14 2.55 -10.63
N ILE A 89 1.21 1.35 -10.08
CA ILE A 89 2.03 1.10 -8.89
C ILE A 89 3.40 0.56 -9.27
N GLU A 90 4.44 1.34 -8.99
CA GLU A 90 5.81 0.93 -9.29
C GLU A 90 6.44 0.23 -8.11
N LEU A 91 7.35 -0.71 -8.39
CA LEU A 91 8.02 -1.46 -7.34
C LEU A 91 9.52 -1.12 -7.32
N SER A 92 10.14 -1.32 -6.16
CA SER A 92 11.56 -1.03 -5.99
C SER A 92 12.06 -1.50 -4.64
N GLY A 93 13.36 -1.73 -4.54
CA GLY A 93 13.94 -2.18 -3.28
C GLY A 93 13.92 -3.69 -3.14
N ASP A 94 13.01 -4.19 -2.31
CA ASP A 94 12.90 -5.63 -2.09
C ASP A 94 11.64 -6.18 -2.75
N ALA A 95 11.67 -6.31 -4.07
CA ALA A 95 10.53 -6.83 -4.81
C ALA A 95 9.94 -8.06 -4.13
N ASP A 96 10.81 -8.88 -3.55
CA ASP A 96 10.36 -10.09 -2.87
C ASP A 96 9.28 -9.77 -1.83
N LEU A 97 9.54 -8.74 -1.03
CA LEU A 97 8.61 -8.33 0.01
C LEU A 97 7.31 -7.81 -0.61
N ALA A 98 7.43 -6.81 -1.47
CA ALA A 98 6.27 -6.23 -2.14
C ALA A 98 5.44 -7.31 -2.83
N ALA A 99 6.11 -8.31 -3.38
CA ALA A 99 5.44 -9.40 -4.07
C ALA A 99 4.33 -9.99 -3.19
N LYS A 100 4.63 -10.18 -1.91
CA LYS A 100 3.66 -10.73 -0.97
C LYS A 100 2.46 -9.81 -0.81
N LEU A 101 2.73 -8.52 -0.67
CA LEU A 101 1.66 -7.53 -0.50
C LEU A 101 0.72 -7.54 -1.70
N ALA A 102 1.29 -7.62 -2.89
CA ALA A 102 0.51 -7.64 -4.12
C ALA A 102 -0.15 -9.00 -4.32
N GLU A 103 0.50 -10.05 -3.84
CA GLU A 103 -0.02 -11.41 -3.96
C GLU A 103 -1.18 -11.63 -3.01
N VAL A 104 -1.12 -10.99 -1.84
CA VAL A 104 -2.17 -11.13 -0.84
C VAL A 104 -3.52 -10.72 -1.41
N ILE A 105 -3.51 -9.95 -2.48
CA ILE A 105 -4.73 -9.49 -3.12
C ILE A 105 -5.20 -10.50 -4.18
N HIS A 106 -4.27 -10.94 -5.02
CA HIS A 106 -4.59 -11.90 -6.07
C HIS A 106 -5.32 -13.12 -5.50
N HIS A 107 -4.59 -13.93 -4.74
CA HIS A 107 -5.17 -15.13 -4.14
C HIS A 107 -5.65 -16.11 -5.20
N HIS A 108 -6.37 -17.14 -4.78
CA HIS A 108 -6.89 -18.13 -5.70
C HIS A 108 -7.66 -17.49 -6.84
N HIS A 109 -8.33 -16.37 -6.54
CA HIS A 109 -9.11 -15.65 -7.54
C HIS A 109 -9.07 -14.15 -7.27
N HIS A 110 -8.99 -13.36 -8.34
CA HIS A 110 -8.95 -11.91 -8.22
C HIS A 110 -10.36 -11.32 -8.23
N HIS A 111 -10.56 -10.28 -7.42
CA HIS A 111 -11.86 -9.63 -7.34
C HIS A 111 -12.17 -8.86 -8.62
N MET A 1 -11.30 14.65 -3.46
CA MET A 1 -9.85 14.50 -3.43
C MET A 1 -9.30 14.68 -2.02
N SER A 2 -8.58 13.66 -1.54
CA SER A 2 -8.01 13.72 -0.19
C SER A 2 -7.16 12.48 0.07
N VAL A 3 -5.86 12.68 0.18
CA VAL A 3 -4.93 11.57 0.44
C VAL A 3 -5.12 11.02 1.84
N GLU A 4 -5.48 11.89 2.78
CA GLU A 4 -5.70 11.48 4.16
C GLU A 4 -6.85 10.49 4.26
N THR A 5 -7.91 10.74 3.49
CA THR A 5 -9.08 9.87 3.50
C THR A 5 -8.75 8.49 2.93
N ILE A 6 -7.59 8.39 2.29
CA ILE A 6 -7.16 7.13 1.70
C ILE A 6 -6.48 6.24 2.74
N ILE A 7 -5.47 6.78 3.41
CA ILE A 7 -4.75 6.04 4.43
C ILE A 7 -5.65 5.75 5.63
N GLU A 8 -6.63 6.61 5.87
CA GLU A 8 -7.56 6.44 6.98
C GLU A 8 -8.10 5.01 7.02
N ARG A 9 -8.31 4.43 5.84
CA ARG A 9 -8.82 3.08 5.74
C ARG A 9 -7.75 2.05 6.09
N ILE A 10 -6.51 2.36 5.73
CA ILE A 10 -5.39 1.48 6.01
C ILE A 10 -5.13 1.37 7.52
N LYS A 11 -5.01 2.51 8.17
CA LYS A 11 -4.78 2.56 9.61
C LYS A 11 -5.94 1.94 10.37
N ALA A 12 -7.15 2.37 10.03
CA ALA A 12 -8.36 1.86 10.69
C ALA A 12 -8.39 0.34 10.68
N ARG A 13 -7.98 -0.24 9.55
CA ARG A 13 -7.96 -1.69 9.42
C ARG A 13 -6.73 -2.29 10.08
N VAL A 14 -5.59 -1.63 9.93
CA VAL A 14 -4.34 -2.08 10.52
C VAL A 14 -4.51 -2.37 12.02
N GLY A 15 -5.27 -1.51 12.68
CA GLY A 15 -5.50 -1.68 14.11
C GLY A 15 -6.34 -2.91 14.41
N ALA A 16 -7.02 -3.44 13.40
CA ALA A 16 -7.85 -4.61 13.57
C ALA A 16 -7.17 -5.85 13.00
N VAL A 17 -6.36 -5.66 11.97
CA VAL A 17 -5.65 -6.77 11.34
C VAL A 17 -5.00 -7.67 12.39
N ASP A 18 -4.95 -8.97 12.09
CA ASP A 18 -4.36 -9.93 13.00
C ASP A 18 -2.84 -9.79 13.04
N PRO A 19 -2.22 -10.27 14.13
CA PRO A 19 -0.78 -10.20 14.32
C PRO A 19 -0.02 -11.13 13.37
N ASN A 20 -0.56 -12.32 13.16
CA ASN A 20 0.05 -13.30 12.27
C ASN A 20 -0.04 -12.85 10.83
N GLY A 21 -0.97 -11.95 10.54
CA GLY A 21 -1.15 -11.45 9.19
C GLY A 21 -1.52 -12.55 8.22
N PRO A 22 -2.01 -12.16 7.03
CA PRO A 22 -2.40 -13.09 5.98
C PRO A 22 -1.21 -13.82 5.37
N ARG A 23 -0.03 -13.28 5.59
CA ARG A 23 1.19 -13.87 5.06
C ARG A 23 2.34 -13.75 6.06
N LYS A 24 3.22 -14.76 6.06
CA LYS A 24 4.36 -14.76 6.97
C LYS A 24 5.36 -13.68 6.59
N VAL A 25 5.15 -12.47 7.11
CA VAL A 25 6.03 -11.35 6.83
C VAL A 25 6.03 -10.34 7.98
N LEU A 26 6.98 -9.41 7.95
CA LEU A 26 7.08 -8.40 9.00
C LEU A 26 8.19 -7.40 8.66
N GLY A 27 7.80 -6.16 8.39
CA GLY A 27 8.77 -5.12 8.08
C GLY A 27 8.13 -3.75 7.92
N VAL A 28 8.59 -3.00 6.94
CA VAL A 28 8.06 -1.66 6.69
C VAL A 28 8.06 -1.34 5.20
N PHE A 29 7.08 -0.56 4.77
CA PHE A 29 6.97 -0.17 3.37
C PHE A 29 6.85 1.35 3.22
N GLN A 30 7.47 1.89 2.18
CA GLN A 30 7.43 3.33 1.93
C GLN A 30 6.48 3.66 0.79
N LEU A 31 5.29 4.14 1.14
CA LEU A 31 4.29 4.49 0.15
C LEU A 31 4.45 5.94 -0.30
N ASN A 32 4.21 6.19 -1.59
CA ASN A 32 4.33 7.53 -2.14
C ASN A 32 3.20 7.81 -3.13
N ILE A 33 2.48 8.90 -2.90
CA ILE A 33 1.38 9.29 -3.77
C ILE A 33 1.86 10.19 -4.90
N LYS A 34 1.18 10.10 -6.05
CA LYS A 34 1.54 10.91 -7.21
C LYS A 34 0.40 11.83 -7.60
N THR A 35 0.50 13.10 -7.18
CA THR A 35 -0.54 14.08 -7.49
C THR A 35 0.08 15.32 -8.13
N ALA A 36 -0.78 16.17 -8.72
CA ALA A 36 -0.32 17.39 -9.36
C ALA A 36 0.34 18.32 -8.35
N SER A 37 -0.10 18.25 -7.11
CA SER A 37 0.46 19.09 -6.04
C SER A 37 1.85 18.62 -5.66
N GLY A 38 2.18 17.38 -6.00
CA GLY A 38 3.47 16.82 -5.68
C GLY A 38 3.42 15.34 -5.39
N VAL A 39 4.00 14.93 -4.27
CA VAL A 39 4.02 13.52 -3.88
C VAL A 39 3.89 13.36 -2.37
N GLU A 40 2.81 12.73 -1.94
CA GLU A 40 2.58 12.52 -0.51
C GLU A 40 3.23 11.22 -0.04
N GLN A 41 4.23 11.33 0.82
CA GLN A 41 4.93 10.18 1.35
C GLN A 41 4.22 9.61 2.56
N TRP A 42 4.23 8.29 2.69
CA TRP A 42 3.58 7.62 3.82
C TRP A 42 4.40 6.42 4.28
N ILE A 43 4.36 6.16 5.58
CA ILE A 43 5.10 5.03 6.16
C ILE A 43 4.14 4.01 6.75
N VAL A 44 4.35 2.74 6.39
CA VAL A 44 3.51 1.66 6.90
C VAL A 44 4.36 0.50 7.43
N ASP A 45 3.95 -0.06 8.55
CA ASP A 45 4.68 -1.17 9.16
C ASP A 45 3.84 -2.44 9.14
N LEU A 46 4.48 -3.57 8.85
CA LEU A 46 3.80 -4.86 8.79
C LEU A 46 3.88 -5.58 10.14
N LYS A 47 5.07 -5.56 10.75
CA LYS A 47 5.28 -6.20 12.03
C LYS A 47 4.12 -5.90 12.99
N GLN A 48 3.99 -4.63 13.35
CA GLN A 48 2.93 -4.21 14.26
C GLN A 48 1.80 -3.51 13.50
N LEU A 49 0.90 -2.87 14.25
CA LEU A 49 -0.22 -2.17 13.64
C LEU A 49 -0.10 -0.66 13.88
N LYS A 50 0.78 -0.02 13.12
CA LYS A 50 0.99 1.42 13.24
C LYS A 50 1.13 2.07 11.86
N VAL A 51 0.93 3.38 11.81
CA VAL A 51 1.04 4.12 10.56
C VAL A 51 1.62 5.51 10.79
N ASP A 52 2.51 5.93 9.90
CA ASP A 52 3.13 7.24 10.00
C ASP A 52 3.16 7.94 8.64
N GLN A 53 3.30 9.27 8.67
CA GLN A 53 3.35 10.05 7.44
C GLN A 53 4.76 10.56 7.16
N GLY A 54 5.16 10.49 5.90
CA GLY A 54 6.49 10.94 5.52
C GLY A 54 7.35 9.82 4.98
N VAL A 55 8.68 9.98 5.10
CA VAL A 55 9.61 8.98 4.61
C VAL A 55 10.31 8.28 5.77
N PHE A 56 10.17 6.96 5.84
CA PHE A 56 10.79 6.18 6.90
C PHE A 56 12.30 6.36 6.89
N ALA A 57 12.90 6.31 8.07
CA ALA A 57 14.35 6.46 8.20
C ALA A 57 15.09 5.40 7.40
N SER A 58 14.44 4.25 7.21
CA SER A 58 15.04 3.15 6.47
C SER A 58 14.01 2.07 6.17
N PRO A 59 13.14 2.34 5.18
CA PRO A 59 12.10 1.41 4.78
C PRO A 59 12.66 0.17 4.08
N ASP A 60 11.86 -0.90 4.04
CA ASP A 60 12.27 -2.14 3.41
C ASP A 60 12.08 -2.07 1.90
N VAL A 61 10.98 -1.43 1.47
CA VAL A 61 10.68 -1.29 0.06
C VAL A 61 10.00 0.04 -0.23
N THR A 62 10.19 0.54 -1.45
CA THR A 62 9.60 1.81 -1.85
C THR A 62 8.60 1.62 -2.98
N VAL A 63 7.32 1.70 -2.65
CA VAL A 63 6.27 1.54 -3.64
C VAL A 63 5.71 2.88 -4.08
N THR A 64 5.35 2.98 -5.36
CA THR A 64 4.80 4.21 -5.91
C THR A 64 3.42 3.98 -6.52
N VAL A 65 2.47 4.85 -6.19
CA VAL A 65 1.12 4.74 -6.71
C VAL A 65 0.46 6.11 -6.81
N GLY A 66 -0.46 6.25 -7.76
CA GLY A 66 -1.16 7.50 -7.95
C GLY A 66 -2.25 7.72 -6.93
N LEU A 67 -2.57 8.99 -6.68
CA LEU A 67 -3.61 9.34 -5.71
C LEU A 67 -4.97 8.83 -6.17
N GLU A 68 -5.20 8.86 -7.47
CA GLU A 68 -6.46 8.41 -8.05
C GLU A 68 -6.58 6.88 -7.96
N ASP A 69 -5.48 6.20 -8.26
CA ASP A 69 -5.46 4.75 -8.22
C ASP A 69 -5.81 4.23 -6.82
N MET A 70 -5.08 4.72 -5.83
CA MET A 70 -5.31 4.32 -4.44
C MET A 70 -6.73 4.65 -4.01
N LEU A 71 -7.23 5.80 -4.44
CA LEU A 71 -8.57 6.23 -4.10
C LEU A 71 -9.59 5.12 -4.38
N ALA A 72 -9.50 4.53 -5.56
CA ALA A 72 -10.41 3.45 -5.94
C ALA A 72 -10.25 2.24 -5.02
N ILE A 73 -9.04 2.05 -4.50
CA ILE A 73 -8.78 0.94 -3.61
C ILE A 73 -9.30 1.22 -2.20
N SER A 74 -8.73 2.25 -1.57
CA SER A 74 -9.14 2.63 -0.22
C SER A 74 -10.64 2.89 -0.16
N GLY A 75 -11.21 3.31 -1.28
CA GLY A 75 -12.63 3.60 -1.34
C GLY A 75 -13.47 2.34 -1.50
N LYS A 76 -12.80 1.19 -1.50
CA LYS A 76 -13.49 -0.09 -1.66
C LYS A 76 -14.16 -0.19 -3.02
N THR A 77 -13.37 -0.04 -4.08
CA THR A 77 -13.89 -0.11 -5.44
C THR A 77 -13.01 -1.01 -6.31
N LEU A 78 -11.75 -0.63 -6.45
CA LEU A 78 -10.82 -1.40 -7.26
C LEU A 78 -10.07 -2.42 -6.41
N THR A 79 -9.34 -3.32 -7.07
CA THR A 79 -8.57 -4.34 -6.36
C THR A 79 -7.11 -4.31 -6.78
N VAL A 80 -6.24 -4.82 -5.91
CA VAL A 80 -4.81 -4.86 -6.19
C VAL A 80 -4.53 -5.48 -7.54
N GLY A 81 -5.17 -6.61 -7.82
CA GLY A 81 -4.98 -7.30 -9.08
C GLY A 81 -5.22 -6.38 -10.27
N ASP A 82 -6.27 -5.60 -10.21
CA ASP A 82 -6.61 -4.67 -11.29
C ASP A 82 -5.51 -3.63 -11.47
N ALA A 83 -5.18 -2.93 -10.39
CA ALA A 83 -4.13 -1.91 -10.43
C ALA A 83 -2.81 -2.49 -10.90
N LEU A 84 -2.56 -3.74 -10.53
CA LEU A 84 -1.32 -4.43 -10.91
C LEU A 84 -1.28 -4.69 -12.41
N LYS A 85 -2.37 -5.25 -12.94
CA LYS A 85 -2.46 -5.55 -14.37
C LYS A 85 -2.34 -4.27 -15.20
N GLN A 86 -2.96 -3.21 -14.72
CA GLN A 86 -2.93 -1.92 -15.42
C GLN A 86 -1.56 -1.26 -15.25
N GLY A 87 -1.00 -1.35 -14.06
CA GLY A 87 0.29 -0.74 -13.78
C GLY A 87 0.17 0.54 -12.99
N LYS A 88 -0.79 0.58 -12.07
CA LYS A 88 -1.00 1.76 -11.24
C LYS A 88 0.05 1.84 -10.13
N ILE A 89 0.48 0.68 -9.65
CA ILE A 89 1.49 0.63 -8.60
C ILE A 89 2.87 0.31 -9.16
N GLU A 90 3.91 0.69 -8.43
CA GLU A 90 5.28 0.44 -8.86
C GLU A 90 6.14 -0.02 -7.69
N LEU A 91 7.06 -0.93 -7.97
CA LEU A 91 7.96 -1.46 -6.94
C LEU A 91 9.41 -1.15 -7.26
N SER A 92 10.23 -1.05 -6.23
CA SER A 92 11.65 -0.75 -6.41
C SER A 92 12.39 -0.82 -5.07
N GLY A 93 13.46 -1.61 -5.04
CA GLY A 93 14.23 -1.76 -3.82
C GLY A 93 14.12 -3.16 -3.22
N ASP A 94 13.15 -3.92 -3.69
CA ASP A 94 12.92 -5.28 -3.20
C ASP A 94 11.71 -5.91 -3.87
N ALA A 95 11.96 -6.78 -4.84
CA ALA A 95 10.89 -7.46 -5.55
C ALA A 95 10.23 -8.52 -4.68
N ASP A 96 11.04 -9.20 -3.87
CA ASP A 96 10.54 -10.24 -2.99
C ASP A 96 9.56 -9.66 -1.97
N LEU A 97 10.00 -8.67 -1.22
CA LEU A 97 9.17 -8.03 -0.21
C LEU A 97 7.88 -7.49 -0.83
N ALA A 98 8.03 -6.63 -1.83
CA ALA A 98 6.89 -6.05 -2.52
C ALA A 98 5.97 -7.13 -3.07
N ALA A 99 6.55 -8.28 -3.41
CA ALA A 99 5.78 -9.39 -3.96
C ALA A 99 4.88 -10.00 -2.89
N LYS A 100 5.32 -9.94 -1.64
CA LYS A 100 4.56 -10.49 -0.52
C LYS A 100 3.21 -9.81 -0.41
N LEU A 101 3.17 -8.52 -0.70
CA LEU A 101 1.94 -7.74 -0.63
C LEU A 101 1.04 -8.02 -1.84
N ALA A 102 1.68 -8.26 -2.98
CA ALA A 102 0.94 -8.55 -4.22
C ALA A 102 0.42 -9.97 -4.21
N GLU A 103 1.16 -10.89 -3.61
CA GLU A 103 0.78 -12.29 -3.55
C GLU A 103 -0.34 -12.49 -2.53
N VAL A 104 -0.28 -11.74 -1.43
CA VAL A 104 -1.28 -11.83 -0.39
C VAL A 104 -2.68 -11.57 -0.93
N ILE A 105 -2.74 -10.91 -2.08
CA ILE A 105 -4.02 -10.60 -2.71
C ILE A 105 -4.48 -11.74 -3.62
N HIS A 106 -3.52 -12.45 -4.18
CA HIS A 106 -3.81 -13.56 -5.08
C HIS A 106 -4.69 -13.11 -6.24
N HIS A 107 -5.17 -14.06 -7.03
CA HIS A 107 -6.01 -13.76 -8.17
C HIS A 107 -7.20 -12.91 -7.76
N HIS A 108 -7.66 -12.05 -8.67
CA HIS A 108 -8.79 -11.17 -8.39
C HIS A 108 -9.98 -11.52 -9.28
N HIS A 109 -11.14 -10.95 -8.97
CA HIS A 109 -12.35 -11.20 -9.75
C HIS A 109 -12.48 -10.20 -10.90
N HIS A 110 -13.03 -10.66 -12.01
CA HIS A 110 -13.22 -9.80 -13.19
C HIS A 110 -11.87 -9.29 -13.69
N HIS A 111 -11.91 -8.38 -14.66
CA HIS A 111 -10.70 -7.81 -15.22
C HIS A 111 -10.62 -6.31 -14.95
N MET A 1 -9.91 12.03 -4.01
CA MET A 1 -8.91 13.06 -3.75
C MET A 1 -8.60 13.14 -2.26
N SER A 2 -7.86 14.18 -1.87
CA SER A 2 -7.49 14.37 -0.47
C SER A 2 -6.59 13.24 0.01
N VAL A 3 -5.32 13.55 0.22
CA VAL A 3 -4.35 12.55 0.68
C VAL A 3 -4.71 12.05 2.07
N GLU A 4 -5.23 12.95 2.90
CA GLU A 4 -5.61 12.60 4.27
C GLU A 4 -6.74 11.56 4.26
N THR A 5 -7.65 11.70 3.30
CA THR A 5 -8.77 10.78 3.18
C THR A 5 -8.31 9.39 2.77
N ILE A 6 -7.06 9.30 2.31
CA ILE A 6 -6.49 8.03 1.87
C ILE A 6 -5.93 7.25 3.06
N ILE A 7 -5.03 7.87 3.80
CA ILE A 7 -4.42 7.23 4.96
C ILE A 7 -5.48 6.89 6.02
N GLU A 8 -6.43 7.80 6.22
CA GLU A 8 -7.49 7.60 7.19
C GLU A 8 -8.09 6.20 7.06
N ARG A 9 -8.37 5.81 5.82
CA ARG A 9 -8.95 4.49 5.55
C ARG A 9 -7.98 3.38 5.94
N ILE A 10 -6.69 3.61 5.71
CA ILE A 10 -5.66 2.63 6.03
C ILE A 10 -5.57 2.41 7.54
N LYS A 11 -5.41 3.50 8.29
CA LYS A 11 -5.31 3.42 9.74
C LYS A 11 -6.62 2.92 10.34
N ALA A 12 -7.74 3.39 9.81
CA ALA A 12 -9.05 2.98 10.30
C ALA A 12 -9.30 1.50 10.04
N ARG A 13 -8.72 0.99 8.95
CA ARG A 13 -8.88 -0.41 8.59
C ARG A 13 -7.93 -1.30 9.39
N VAL A 14 -6.65 -0.97 9.35
CA VAL A 14 -5.64 -1.73 10.08
C VAL A 14 -6.07 -1.96 11.53
N GLY A 15 -6.56 -0.91 12.17
CA GLY A 15 -7.00 -1.03 13.55
C GLY A 15 -8.10 -2.04 13.72
N ALA A 16 -8.79 -2.36 12.63
CA ALA A 16 -9.88 -3.32 12.67
C ALA A 16 -9.44 -4.67 12.10
N VAL A 17 -8.53 -4.64 11.14
CA VAL A 17 -8.03 -5.85 10.51
C VAL A 17 -7.60 -6.88 11.56
N ASP A 18 -7.81 -8.15 11.25
CA ASP A 18 -7.45 -9.23 12.16
C ASP A 18 -6.01 -9.08 12.64
N PRO A 19 -5.70 -9.72 13.77
CA PRO A 19 -4.35 -9.68 14.36
C PRO A 19 -3.33 -10.44 13.53
N ASN A 20 -3.77 -11.50 12.87
CA ASN A 20 -2.91 -12.33 12.04
C ASN A 20 -2.44 -11.55 10.81
N GLY A 21 -3.23 -10.55 10.42
CA GLY A 21 -2.88 -9.74 9.27
C GLY A 21 -3.73 -10.08 8.05
N PRO A 22 -3.77 -9.16 7.07
CA PRO A 22 -4.55 -9.35 5.84
C PRO A 22 -3.94 -10.41 4.94
N ARG A 23 -2.62 -10.50 4.94
CA ARG A 23 -1.91 -11.48 4.11
C ARG A 23 -0.60 -11.90 4.77
N LYS A 24 -0.02 -12.99 4.28
CA LYS A 24 1.23 -13.50 4.82
C LYS A 24 2.37 -12.52 4.55
N VAL A 25 2.54 -11.57 5.46
CA VAL A 25 3.60 -10.57 5.33
C VAL A 25 4.04 -10.05 6.69
N LEU A 26 5.15 -9.32 6.71
CA LEU A 26 5.67 -8.76 7.95
C LEU A 26 6.88 -7.87 7.68
N GLY A 27 6.73 -6.57 7.89
CA GLY A 27 7.81 -5.64 7.66
C GLY A 27 7.33 -4.21 7.57
N VAL A 28 7.89 -3.46 6.61
CA VAL A 28 7.51 -2.07 6.42
C VAL A 28 7.59 -1.68 4.94
N PHE A 29 6.71 -0.76 4.54
CA PHE A 29 6.67 -0.32 3.15
C PHE A 29 6.68 1.21 3.07
N GLN A 30 7.23 1.74 1.98
CA GLN A 30 7.31 3.18 1.80
C GLN A 30 6.40 3.63 0.66
N LEU A 31 5.25 4.20 1.02
CA LEU A 31 4.30 4.67 0.02
C LEU A 31 4.58 6.12 -0.37
N ASN A 32 4.27 6.46 -1.61
CA ASN A 32 4.50 7.81 -2.12
C ASN A 32 3.36 8.23 -3.05
N ILE A 33 2.72 9.35 -2.71
CA ILE A 33 1.62 9.87 -3.52
C ILE A 33 2.09 10.98 -4.44
N LYS A 34 2.03 10.72 -5.75
CA LYS A 34 2.45 11.71 -6.74
C LYS A 34 1.45 12.85 -6.83
N THR A 35 1.96 14.08 -6.78
CA THR A 35 1.11 15.27 -6.85
C THR A 35 1.71 16.31 -7.80
N ALA A 36 0.94 17.35 -8.07
CA ALA A 36 1.39 18.42 -8.97
C ALA A 36 2.36 19.36 -8.25
N SER A 37 2.44 19.21 -6.92
CA SER A 37 3.33 20.06 -6.13
C SER A 37 4.55 19.27 -5.66
N GLY A 38 4.43 17.94 -5.69
CA GLY A 38 5.54 17.10 -5.27
C GLY A 38 5.11 15.65 -5.07
N VAL A 39 5.55 15.06 -3.97
CA VAL A 39 5.22 13.67 -3.67
C VAL A 39 5.05 13.45 -2.18
N GLU A 40 3.84 13.07 -1.76
CA GLU A 40 3.56 12.83 -0.36
C GLU A 40 4.01 11.44 0.07
N GLN A 41 5.06 11.39 0.90
CA GLN A 41 5.58 10.12 1.37
C GLN A 41 4.82 9.62 2.59
N TRP A 42 4.71 8.31 2.74
CA TRP A 42 4.00 7.71 3.86
C TRP A 42 4.67 6.42 4.29
N ILE A 43 4.65 6.15 5.60
CA ILE A 43 5.25 4.94 6.14
C ILE A 43 4.18 3.98 6.66
N VAL A 44 4.30 2.72 6.27
CA VAL A 44 3.34 1.70 6.70
C VAL A 44 4.06 0.44 7.17
N ASP A 45 3.55 -0.16 8.23
CA ASP A 45 4.14 -1.38 8.78
C ASP A 45 3.19 -2.56 8.63
N LEU A 46 3.75 -3.71 8.29
CA LEU A 46 2.95 -4.93 8.11
C LEU A 46 2.83 -5.70 9.41
N LYS A 47 3.96 -5.85 10.11
CA LYS A 47 3.99 -6.57 11.38
C LYS A 47 2.80 -6.18 12.26
N GLN A 48 2.78 -4.91 12.66
CA GLN A 48 1.70 -4.40 13.51
C GLN A 48 0.72 -3.57 12.69
N LEU A 49 -0.17 -2.87 13.38
CA LEU A 49 -1.16 -2.03 12.72
C LEU A 49 -0.94 -0.56 13.06
N LYS A 50 0.14 0.01 12.53
CA LYS A 50 0.46 1.40 12.76
C LYS A 50 0.68 2.14 11.44
N VAL A 51 0.68 3.47 11.50
CA VAL A 51 0.87 4.29 10.31
C VAL A 51 1.61 5.58 10.66
N ASP A 52 2.51 5.99 9.77
CA ASP A 52 3.28 7.22 9.98
C ASP A 52 3.45 7.97 8.67
N GLN A 53 3.72 9.27 8.77
CA GLN A 53 3.91 10.11 7.59
C GLN A 53 5.38 10.44 7.38
N GLY A 54 5.81 10.42 6.13
CA GLY A 54 7.20 10.71 5.80
C GLY A 54 7.90 9.53 5.16
N VAL A 55 9.23 9.54 5.23
CA VAL A 55 10.03 8.46 4.65
C VAL A 55 10.74 7.65 5.73
N PHE A 56 10.40 6.38 5.83
CA PHE A 56 11.01 5.49 6.83
C PHE A 56 12.53 5.54 6.73
N ALA A 57 13.19 5.39 7.87
CA ALA A 57 14.65 5.40 7.92
C ALA A 57 15.25 4.30 7.05
N SER A 58 14.48 3.23 6.86
CA SER A 58 14.93 2.10 6.06
C SER A 58 13.78 1.13 5.80
N PRO A 59 12.89 1.49 4.86
CA PRO A 59 11.73 0.66 4.50
C PRO A 59 12.14 -0.60 3.76
N ASP A 60 11.27 -1.59 3.77
CA ASP A 60 11.53 -2.86 3.09
C ASP A 60 11.40 -2.71 1.58
N VAL A 61 10.38 -1.97 1.16
CA VAL A 61 10.15 -1.75 -0.27
C VAL A 61 9.53 -0.37 -0.51
N THR A 62 9.99 0.30 -1.55
CA THR A 62 9.49 1.62 -1.89
C THR A 62 8.50 1.55 -3.05
N VAL A 63 7.22 1.75 -2.74
CA VAL A 63 6.17 1.71 -3.76
C VAL A 63 5.70 3.11 -4.13
N THR A 64 5.39 3.32 -5.40
CA THR A 64 4.93 4.62 -5.87
C THR A 64 3.57 4.50 -6.55
N VAL A 65 2.65 5.38 -6.16
CA VAL A 65 1.31 5.38 -6.74
C VAL A 65 0.71 6.79 -6.76
N GLY A 66 -0.16 7.03 -7.73
CA GLY A 66 -0.78 8.34 -7.85
C GLY A 66 -1.93 8.52 -6.87
N LEU A 67 -2.40 9.76 -6.75
CA LEU A 67 -3.50 10.06 -5.84
C LEU A 67 -4.79 9.37 -6.28
N GLU A 68 -5.22 9.68 -7.51
CA GLU A 68 -6.43 9.09 -8.05
C GLU A 68 -6.39 7.56 -7.96
N ASP A 69 -5.30 6.98 -8.46
CA ASP A 69 -5.14 5.53 -8.44
C ASP A 69 -5.32 4.99 -7.03
N MET A 70 -4.58 5.55 -6.09
CA MET A 70 -4.65 5.12 -4.69
C MET A 70 -6.04 5.39 -4.12
N LEU A 71 -6.73 6.36 -4.70
CA LEU A 71 -8.07 6.72 -4.24
C LEU A 71 -9.03 5.55 -4.39
N ALA A 72 -9.05 4.94 -5.57
CA ALA A 72 -9.92 3.80 -5.83
C ALA A 72 -9.60 2.64 -4.90
N ILE A 73 -8.33 2.53 -4.51
CA ILE A 73 -7.90 1.46 -3.63
C ILE A 73 -8.26 1.77 -2.18
N SER A 74 -7.70 2.84 -1.64
CA SER A 74 -7.97 3.24 -0.26
C SER A 74 -9.46 3.44 -0.04
N GLY A 75 -10.16 3.86 -1.09
CA GLY A 75 -11.59 4.08 -1.00
C GLY A 75 -12.39 2.79 -1.00
N LYS A 76 -11.68 1.66 -1.08
CA LYS A 76 -12.32 0.35 -1.10
C LYS A 76 -13.15 0.17 -2.36
N THR A 77 -12.50 0.32 -3.52
CA THR A 77 -13.18 0.17 -4.80
C THR A 77 -12.39 -0.72 -5.75
N LEU A 78 -11.16 -0.32 -6.05
CA LEU A 78 -10.30 -1.08 -6.93
C LEU A 78 -9.47 -2.10 -6.15
N THR A 79 -8.82 -3.00 -6.87
CA THR A 79 -7.99 -4.02 -6.25
C THR A 79 -6.55 -3.94 -6.73
N VAL A 80 -5.62 -4.43 -5.92
CA VAL A 80 -4.20 -4.41 -6.27
C VAL A 80 -3.98 -5.00 -7.66
N GLY A 81 -4.56 -6.17 -7.91
CA GLY A 81 -4.42 -6.81 -9.20
C GLY A 81 -4.75 -5.89 -10.35
N ASP A 82 -5.79 -5.09 -10.19
CA ASP A 82 -6.22 -4.15 -11.23
C ASP A 82 -5.14 -3.09 -11.47
N ALA A 83 -4.77 -2.38 -10.41
CA ALA A 83 -3.75 -1.33 -10.52
C ALA A 83 -2.43 -1.91 -11.01
N LEU A 84 -2.14 -3.14 -10.61
CA LEU A 84 -0.91 -3.81 -11.01
C LEU A 84 -0.90 -4.10 -12.51
N LYS A 85 -2.04 -4.57 -13.02
CA LYS A 85 -2.17 -4.88 -14.44
C LYS A 85 -2.06 -3.63 -15.28
N GLN A 86 -2.59 -2.52 -14.78
CA GLN A 86 -2.55 -1.25 -15.50
C GLN A 86 -1.16 -0.64 -15.42
N GLY A 87 -0.53 -0.74 -14.26
CA GLY A 87 0.80 -0.19 -14.09
C GLY A 87 0.79 1.15 -13.38
N LYS A 88 -0.09 1.29 -12.40
CA LYS A 88 -0.21 2.53 -11.64
C LYS A 88 0.69 2.51 -10.42
N ILE A 89 0.87 1.33 -9.83
CA ILE A 89 1.70 1.17 -8.66
C ILE A 89 3.08 0.65 -9.03
N GLU A 90 4.10 1.48 -8.84
CA GLU A 90 5.47 1.10 -9.16
C GLU A 90 6.17 0.51 -7.93
N LEU A 91 7.10 -0.41 -8.17
CA LEU A 91 7.84 -1.05 -7.10
C LEU A 91 9.32 -0.66 -7.13
N SER A 92 10.05 -1.03 -6.09
CA SER A 92 11.47 -0.72 -6.00
C SER A 92 12.11 -1.40 -4.80
N GLY A 93 13.38 -1.74 -4.93
CA GLY A 93 14.09 -2.40 -3.85
C GLY A 93 13.78 -3.88 -3.77
N ASP A 94 13.22 -4.31 -2.65
CA ASP A 94 12.87 -5.71 -2.45
C ASP A 94 11.55 -6.04 -3.14
N ALA A 95 11.55 -6.01 -4.47
CA ALA A 95 10.36 -6.31 -5.24
C ALA A 95 9.65 -7.55 -4.71
N ASP A 96 10.43 -8.52 -4.26
CA ASP A 96 9.88 -9.76 -3.72
C ASP A 96 8.82 -9.46 -2.65
N LEU A 97 9.17 -8.57 -1.72
CA LEU A 97 8.25 -8.20 -0.65
C LEU A 97 6.95 -7.62 -1.21
N ALA A 98 7.09 -6.67 -2.13
CA ALA A 98 5.93 -6.05 -2.75
C ALA A 98 5.13 -7.05 -3.57
N ALA A 99 5.81 -8.07 -4.07
CA ALA A 99 5.16 -9.09 -4.88
C ALA A 99 4.08 -9.80 -4.09
N LYS A 100 4.27 -9.89 -2.77
CA LYS A 100 3.29 -10.54 -1.90
C LYS A 100 1.89 -9.98 -2.13
N LEU A 101 1.81 -8.66 -2.30
CA LEU A 101 0.53 -8.00 -2.53
C LEU A 101 0.06 -8.19 -3.97
N ALA A 102 0.91 -7.79 -4.91
CA ALA A 102 0.59 -7.92 -6.33
C ALA A 102 0.15 -9.35 -6.67
N GLU A 103 0.68 -10.32 -5.92
CA GLU A 103 0.35 -11.72 -6.13
C GLU A 103 -1.16 -11.92 -6.16
N VAL A 104 -1.87 -11.13 -5.37
CA VAL A 104 -3.33 -11.21 -5.29
C VAL A 104 -3.95 -11.09 -6.67
N ILE A 105 -3.23 -10.46 -7.59
CA ILE A 105 -3.71 -10.26 -8.95
C ILE A 105 -4.21 -11.58 -9.55
N HIS A 106 -3.61 -12.68 -9.11
CA HIS A 106 -3.99 -14.00 -9.61
C HIS A 106 -3.52 -15.10 -8.65
N HIS A 107 -4.29 -16.17 -8.56
CA HIS A 107 -3.95 -17.28 -7.68
C HIS A 107 -4.92 -18.44 -7.86
N HIS A 108 -4.40 -19.67 -7.82
CA HIS A 108 -5.23 -20.85 -7.99
C HIS A 108 -5.57 -21.47 -6.64
N HIS A 109 -6.66 -21.01 -6.04
CA HIS A 109 -7.10 -21.52 -4.74
C HIS A 109 -6.06 -21.22 -3.67
N HIS A 110 -5.77 -19.94 -3.47
CA HIS A 110 -4.80 -19.51 -2.48
C HIS A 110 -5.12 -20.12 -1.11
N HIS A 111 -6.28 -19.76 -0.57
CA HIS A 111 -6.70 -20.28 0.73
C HIS A 111 -7.93 -21.17 0.59
N MET A 1 -10.04 15.20 -4.97
CA MET A 1 -9.07 14.24 -4.44
C MET A 1 -8.69 14.60 -3.01
N SER A 2 -8.00 13.68 -2.34
CA SER A 2 -7.59 13.89 -0.96
C SER A 2 -6.74 12.72 -0.46
N VAL A 3 -5.46 12.98 -0.22
CA VAL A 3 -4.55 11.94 0.26
C VAL A 3 -4.90 11.53 1.68
N GLU A 4 -5.41 12.47 2.46
CA GLU A 4 -5.78 12.20 3.85
C GLU A 4 -6.91 11.18 3.91
N THR A 5 -7.87 11.32 2.99
CA THR A 5 -9.01 10.41 2.95
C THR A 5 -8.59 9.00 2.57
N ILE A 6 -7.36 8.87 2.10
CA ILE A 6 -6.82 7.57 1.71
C ILE A 6 -6.25 6.82 2.91
N ILE A 7 -5.31 7.46 3.60
CA ILE A 7 -4.69 6.86 4.78
C ILE A 7 -5.74 6.42 5.79
N GLU A 8 -6.78 7.23 5.95
CA GLU A 8 -7.85 6.93 6.90
C GLU A 8 -8.32 5.49 6.74
N ARG A 9 -8.55 5.08 5.50
CA ARG A 9 -9.00 3.71 5.22
C ARG A 9 -7.91 2.70 5.54
N ILE A 10 -6.66 3.11 5.36
CA ILE A 10 -5.52 2.24 5.64
C ILE A 10 -5.38 1.98 7.14
N LYS A 11 -5.26 3.06 7.90
CA LYS A 11 -5.12 2.96 9.35
C LYS A 11 -6.36 2.34 9.98
N ALA A 12 -7.53 2.81 9.57
CA ALA A 12 -8.79 2.29 10.08
C ALA A 12 -8.84 0.77 9.98
N ARG A 13 -8.38 0.24 8.86
CA ARG A 13 -8.38 -1.20 8.64
C ARG A 13 -7.20 -1.86 9.36
N VAL A 14 -6.03 -1.22 9.28
CA VAL A 14 -4.84 -1.74 9.92
C VAL A 14 -5.09 -2.06 11.39
N GLY A 15 -5.87 -1.19 12.06
CA GLY A 15 -6.17 -1.39 13.46
C GLY A 15 -7.13 -2.54 13.68
N ALA A 16 -7.84 -2.93 12.62
CA ALA A 16 -8.80 -4.03 12.71
C ALA A 16 -8.19 -5.34 12.25
N VAL A 17 -7.26 -5.26 11.30
CA VAL A 17 -6.59 -6.44 10.77
C VAL A 17 -6.00 -7.29 11.89
N ASP A 18 -5.94 -8.59 11.66
CA ASP A 18 -5.40 -9.51 12.66
C ASP A 18 -3.96 -9.90 12.32
N PRO A 19 -3.13 -10.06 13.36
CA PRO A 19 -1.72 -10.44 13.19
C PRO A 19 -1.55 -11.87 12.70
N ASN A 20 -2.39 -12.77 13.22
CA ASN A 20 -2.32 -14.17 12.82
C ASN A 20 -3.03 -14.40 11.50
N GLY A 21 -3.78 -13.39 11.05
CA GLY A 21 -4.51 -13.51 9.79
C GLY A 21 -3.65 -14.09 8.69
N PRO A 22 -4.31 -14.59 7.63
CA PRO A 22 -3.63 -15.18 6.48
C PRO A 22 -2.88 -14.15 5.65
N ARG A 23 -1.75 -13.70 6.18
CA ARG A 23 -0.93 -12.71 5.48
C ARG A 23 0.53 -12.78 5.92
N LYS A 24 1.31 -13.60 5.22
CA LYS A 24 2.72 -13.76 5.54
C LYS A 24 3.51 -12.50 5.23
N VAL A 25 3.52 -11.57 6.18
CA VAL A 25 4.24 -10.31 6.00
C VAL A 25 4.68 -9.74 7.35
N LEU A 26 5.83 -9.07 7.35
CA LEU A 26 6.36 -8.47 8.57
C LEU A 26 7.52 -7.54 8.25
N GLY A 27 7.30 -6.24 8.44
CA GLY A 27 8.34 -5.26 8.17
C GLY A 27 7.78 -3.86 7.98
N VAL A 28 8.28 -3.15 6.97
CA VAL A 28 7.83 -1.80 6.69
C VAL A 28 7.89 -1.49 5.20
N PHE A 29 6.98 -0.64 4.74
CA PHE A 29 6.93 -0.28 3.33
C PHE A 29 6.82 1.24 3.17
N GLN A 30 7.51 1.78 2.17
CA GLN A 30 7.48 3.22 1.91
C GLN A 30 6.67 3.53 0.66
N LEU A 31 5.43 3.95 0.85
CA LEU A 31 4.55 4.29 -0.27
C LEU A 31 4.61 5.78 -0.58
N ASN A 32 4.44 6.12 -1.86
CA ASN A 32 4.47 7.51 -2.28
C ASN A 32 3.28 7.83 -3.18
N ILE A 33 2.54 8.88 -2.83
CA ILE A 33 1.37 9.29 -3.60
C ILE A 33 1.77 10.24 -4.71
N LYS A 34 1.77 9.74 -5.94
CA LYS A 34 2.13 10.56 -7.10
C LYS A 34 0.98 11.50 -7.48
N THR A 35 1.10 12.76 -7.08
CA THR A 35 0.08 13.76 -7.37
C THR A 35 0.66 14.95 -8.14
N ALA A 36 -0.20 15.72 -8.77
CA ALA A 36 0.23 16.88 -9.53
C ALA A 36 0.93 17.90 -8.64
N SER A 37 0.53 17.93 -7.37
CA SER A 37 1.11 18.86 -6.41
C SER A 37 2.52 18.42 -6.01
N GLY A 38 2.81 17.14 -6.23
CA GLY A 38 4.12 16.61 -5.89
C GLY A 38 4.08 15.13 -5.57
N VAL A 39 4.60 14.76 -4.41
CA VAL A 39 4.62 13.36 -3.99
C VAL A 39 4.53 13.23 -2.48
N GLU A 40 3.42 12.65 -2.00
CA GLU A 40 3.21 12.47 -0.58
C GLU A 40 3.74 11.12 -0.11
N GLN A 41 4.81 11.16 0.68
CA GLN A 41 5.42 9.94 1.19
C GLN A 41 4.76 9.49 2.49
N TRP A 42 4.46 8.20 2.59
CA TRP A 42 3.82 7.66 3.79
C TRP A 42 4.55 6.42 4.27
N ILE A 43 4.53 6.19 5.58
CA ILE A 43 5.19 5.04 6.18
C ILE A 43 4.17 4.04 6.71
N VAL A 44 4.37 2.76 6.36
CA VAL A 44 3.47 1.71 6.80
C VAL A 44 4.25 0.51 7.33
N ASP A 45 3.77 -0.04 8.45
CA ASP A 45 4.43 -1.20 9.06
C ASP A 45 3.55 -2.44 8.95
N LEU A 46 4.19 -3.59 8.73
CA LEU A 46 3.46 -4.85 8.60
C LEU A 46 3.42 -5.59 9.94
N LYS A 47 4.56 -5.64 10.62
CA LYS A 47 4.66 -6.31 11.90
C LYS A 47 3.46 -5.98 12.78
N GLN A 48 3.33 -4.71 13.15
CA GLN A 48 2.23 -4.26 14.00
C GLN A 48 1.20 -3.50 13.17
N LEU A 49 0.26 -2.86 13.85
CA LEU A 49 -0.79 -2.09 13.19
C LEU A 49 -0.65 -0.60 13.46
N LYS A 50 0.38 0.01 12.86
CA LYS A 50 0.63 1.43 13.03
C LYS A 50 0.84 2.11 11.69
N VAL A 51 0.78 3.44 11.68
CA VAL A 51 0.96 4.21 10.45
C VAL A 51 1.61 5.56 10.75
N ASP A 52 2.51 5.98 9.86
CA ASP A 52 3.20 7.26 10.03
C ASP A 52 3.32 7.98 8.69
N GLN A 53 3.53 9.30 8.76
CA GLN A 53 3.67 10.11 7.55
C GLN A 53 5.11 10.52 7.34
N GLY A 54 5.54 10.54 6.08
CA GLY A 54 6.91 10.91 5.76
C GLY A 54 7.73 9.75 5.24
N VAL A 55 9.04 9.84 5.40
CA VAL A 55 9.94 8.78 4.94
C VAL A 55 10.55 8.03 6.12
N PHE A 56 10.33 6.72 6.15
CA PHE A 56 10.85 5.88 7.22
C PHE A 56 12.37 5.99 7.30
N ALA A 57 12.91 5.89 8.51
CA ALA A 57 14.34 5.97 8.73
C ALA A 57 15.08 4.90 7.93
N SER A 58 14.38 3.81 7.63
CA SER A 58 14.98 2.71 6.87
C SER A 58 13.92 1.69 6.48
N PRO A 59 13.11 2.02 5.47
CA PRO A 59 12.05 1.14 4.98
C PRO A 59 12.59 -0.09 4.26
N ASP A 60 11.78 -1.14 4.21
CA ASP A 60 12.18 -2.38 3.55
C ASP A 60 12.11 -2.24 2.03
N VAL A 61 11.04 -1.62 1.55
CA VAL A 61 10.85 -1.41 0.12
C VAL A 61 10.11 -0.11 -0.16
N THR A 62 10.36 0.47 -1.32
CA THR A 62 9.72 1.71 -1.72
C THR A 62 8.76 1.51 -2.89
N VAL A 63 7.48 1.67 -2.64
CA VAL A 63 6.46 1.50 -3.66
C VAL A 63 5.87 2.84 -4.09
N THR A 64 5.49 2.95 -5.35
CA THR A 64 4.91 4.18 -5.88
C THR A 64 3.54 3.91 -6.49
N VAL A 65 2.58 4.79 -6.17
CA VAL A 65 1.23 4.66 -6.70
C VAL A 65 0.57 6.02 -6.85
N GLY A 66 -0.34 6.13 -7.82
CA GLY A 66 -1.03 7.38 -8.06
C GLY A 66 -2.08 7.67 -7.00
N LEU A 67 -2.27 8.95 -6.70
CA LEU A 67 -3.24 9.36 -5.70
C LEU A 67 -4.65 8.91 -6.08
N GLU A 68 -4.91 8.86 -7.39
CA GLU A 68 -6.22 8.44 -7.89
C GLU A 68 -6.46 6.97 -7.59
N ASP A 69 -5.54 6.12 -8.03
CA ASP A 69 -5.66 4.68 -7.81
C ASP A 69 -5.87 4.37 -6.34
N MET A 70 -4.98 4.88 -5.49
CA MET A 70 -5.08 4.65 -4.05
C MET A 70 -6.47 4.99 -3.55
N LEU A 71 -7.09 6.00 -4.14
CA LEU A 71 -8.43 6.43 -3.75
C LEU A 71 -9.46 5.38 -4.12
N ALA A 72 -9.30 4.79 -5.31
CA ALA A 72 -10.23 3.77 -5.77
C ALA A 72 -10.11 2.49 -4.95
N ILE A 73 -8.87 2.11 -4.65
CA ILE A 73 -8.62 0.90 -3.86
C ILE A 73 -8.94 1.14 -2.39
N SER A 74 -8.20 2.06 -1.76
CA SER A 74 -8.41 2.37 -0.36
C SER A 74 -9.85 2.79 -0.10
N GLY A 75 -10.49 3.33 -1.12
CA GLY A 75 -11.87 3.77 -0.98
C GLY A 75 -12.85 2.62 -1.12
N LYS A 76 -12.34 1.41 -1.21
CA LYS A 76 -13.18 0.22 -1.35
C LYS A 76 -13.96 0.26 -2.66
N THR A 77 -13.24 0.36 -3.78
CA THR A 77 -13.86 0.40 -5.09
C THR A 77 -13.10 -0.48 -6.09
N LEU A 78 -11.83 -0.17 -6.29
CA LEU A 78 -10.99 -0.93 -7.21
C LEU A 78 -10.28 -2.07 -6.49
N THR A 79 -9.65 -2.95 -7.26
CA THR A 79 -8.93 -4.09 -6.69
C THR A 79 -7.47 -4.08 -7.12
N VAL A 80 -6.61 -4.71 -6.32
CA VAL A 80 -5.18 -4.77 -6.62
C VAL A 80 -4.95 -5.26 -8.05
N GLY A 81 -5.66 -6.32 -8.43
CA GLY A 81 -5.52 -6.87 -9.77
C GLY A 81 -5.73 -5.83 -10.85
N ASP A 82 -6.76 -5.01 -10.68
CA ASP A 82 -7.09 -3.97 -11.64
C ASP A 82 -5.94 -2.96 -11.75
N ALA A 83 -5.54 -2.40 -10.63
CA ALA A 83 -4.46 -1.42 -10.60
C ALA A 83 -3.17 -2.02 -11.16
N LEU A 84 -2.97 -3.31 -10.94
CA LEU A 84 -1.77 -3.99 -11.42
C LEU A 84 -1.79 -4.10 -12.95
N LYS A 85 -2.92 -4.56 -13.49
CA LYS A 85 -3.06 -4.71 -14.94
C LYS A 85 -2.92 -3.36 -15.64
N GLN A 86 -3.50 -2.33 -15.04
CA GLN A 86 -3.43 -0.99 -15.61
C GLN A 86 -2.04 -0.39 -15.45
N GLY A 87 -1.41 -0.68 -14.31
CA GLY A 87 -0.08 -0.16 -14.05
C GLY A 87 -0.09 1.08 -13.17
N LYS A 88 -1.10 1.17 -12.31
CA LYS A 88 -1.23 2.32 -11.41
C LYS A 88 -0.25 2.20 -10.25
N ILE A 89 0.00 0.97 -9.82
CA ILE A 89 0.93 0.72 -8.71
C ILE A 89 2.25 0.16 -9.21
N GLU A 90 3.32 0.94 -9.04
CA GLU A 90 4.64 0.53 -9.48
C GLU A 90 5.39 -0.15 -8.33
N LEU A 91 6.22 -1.13 -8.69
CA LEU A 91 7.00 -1.87 -7.70
C LEU A 91 8.49 -1.71 -7.96
N SER A 92 9.27 -1.58 -6.88
CA SER A 92 10.71 -1.42 -6.99
C SER A 92 11.40 -1.77 -5.67
N GLY A 93 12.54 -2.44 -5.76
CA GLY A 93 13.28 -2.82 -4.58
C GLY A 93 12.72 -4.06 -3.93
N ASP A 94 13.61 -4.90 -3.38
CA ASP A 94 13.19 -6.13 -2.73
C ASP A 94 12.09 -6.84 -3.52
N ALA A 95 12.51 -7.68 -4.46
CA ALA A 95 11.57 -8.42 -5.30
C ALA A 95 10.69 -9.33 -4.46
N ASP A 96 11.26 -9.86 -3.38
CA ASP A 96 10.53 -10.75 -2.48
C ASP A 96 9.46 -9.99 -1.70
N LEU A 97 9.90 -8.97 -0.98
CA LEU A 97 8.98 -8.15 -0.18
C LEU A 97 7.90 -7.53 -1.05
N ALA A 98 8.31 -6.91 -2.15
CA ALA A 98 7.38 -6.27 -3.08
C ALA A 98 6.35 -7.28 -3.58
N ALA A 99 6.74 -8.55 -3.64
CA ALA A 99 5.85 -9.60 -4.10
C ALA A 99 4.72 -9.85 -3.09
N LYS A 100 5.03 -9.71 -1.82
CA LYS A 100 4.06 -9.92 -0.76
C LYS A 100 2.84 -9.02 -0.97
N LEU A 101 3.08 -7.76 -1.30
CA LEU A 101 1.99 -6.81 -1.54
C LEU A 101 1.03 -7.34 -2.58
N ALA A 102 1.57 -7.88 -3.67
CA ALA A 102 0.74 -8.42 -4.75
C ALA A 102 0.10 -9.74 -4.33
N GLU A 103 0.82 -10.52 -3.54
CA GLU A 103 0.32 -11.80 -3.07
C GLU A 103 -1.04 -11.66 -2.42
N VAL A 104 -1.29 -10.49 -1.83
CA VAL A 104 -2.55 -10.21 -1.18
C VAL A 104 -3.72 -10.36 -2.13
N ILE A 105 -3.43 -10.27 -3.43
CA ILE A 105 -4.47 -10.38 -4.45
C ILE A 105 -5.28 -11.66 -4.26
N HIS A 106 -4.65 -12.69 -3.70
CA HIS A 106 -5.33 -13.96 -3.45
C HIS A 106 -5.57 -14.70 -4.75
N HIS A 107 -6.46 -14.17 -5.58
CA HIS A 107 -6.79 -14.79 -6.85
C HIS A 107 -7.69 -13.88 -7.69
N HIS A 108 -7.12 -13.29 -8.73
CA HIS A 108 -7.87 -12.41 -9.61
C HIS A 108 -7.20 -12.30 -10.98
N HIS A 109 -7.68 -13.08 -11.94
CA HIS A 109 -7.12 -13.07 -13.29
C HIS A 109 -5.62 -13.37 -13.26
N HIS A 110 -5.21 -14.18 -12.29
CA HIS A 110 -3.79 -14.54 -12.16
C HIS A 110 -2.92 -13.29 -12.07
N HIS A 111 -2.72 -12.80 -10.86
CA HIS A 111 -1.90 -11.61 -10.63
C HIS A 111 -2.50 -10.40 -11.36
N MET A 1 -10.87 15.27 -3.98
CA MET A 1 -9.58 14.62 -3.86
C MET A 1 -8.80 15.17 -2.66
N SER A 2 -8.01 14.31 -2.03
CA SER A 2 -7.22 14.70 -0.87
C SER A 2 -6.39 13.54 -0.36
N VAL A 3 -5.07 13.64 -0.50
CA VAL A 3 -4.17 12.59 -0.05
C VAL A 3 -4.42 12.24 1.41
N GLU A 4 -4.78 13.24 2.20
CA GLU A 4 -5.05 13.03 3.62
C GLU A 4 -6.27 12.14 3.82
N THR A 5 -7.28 12.32 2.97
CA THR A 5 -8.49 11.53 3.05
C THR A 5 -8.23 10.06 2.70
N ILE A 6 -7.05 9.81 2.13
CA ILE A 6 -6.67 8.45 1.76
C ILE A 6 -6.08 7.69 2.95
N ILE A 7 -5.05 8.27 3.54
CA ILE A 7 -4.40 7.65 4.70
C ILE A 7 -5.33 7.61 5.90
N GLU A 8 -6.16 8.64 6.03
CA GLU A 8 -7.10 8.71 7.15
C GLU A 8 -7.85 7.39 7.33
N ARG A 9 -8.26 6.80 6.22
CA ARG A 9 -8.98 5.53 6.25
C ARG A 9 -8.07 4.40 6.70
N ILE A 10 -6.81 4.45 6.27
CA ILE A 10 -5.84 3.42 6.63
C ILE A 10 -5.57 3.42 8.13
N LYS A 11 -5.23 4.59 8.66
CA LYS A 11 -4.95 4.73 10.08
C LYS A 11 -6.21 4.45 10.92
N ALA A 12 -7.33 4.96 10.45
CA ALA A 12 -8.61 4.76 11.15
C ALA A 12 -9.01 3.29 11.15
N ARG A 13 -8.62 2.57 10.09
CA ARG A 13 -8.95 1.16 9.97
C ARG A 13 -7.98 0.31 10.78
N VAL A 14 -6.68 0.48 10.51
CA VAL A 14 -5.65 -0.27 11.21
C VAL A 14 -5.91 -0.28 12.73
N GLY A 15 -6.23 0.89 13.26
CA GLY A 15 -6.49 1.01 14.68
C GLY A 15 -7.48 -0.02 15.18
N ALA A 16 -8.37 -0.46 14.29
CA ALA A 16 -9.38 -1.45 14.65
C ALA A 16 -9.04 -2.81 14.04
N VAL A 17 -8.39 -2.80 12.88
CA VAL A 17 -8.01 -4.03 12.21
C VAL A 17 -7.26 -4.96 13.15
N ASP A 18 -7.44 -6.27 12.95
CA ASP A 18 -6.78 -7.26 13.79
C ASP A 18 -5.55 -7.83 13.08
N PRO A 19 -4.64 -8.42 13.87
CA PRO A 19 -3.40 -9.01 13.36
C PRO A 19 -3.66 -10.27 12.54
N ASN A 20 -4.59 -11.10 13.00
CA ASN A 20 -4.93 -12.33 12.30
C ASN A 20 -5.75 -12.05 11.06
N GLY A 21 -6.27 -10.83 10.96
CA GLY A 21 -7.07 -10.45 9.81
C GLY A 21 -6.38 -10.78 8.49
N PRO A 22 -5.26 -10.10 8.22
CA PRO A 22 -4.49 -10.30 6.99
C PRO A 22 -3.79 -11.65 6.97
N ARG A 23 -2.90 -11.84 5.99
CA ARG A 23 -2.17 -13.09 5.86
C ARG A 23 -0.97 -13.12 6.82
N LYS A 24 -0.40 -14.31 7.00
CA LYS A 24 0.74 -14.49 7.88
C LYS A 24 1.94 -13.72 7.37
N VAL A 25 2.06 -12.46 7.78
CA VAL A 25 3.18 -11.62 7.37
C VAL A 25 3.55 -10.62 8.46
N LEU A 26 4.65 -9.91 8.26
CA LEU A 26 5.13 -8.93 9.23
C LEU A 26 6.29 -8.12 8.66
N GLY A 27 6.13 -6.81 8.60
CA GLY A 27 7.18 -5.95 8.09
C GLY A 27 6.73 -4.52 7.92
N VAL A 28 7.45 -3.76 7.08
CA VAL A 28 7.11 -2.36 6.83
C VAL A 28 7.10 -2.07 5.34
N PHE A 29 6.27 -1.10 4.94
CA PHE A 29 6.16 -0.72 3.54
C PHE A 29 6.29 0.79 3.37
N GLN A 30 6.76 1.23 2.21
CA GLN A 30 6.93 2.64 1.93
C GLN A 30 6.04 3.08 0.77
N LEU A 31 4.96 3.78 1.08
CA LEU A 31 4.03 4.26 0.05
C LEU A 31 4.40 5.67 -0.40
N ASN A 32 4.14 5.96 -1.67
CA ASN A 32 4.44 7.29 -2.22
C ASN A 32 3.35 7.72 -3.20
N ILE A 33 2.86 8.94 -3.02
CA ILE A 33 1.83 9.48 -3.90
C ILE A 33 2.43 10.25 -5.06
N LYS A 34 1.66 10.40 -6.13
CA LYS A 34 2.11 11.11 -7.32
C LYS A 34 1.24 12.35 -7.58
N THR A 35 1.80 13.52 -7.31
CA THR A 35 1.08 14.77 -7.53
C THR A 35 1.93 15.79 -8.25
N ALA A 36 1.31 16.86 -8.74
CA ALA A 36 2.02 17.91 -9.44
C ALA A 36 2.96 18.67 -8.52
N SER A 37 2.66 18.63 -7.22
CA SER A 37 3.47 19.32 -6.22
C SER A 37 4.70 18.50 -5.86
N GLY A 38 4.64 17.20 -6.16
CA GLY A 38 5.76 16.32 -5.85
C GLY A 38 5.31 14.90 -5.59
N VAL A 39 5.72 14.35 -4.45
CA VAL A 39 5.36 12.99 -4.08
C VAL A 39 5.22 12.84 -2.57
N GLU A 40 4.00 12.55 -2.12
CA GLU A 40 3.73 12.38 -0.69
C GLU A 40 4.16 11.00 -0.22
N GLN A 41 5.19 10.96 0.62
CA GLN A 41 5.69 9.69 1.14
C GLN A 41 4.99 9.33 2.45
N TRP A 42 4.64 8.06 2.59
CA TRP A 42 3.97 7.59 3.79
C TRP A 42 4.56 6.26 4.27
N ILE A 43 4.72 6.13 5.58
CA ILE A 43 5.27 4.91 6.16
C ILE A 43 4.18 4.06 6.81
N VAL A 44 4.16 2.77 6.47
CA VAL A 44 3.16 1.87 7.03
C VAL A 44 3.82 0.59 7.56
N ASP A 45 3.35 0.13 8.72
CA ASP A 45 3.90 -1.07 9.34
C ASP A 45 2.84 -2.18 9.39
N LEU A 46 3.18 -3.34 8.85
CA LEU A 46 2.28 -4.48 8.84
C LEU A 46 2.19 -5.12 10.22
N LYS A 47 3.34 -5.41 10.81
CA LYS A 47 3.40 -6.02 12.13
C LYS A 47 2.35 -5.42 13.06
N GLN A 48 2.50 -4.13 13.36
CA GLN A 48 1.56 -3.44 14.23
C GLN A 48 0.59 -2.58 13.42
N LEU A 49 -0.29 -1.88 14.12
CA LEU A 49 -1.28 -1.02 13.47
C LEU A 49 -0.93 0.45 13.66
N LYS A 50 0.20 0.86 13.09
CA LYS A 50 0.65 2.25 13.20
C LYS A 50 0.88 2.86 11.82
N VAL A 51 0.93 4.18 11.77
CA VAL A 51 1.14 4.88 10.50
C VAL A 51 1.97 6.15 10.73
N ASP A 52 2.93 6.39 9.84
CA ASP A 52 3.79 7.56 9.92
C ASP A 52 3.90 8.25 8.57
N GLN A 53 4.25 9.53 8.59
CA GLN A 53 4.40 10.31 7.37
C GLN A 53 5.87 10.51 7.02
N GLY A 54 6.20 10.37 5.74
CA GLY A 54 7.58 10.55 5.31
C GLY A 54 8.16 9.28 4.73
N VAL A 55 9.49 9.18 4.75
CA VAL A 55 10.17 8.01 4.22
C VAL A 55 10.92 7.26 5.33
N PHE A 56 10.53 6.01 5.56
CA PHE A 56 11.16 5.19 6.58
C PHE A 56 12.67 5.17 6.41
N ALA A 57 13.39 5.07 7.53
CA ALA A 57 14.85 5.04 7.51
C ALA A 57 15.36 3.86 6.69
N SER A 58 14.55 2.80 6.64
CA SER A 58 14.92 1.59 5.90
C SER A 58 13.73 0.66 5.75
N PRO A 59 12.80 1.03 4.85
CA PRO A 59 11.60 0.23 4.59
C PRO A 59 11.91 -1.08 3.88
N ASP A 60 11.00 -2.04 3.99
CA ASP A 60 11.17 -3.35 3.36
C ASP A 60 10.88 -3.26 1.86
N VAL A 61 9.88 -2.47 1.50
CA VAL A 61 9.50 -2.30 0.10
C VAL A 61 9.08 -0.86 -0.18
N THR A 62 9.28 -0.43 -1.43
CA THR A 62 8.92 0.92 -1.84
C THR A 62 7.96 0.90 -3.02
N VAL A 63 6.68 1.15 -2.75
CA VAL A 63 5.67 1.17 -3.79
C VAL A 63 5.31 2.59 -4.19
N THR A 64 5.02 2.79 -5.48
CA THR A 64 4.67 4.11 -5.99
C THR A 64 3.30 4.08 -6.67
N VAL A 65 2.41 4.96 -6.22
CA VAL A 65 1.07 5.04 -6.78
C VAL A 65 0.58 6.48 -6.83
N GLY A 66 -0.54 6.69 -7.52
CA GLY A 66 -1.10 8.02 -7.63
C GLY A 66 -2.14 8.31 -6.57
N LEU A 67 -2.60 9.56 -6.51
CA LEU A 67 -3.59 9.96 -5.53
C LEU A 67 -4.92 9.26 -5.78
N GLU A 68 -5.36 9.26 -7.03
CA GLU A 68 -6.61 8.62 -7.41
C GLU A 68 -6.58 7.13 -7.08
N ASP A 69 -5.60 6.43 -7.63
CA ASP A 69 -5.45 4.99 -7.40
C ASP A 69 -5.44 4.68 -5.90
N MET A 70 -4.56 5.36 -5.18
CA MET A 70 -4.45 5.16 -3.74
C MET A 70 -5.78 5.44 -3.04
N LEU A 71 -6.60 6.28 -3.66
CA LEU A 71 -7.90 6.62 -3.10
C LEU A 71 -8.87 5.46 -3.24
N ALA A 72 -8.86 4.81 -4.40
CA ALA A 72 -9.74 3.67 -4.66
C ALA A 72 -9.44 2.52 -3.70
N ILE A 73 -8.17 2.33 -3.38
CA ILE A 73 -7.75 1.26 -2.47
C ILE A 73 -8.07 1.62 -1.03
N SER A 74 -7.45 2.69 -0.54
CA SER A 74 -7.67 3.14 0.83
C SER A 74 -9.15 3.38 1.10
N GLY A 75 -9.86 3.83 0.07
CA GLY A 75 -11.28 4.09 0.21
C GLY A 75 -12.11 2.83 0.22
N LYS A 76 -11.44 1.69 0.07
CA LYS A 76 -12.13 0.40 0.06
C LYS A 76 -13.08 0.30 -1.13
N THR A 77 -12.54 0.48 -2.34
CA THR A 77 -13.33 0.40 -3.55
C THR A 77 -12.73 -0.57 -4.56
N LEU A 78 -11.51 -0.27 -5.00
CA LEU A 78 -10.81 -1.11 -5.96
C LEU A 78 -9.93 -2.14 -5.25
N THR A 79 -9.40 -3.09 -6.01
CA THR A 79 -8.54 -4.12 -5.45
C THR A 79 -7.15 -4.07 -6.06
N VAL A 80 -6.17 -4.57 -5.33
CA VAL A 80 -4.79 -4.58 -5.79
C VAL A 80 -4.69 -5.16 -7.21
N GLY A 81 -5.35 -6.30 -7.40
CA GLY A 81 -5.32 -6.95 -8.71
C GLY A 81 -5.73 -6.01 -9.83
N ASP A 82 -6.78 -5.24 -9.59
CA ASP A 82 -7.28 -4.29 -10.58
C ASP A 82 -6.23 -3.22 -10.89
N ALA A 83 -5.78 -2.53 -9.85
CA ALA A 83 -4.77 -1.49 -10.02
C ALA A 83 -3.51 -2.04 -10.67
N LEU A 84 -3.19 -3.29 -10.37
CA LEU A 84 -2.01 -3.93 -10.94
C LEU A 84 -2.16 -4.14 -12.43
N LYS A 85 -3.34 -4.61 -12.84
CA LYS A 85 -3.61 -4.86 -14.25
C LYS A 85 -3.54 -3.57 -15.06
N GLN A 86 -3.94 -2.46 -14.44
CA GLN A 86 -3.91 -1.16 -15.09
C GLN A 86 -2.50 -0.65 -15.24
N GLY A 87 -1.70 -0.83 -14.19
CA GLY A 87 -0.32 -0.39 -14.22
C GLY A 87 -0.11 0.92 -13.48
N LYS A 88 -1.04 1.24 -12.58
CA LYS A 88 -0.96 2.47 -11.80
C LYS A 88 0.04 2.32 -10.66
N ILE A 89 0.14 1.12 -10.11
CA ILE A 89 1.05 0.84 -9.01
C ILE A 89 2.44 0.47 -9.53
N GLU A 90 3.48 0.88 -8.80
CA GLU A 90 4.84 0.59 -9.19
C GLU A 90 5.56 -0.22 -8.11
N LEU A 91 6.47 -1.09 -8.53
CA LEU A 91 7.22 -1.93 -7.59
C LEU A 91 8.71 -1.57 -7.62
N SER A 92 9.35 -1.68 -6.46
CA SER A 92 10.77 -1.36 -6.34
C SER A 92 11.29 -1.71 -4.96
N GLY A 93 12.19 -2.69 -4.89
CA GLY A 93 12.75 -3.11 -3.62
C GLY A 93 12.67 -4.61 -3.42
N ASP A 94 11.74 -5.04 -2.57
CA ASP A 94 11.56 -6.46 -2.28
C ASP A 94 10.27 -6.98 -2.88
N ALA A 95 10.27 -7.22 -4.18
CA ALA A 95 9.09 -7.72 -4.89
C ALA A 95 8.43 -8.84 -4.09
N ASP A 96 9.24 -9.67 -3.45
CA ASP A 96 8.72 -10.79 -2.65
C ASP A 96 7.71 -10.29 -1.63
N LEU A 97 8.07 -9.26 -0.89
CA LEU A 97 7.19 -8.69 0.12
C LEU A 97 5.94 -8.08 -0.51
N ALA A 98 6.15 -7.11 -1.40
CA ALA A 98 5.04 -6.45 -2.07
C ALA A 98 4.12 -7.47 -2.74
N ALA A 99 4.68 -8.62 -3.10
CA ALA A 99 3.91 -9.67 -3.75
C ALA A 99 2.79 -10.17 -2.84
N LYS A 100 3.03 -10.11 -1.53
CA LYS A 100 2.05 -10.56 -0.56
C LYS A 100 0.69 -9.91 -0.81
N LEU A 101 0.72 -8.71 -1.37
CA LEU A 101 -0.51 -7.96 -1.67
C LEU A 101 -1.19 -8.53 -2.91
N ALA A 102 -0.44 -8.65 -3.99
CA ALA A 102 -0.97 -9.17 -5.25
C ALA A 102 -1.66 -10.50 -5.03
N GLU A 103 -1.21 -11.25 -4.02
CA GLU A 103 -1.79 -12.55 -3.70
C GLU A 103 -3.31 -12.44 -3.56
N VAL A 104 -3.78 -11.26 -3.18
CA VAL A 104 -5.21 -11.03 -3.00
C VAL A 104 -5.98 -11.37 -4.27
N ILE A 105 -5.30 -11.32 -5.40
CA ILE A 105 -5.92 -11.63 -6.68
C ILE A 105 -5.94 -13.13 -6.94
N HIS A 106 -4.99 -13.84 -6.32
CA HIS A 106 -4.90 -15.29 -6.48
C HIS A 106 -4.58 -15.66 -7.92
N HIS A 107 -4.68 -16.96 -8.24
CA HIS A 107 -4.40 -17.43 -9.58
C HIS A 107 -3.01 -17.01 -10.03
N HIS A 108 -2.01 -17.83 -9.73
CA HIS A 108 -0.63 -17.53 -10.11
C HIS A 108 -0.15 -18.49 -11.20
N HIS A 109 0.13 -17.95 -12.38
CA HIS A 109 0.60 -18.76 -13.50
C HIS A 109 1.55 -17.95 -14.39
N HIS A 110 2.25 -18.65 -15.28
CA HIS A 110 3.19 -18.00 -16.18
C HIS A 110 3.43 -18.86 -17.42
N HIS A 111 4.02 -20.03 -17.21
CA HIS A 111 4.32 -20.95 -18.30
C HIS A 111 3.29 -22.09 -18.35
N MET A 1 -10.54 14.64 -3.02
CA MET A 1 -9.17 15.01 -3.35
C MET A 1 -8.39 15.42 -2.10
N SER A 2 -7.70 14.45 -1.50
CA SER A 2 -6.92 14.72 -0.29
C SER A 2 -6.18 13.46 0.16
N VAL A 3 -4.85 13.50 0.06
CA VAL A 3 -4.02 12.37 0.45
C VAL A 3 -4.37 11.91 1.86
N GLU A 4 -4.67 12.86 2.74
CA GLU A 4 -5.01 12.54 4.12
C GLU A 4 -6.27 11.67 4.18
N THR A 5 -7.24 11.98 3.33
CA THR A 5 -8.49 11.23 3.29
C THR A 5 -8.26 9.80 2.81
N ILE A 6 -7.07 9.56 2.25
CA ILE A 6 -6.72 8.24 1.74
C ILE A 6 -6.18 7.35 2.85
N ILE A 7 -5.14 7.84 3.53
CA ILE A 7 -4.52 7.09 4.62
C ILE A 7 -5.52 6.87 5.76
N GLU A 8 -6.32 7.89 6.03
CA GLU A 8 -7.31 7.81 7.11
C GLU A 8 -8.09 6.49 7.03
N ARG A 9 -8.51 6.13 5.83
CA ARG A 9 -9.26 4.89 5.62
C ARG A 9 -8.40 3.68 5.94
N ILE A 10 -7.10 3.79 5.68
CA ILE A 10 -6.17 2.69 5.94
C ILE A 10 -5.99 2.47 7.43
N LYS A 11 -5.82 3.55 8.17
CA LYS A 11 -5.64 3.47 9.62
C LYS A 11 -6.94 3.09 10.31
N ALA A 12 -8.05 3.69 9.85
CA ALA A 12 -9.36 3.40 10.42
C ALA A 12 -9.75 1.94 10.20
N ARG A 13 -9.28 1.36 9.10
CA ARG A 13 -9.58 -0.02 8.76
C ARG A 13 -8.68 -0.97 9.54
N VAL A 14 -7.37 -0.78 9.40
CA VAL A 14 -6.40 -1.62 10.09
C VAL A 14 -6.77 -1.81 11.56
N GLY A 15 -7.12 -0.70 12.22
CA GLY A 15 -7.49 -0.76 13.62
C GLY A 15 -8.57 -1.80 13.89
N ALA A 16 -9.40 -2.06 12.89
CA ALA A 16 -10.48 -3.03 13.02
C ALA A 16 -10.10 -4.35 12.39
N VAL A 17 -9.31 -4.30 11.32
CA VAL A 17 -8.88 -5.50 10.62
C VAL A 17 -8.15 -6.45 11.56
N ASP A 18 -8.18 -7.73 11.24
CA ASP A 18 -7.52 -8.75 12.06
C ASP A 18 -6.18 -9.13 11.46
N PRO A 19 -5.29 -9.68 12.30
CA PRO A 19 -3.95 -10.10 11.88
C PRO A 19 -3.99 -11.33 10.96
N ASN A 20 -4.86 -12.28 11.30
CA ASN A 20 -5.00 -13.49 10.51
C ASN A 20 -5.65 -13.20 9.16
N GLY A 21 -6.25 -12.02 9.04
CA GLY A 21 -6.91 -11.64 7.81
C GLY A 21 -6.02 -11.82 6.60
N PRO A 22 -4.97 -11.00 6.50
CA PRO A 22 -4.01 -11.06 5.39
C PRO A 22 -3.15 -12.32 5.42
N ARG A 23 -2.27 -12.44 4.45
CA ARG A 23 -1.38 -13.60 4.37
C ARG A 23 -0.36 -13.58 5.49
N LYS A 24 0.22 -14.74 5.79
CA LYS A 24 1.22 -14.85 6.85
C LYS A 24 2.49 -14.08 6.50
N VAL A 25 2.51 -12.79 6.84
CA VAL A 25 3.66 -11.94 6.56
C VAL A 25 3.79 -10.83 7.59
N LEU A 26 4.88 -10.08 7.50
CA LEU A 26 5.11 -8.97 8.43
C LEU A 26 6.35 -8.18 8.03
N GLY A 27 6.17 -6.88 7.84
CA GLY A 27 7.28 -6.02 7.44
C GLY A 27 6.90 -4.57 7.36
N VAL A 28 7.53 -3.84 6.44
CA VAL A 28 7.24 -2.42 6.25
C VAL A 28 7.39 -2.02 4.80
N PHE A 29 6.64 -1.00 4.39
CA PHE A 29 6.68 -0.51 3.02
C PHE A 29 6.67 1.02 2.98
N GLN A 30 7.27 1.58 1.95
CA GLN A 30 7.33 3.04 1.79
C GLN A 30 6.46 3.49 0.62
N LEU A 31 5.29 4.04 0.94
CA LEU A 31 4.37 4.52 -0.08
C LEU A 31 4.64 5.99 -0.42
N ASN A 32 4.39 6.35 -1.66
CA ASN A 32 4.60 7.72 -2.11
C ASN A 32 3.50 8.16 -3.07
N ILE A 33 2.88 9.29 -2.76
CA ILE A 33 1.80 9.82 -3.59
C ILE A 33 2.33 10.85 -4.59
N LYS A 34 2.34 10.47 -5.86
CA LYS A 34 2.82 11.37 -6.91
C LYS A 34 1.84 12.50 -7.16
N THR A 35 2.28 13.73 -6.93
CA THR A 35 1.43 14.91 -7.13
C THR A 35 2.18 16.01 -7.86
N ALA A 36 1.44 16.91 -8.49
CA ALA A 36 2.04 18.03 -9.21
C ALA A 36 2.83 18.93 -8.27
N SER A 37 2.48 18.91 -6.99
CA SER A 37 3.16 19.72 -6.00
C SER A 37 4.41 19.02 -5.48
N GLY A 38 4.52 17.73 -5.77
CA GLY A 38 5.67 16.97 -5.31
C GLY A 38 5.35 15.50 -5.12
N VAL A 39 5.70 14.97 -3.95
CA VAL A 39 5.44 13.57 -3.64
C VAL A 39 5.24 13.36 -2.14
N GLU A 40 4.05 12.92 -1.76
CA GLU A 40 3.73 12.69 -0.36
C GLU A 40 4.17 11.30 0.07
N GLN A 41 5.19 11.25 0.93
CA GLN A 41 5.72 9.98 1.42
C GLN A 41 4.93 9.50 2.64
N TRP A 42 4.76 8.19 2.73
CA TRP A 42 4.02 7.59 3.84
C TRP A 42 4.66 6.27 4.28
N ILE A 43 4.57 5.99 5.57
CA ILE A 43 5.13 4.76 6.11
C ILE A 43 4.04 3.80 6.57
N VAL A 44 4.12 2.56 6.11
CA VAL A 44 3.13 1.55 6.49
C VAL A 44 3.81 0.28 6.98
N ASP A 45 3.22 -0.35 8.00
CA ASP A 45 3.77 -1.57 8.57
C ASP A 45 2.78 -2.72 8.43
N LEU A 46 3.30 -3.91 8.13
CA LEU A 46 2.46 -5.09 7.97
C LEU A 46 2.34 -5.86 9.28
N LYS A 47 3.45 -5.96 9.99
CA LYS A 47 3.48 -6.67 11.27
C LYS A 47 2.26 -6.31 12.11
N GLN A 48 2.18 -5.05 12.52
CA GLN A 48 1.05 -4.58 13.33
C GLN A 48 0.14 -3.67 12.52
N LEU A 49 -0.76 -2.99 13.22
CA LEU A 49 -1.70 -2.09 12.56
C LEU A 49 -1.39 -0.62 12.91
N LYS A 50 -0.28 -0.12 12.38
CA LYS A 50 0.13 1.25 12.63
C LYS A 50 0.38 2.00 11.33
N VAL A 51 0.37 3.32 11.39
CA VAL A 51 0.59 4.15 10.22
C VAL A 51 1.34 5.43 10.57
N ASP A 52 2.33 5.76 9.76
CA ASP A 52 3.13 6.96 9.99
C ASP A 52 3.32 7.74 8.70
N GLN A 53 3.56 9.05 8.83
CA GLN A 53 3.76 9.90 7.66
C GLN A 53 5.24 10.22 7.47
N GLY A 54 5.68 10.25 6.22
CA GLY A 54 7.07 10.54 5.92
C GLY A 54 7.80 9.37 5.31
N VAL A 55 9.13 9.36 5.41
CA VAL A 55 9.94 8.29 4.86
C VAL A 55 10.62 7.48 5.97
N PHE A 56 10.28 6.20 6.04
CA PHE A 56 10.86 5.33 7.06
C PHE A 56 12.38 5.41 7.04
N ALA A 57 13.00 5.25 8.21
CA ALA A 57 14.45 5.30 8.32
C ALA A 57 15.10 4.22 7.47
N SER A 58 14.37 3.15 7.21
CA SER A 58 14.87 2.05 6.40
C SER A 58 13.77 1.06 6.06
N PRO A 59 12.90 1.45 5.11
CA PRO A 59 11.78 0.61 4.67
C PRO A 59 12.24 -0.62 3.89
N ASP A 60 11.40 -1.64 3.87
CA ASP A 60 11.72 -2.88 3.16
C ASP A 60 11.72 -2.64 1.64
N VAL A 61 10.71 -1.93 1.17
CA VAL A 61 10.59 -1.64 -0.26
C VAL A 61 9.94 -0.28 -0.49
N THR A 62 10.28 0.35 -1.62
CA THR A 62 9.73 1.65 -1.95
C THR A 62 8.76 1.55 -3.12
N VAL A 63 7.49 1.84 -2.87
CA VAL A 63 6.47 1.77 -3.91
C VAL A 63 5.98 3.17 -4.28
N THR A 64 5.60 3.35 -5.54
CA THR A 64 5.11 4.63 -6.03
C THR A 64 3.72 4.51 -6.61
N VAL A 65 2.84 5.44 -6.25
CA VAL A 65 1.47 5.43 -6.74
C VAL A 65 0.91 6.84 -6.81
N GLY A 66 -0.01 7.07 -7.76
CA GLY A 66 -0.60 8.38 -7.91
C GLY A 66 -1.68 8.65 -6.87
N LEU A 67 -2.10 9.90 -6.77
CA LEU A 67 -3.13 10.29 -5.81
C LEU A 67 -4.47 9.64 -6.15
N GLU A 68 -5.00 9.98 -7.33
CA GLU A 68 -6.27 9.44 -7.78
C GLU A 68 -6.27 7.91 -7.72
N ASP A 69 -5.15 7.31 -8.13
CA ASP A 69 -5.01 5.86 -8.11
C ASP A 69 -5.36 5.30 -6.74
N MET A 70 -4.64 5.76 -5.71
CA MET A 70 -4.86 5.30 -4.35
C MET A 70 -6.26 5.67 -3.88
N LEU A 71 -6.75 6.83 -4.33
CA LEU A 71 -8.08 7.29 -3.95
C LEU A 71 -9.14 6.25 -4.27
N ALA A 72 -8.96 5.55 -5.39
CA ALA A 72 -9.89 4.53 -5.81
C ALA A 72 -9.75 3.27 -4.95
N ILE A 73 -8.52 2.97 -4.55
CA ILE A 73 -8.26 1.81 -3.72
C ILE A 73 -8.70 2.03 -2.29
N SER A 74 -8.06 2.99 -1.62
CA SER A 74 -8.40 3.31 -0.24
C SER A 74 -9.88 3.64 -0.09
N GLY A 75 -10.46 4.20 -1.15
CA GLY A 75 -11.86 4.56 -1.12
C GLY A 75 -12.77 3.35 -1.27
N LYS A 76 -12.17 2.18 -1.43
CA LYS A 76 -12.93 0.95 -1.58
C LYS A 76 -13.74 0.96 -2.88
N THR A 77 -13.05 1.15 -4.00
CA THR A 77 -13.70 1.20 -5.30
C THR A 77 -12.98 0.31 -6.31
N LEU A 78 -11.71 0.62 -6.55
CA LEU A 78 -10.91 -0.15 -7.50
C LEU A 78 -10.26 -1.34 -6.81
N THR A 79 -9.68 -2.23 -7.60
CA THR A 79 -9.02 -3.42 -7.07
C THR A 79 -7.53 -3.43 -7.42
N VAL A 80 -6.73 -4.07 -6.57
CA VAL A 80 -5.29 -4.15 -6.79
C VAL A 80 -4.98 -4.64 -8.21
N GLY A 81 -5.79 -5.56 -8.71
CA GLY A 81 -5.59 -6.09 -10.04
C GLY A 81 -5.72 -5.03 -11.11
N ASP A 82 -6.76 -4.21 -11.02
CA ASP A 82 -7.00 -3.15 -11.99
C ASP A 82 -5.83 -2.18 -12.02
N ALA A 83 -5.43 -1.70 -10.84
CA ALA A 83 -4.32 -0.76 -10.74
C ALA A 83 -3.03 -1.37 -11.29
N LEU A 84 -2.87 -2.68 -11.10
CA LEU A 84 -1.69 -3.39 -11.57
C LEU A 84 -1.68 -3.48 -13.09
N LYS A 85 -2.78 -3.95 -13.66
CA LYS A 85 -2.90 -4.08 -15.11
C LYS A 85 -2.73 -2.73 -15.80
N GLN A 86 -3.37 -1.70 -15.23
CA GLN A 86 -3.29 -0.36 -15.79
C GLN A 86 -1.90 0.24 -15.57
N GLY A 87 -1.30 -0.09 -14.44
CA GLY A 87 0.03 0.44 -14.13
C GLY A 87 -0.02 1.67 -13.26
N LYS A 88 -1.03 1.75 -12.39
CA LYS A 88 -1.18 2.89 -11.50
C LYS A 88 -0.20 2.81 -10.34
N ILE A 89 0.09 1.58 -9.91
CA ILE A 89 1.02 1.37 -8.80
C ILE A 89 2.34 0.81 -9.30
N GLU A 90 3.40 1.61 -9.22
CA GLU A 90 4.72 1.19 -9.66
C GLU A 90 5.51 0.57 -8.52
N LEU A 91 6.37 -0.38 -8.84
CA LEU A 91 7.18 -1.05 -7.82
C LEU A 91 8.67 -0.74 -8.04
N SER A 92 9.47 -1.05 -7.03
CA SER A 92 10.91 -0.81 -7.09
C SER A 92 11.62 -1.39 -5.89
N GLY A 93 12.40 -2.44 -6.10
CA GLY A 93 13.12 -3.08 -5.02
C GLY A 93 12.41 -4.29 -4.47
N ASP A 94 13.16 -5.27 -4.00
CA ASP A 94 12.59 -6.49 -3.44
C ASP A 94 11.40 -6.95 -4.27
N ALA A 95 11.69 -7.66 -5.36
CA ALA A 95 10.64 -8.16 -6.25
C ALA A 95 9.68 -9.09 -5.50
N ASP A 96 10.22 -9.82 -4.53
CA ASP A 96 9.41 -10.75 -3.74
C ASP A 96 8.46 -9.98 -2.82
N LEU A 97 9.02 -9.08 -2.02
CA LEU A 97 8.22 -8.29 -1.09
C LEU A 97 7.10 -7.55 -1.82
N ALA A 98 7.48 -6.75 -2.82
CA ALA A 98 6.51 -6.00 -3.61
C ALA A 98 5.42 -6.92 -4.16
N ALA A 99 5.77 -8.18 -4.39
CA ALA A 99 4.83 -9.15 -4.92
C ALA A 99 3.83 -9.57 -3.86
N LYS A 100 4.26 -9.56 -2.60
CA LYS A 100 3.40 -9.94 -1.48
C LYS A 100 2.09 -9.15 -1.51
N LEU A 101 2.21 -7.83 -1.61
CA LEU A 101 1.03 -6.96 -1.65
C LEU A 101 0.09 -7.37 -2.78
N ALA A 102 0.63 -8.06 -3.77
CA ALA A 102 -0.17 -8.52 -4.91
C ALA A 102 -1.07 -9.68 -4.51
N GLU A 103 -0.64 -10.45 -3.52
CA GLU A 103 -1.40 -11.60 -3.04
C GLU A 103 -2.85 -11.20 -2.75
N VAL A 104 -3.03 -9.96 -2.27
CA VAL A 104 -4.34 -9.45 -1.94
C VAL A 104 -5.30 -9.60 -3.12
N ILE A 105 -4.75 -9.68 -4.32
CA ILE A 105 -5.55 -9.82 -5.52
C ILE A 105 -6.57 -10.95 -5.38
N HIS A 106 -6.19 -11.98 -4.61
CA HIS A 106 -7.07 -13.12 -4.39
C HIS A 106 -6.41 -14.14 -3.46
N HIS A 107 -5.36 -14.78 -3.96
CA HIS A 107 -4.64 -15.79 -3.18
C HIS A 107 -3.36 -16.22 -3.90
N HIS A 108 -2.64 -15.25 -4.44
CA HIS A 108 -1.41 -15.53 -5.16
C HIS A 108 -0.47 -16.39 -4.31
N HIS A 109 -0.02 -17.50 -4.88
CA HIS A 109 0.89 -18.41 -4.17
C HIS A 109 1.52 -19.41 -5.14
N HIS A 110 2.74 -19.83 -4.84
CA HIS A 110 3.46 -20.77 -5.67
C HIS A 110 2.63 -22.03 -5.90
N HIS A 111 2.32 -22.31 -7.16
CA HIS A 111 1.52 -23.48 -7.50
C HIS A 111 2.36 -24.76 -7.42
N MET A 1 -11.15 13.96 -4.10
CA MET A 1 -9.95 13.22 -3.71
C MET A 1 -9.41 13.73 -2.37
N SER A 2 -8.68 12.86 -1.68
CA SER A 2 -8.11 13.22 -0.39
C SER A 2 -7.17 12.12 0.12
N VAL A 3 -5.87 12.41 0.10
CA VAL A 3 -4.88 11.44 0.56
C VAL A 3 -5.19 10.96 1.97
N GLU A 4 -5.65 11.86 2.82
CA GLU A 4 -5.99 11.52 4.20
C GLU A 4 -7.12 10.49 4.24
N THR A 5 -8.04 10.60 3.29
CA THR A 5 -9.18 9.68 3.22
C THR A 5 -8.74 8.29 2.78
N ILE A 6 -7.51 8.21 2.27
CA ILE A 6 -6.96 6.93 1.83
C ILE A 6 -6.36 6.15 2.98
N ILE A 7 -5.43 6.78 3.69
CA ILE A 7 -4.77 6.15 4.82
C ILE A 7 -5.75 5.84 5.93
N GLU A 8 -6.77 6.69 6.06
CA GLU A 8 -7.80 6.51 7.09
C GLU A 8 -8.29 5.06 7.11
N ARG A 9 -8.48 4.49 5.92
CA ARG A 9 -8.96 3.12 5.81
C ARG A 9 -7.88 2.13 6.23
N ILE A 10 -6.63 2.46 5.92
CA ILE A 10 -5.50 1.61 6.26
C ILE A 10 -5.33 1.51 7.78
N LYS A 11 -5.26 2.67 8.43
CA LYS A 11 -5.10 2.71 9.88
C LYS A 11 -6.32 2.11 10.58
N ALA A 12 -7.50 2.40 10.07
CA ALA A 12 -8.74 1.89 10.65
C ALA A 12 -8.83 0.38 10.47
N ARG A 13 -8.24 -0.12 9.39
CA ARG A 13 -8.26 -1.55 9.10
C ARG A 13 -7.19 -2.28 9.91
N VAL A 14 -5.96 -1.79 9.82
CA VAL A 14 -4.85 -2.39 10.54
C VAL A 14 -5.18 -2.58 12.02
N GLY A 15 -5.79 -1.57 12.61
CA GLY A 15 -6.15 -1.64 14.02
C GLY A 15 -7.21 -2.68 14.29
N ALA A 16 -7.77 -3.25 13.22
CA ALA A 16 -8.81 -4.27 13.35
C ALA A 16 -8.38 -5.57 12.71
N VAL A 17 -7.43 -5.48 11.77
CA VAL A 17 -6.93 -6.66 11.08
C VAL A 17 -6.08 -7.52 12.01
N ASP A 18 -5.90 -8.78 11.63
CA ASP A 18 -5.10 -9.72 12.43
C ASP A 18 -3.73 -9.93 11.79
N PRO A 19 -2.78 -10.41 12.60
CA PRO A 19 -1.41 -10.68 12.16
C PRO A 19 -1.33 -11.86 11.19
N ASN A 20 -2.11 -12.89 11.48
CA ASN A 20 -2.13 -14.09 10.65
C ASN A 20 -2.88 -13.84 9.34
N GLY A 21 -3.61 -12.73 9.29
CA GLY A 21 -4.37 -12.38 8.11
C GLY A 21 -3.53 -12.47 6.84
N PRO A 22 -2.53 -11.58 6.74
CA PRO A 22 -1.62 -11.55 5.57
C PRO A 22 -0.70 -12.75 5.52
N ARG A 23 0.11 -12.82 4.46
CA ARG A 23 1.04 -13.93 4.29
C ARG A 23 2.14 -13.88 5.34
N LYS A 24 2.88 -14.98 5.47
CA LYS A 24 3.97 -15.07 6.45
C LYS A 24 5.09 -14.09 6.10
N VAL A 25 4.98 -12.86 6.61
CA VAL A 25 5.97 -11.83 6.35
C VAL A 25 6.07 -10.86 7.52
N LEU A 26 7.05 -9.96 7.45
CA LEU A 26 7.25 -8.96 8.49
C LEU A 26 8.29 -7.93 8.08
N GLY A 27 7.93 -6.65 8.19
CA GLY A 27 8.85 -5.59 7.81
C GLY A 27 8.16 -4.24 7.71
N VAL A 28 8.72 -3.36 6.89
CA VAL A 28 8.15 -2.03 6.70
C VAL A 28 8.11 -1.66 5.23
N PHE A 29 7.12 -0.85 4.85
CA PHE A 29 6.96 -0.41 3.47
C PHE A 29 6.91 1.10 3.37
N GLN A 30 7.19 1.64 2.19
CA GLN A 30 7.17 3.08 1.97
C GLN A 30 6.26 3.43 0.81
N LEU A 31 5.09 3.97 1.13
CA LEU A 31 4.12 4.37 0.10
C LEU A 31 4.27 5.85 -0.25
N ASN A 32 3.99 6.18 -1.51
CA ASN A 32 4.09 7.55 -1.98
C ASN A 32 2.93 7.90 -2.90
N ILE A 33 2.22 8.97 -2.57
CA ILE A 33 1.09 9.42 -3.37
C ILE A 33 1.49 10.51 -4.35
N LYS A 34 1.73 10.11 -5.60
CA LYS A 34 2.12 11.05 -6.64
C LYS A 34 0.95 11.93 -7.05
N THR A 35 0.92 13.15 -6.52
CA THR A 35 -0.15 14.10 -6.83
C THR A 35 0.36 15.23 -7.71
N ALA A 36 -0.53 16.17 -8.03
CA ALA A 36 -0.17 17.31 -8.86
C ALA A 36 0.61 18.34 -8.06
N SER A 37 0.44 18.32 -6.74
CA SER A 37 1.13 19.27 -5.86
C SER A 37 2.50 18.73 -5.45
N GLY A 38 2.66 17.41 -5.53
CA GLY A 38 3.91 16.80 -5.16
C GLY A 38 3.79 15.31 -4.94
N VAL A 39 4.35 14.83 -3.82
CA VAL A 39 4.29 13.41 -3.50
C VAL A 39 4.16 13.20 -1.99
N GLU A 40 3.03 12.64 -1.58
CA GLU A 40 2.78 12.39 -0.16
C GLU A 40 3.36 11.04 0.26
N GLN A 41 4.42 11.08 1.08
CA GLN A 41 5.07 9.87 1.55
C GLN A 41 4.39 9.35 2.81
N TRP A 42 4.30 8.03 2.93
CA TRP A 42 3.67 7.40 4.09
C TRP A 42 4.46 6.17 4.53
N ILE A 43 4.48 5.93 5.84
CA ILE A 43 5.20 4.79 6.39
C ILE A 43 4.22 3.76 6.95
N VAL A 44 4.47 2.49 6.63
CA VAL A 44 3.62 1.40 7.10
C VAL A 44 4.45 0.21 7.55
N ASP A 45 4.07 -0.39 8.67
CA ASP A 45 4.78 -1.54 9.21
C ASP A 45 3.92 -2.80 9.11
N LEU A 46 4.48 -3.83 8.48
CA LEU A 46 3.76 -5.09 8.31
C LEU A 46 3.68 -5.85 9.63
N LYS A 47 4.84 -6.02 10.28
CA LYS A 47 4.90 -6.73 11.56
C LYS A 47 3.73 -6.34 12.45
N GLN A 48 3.71 -5.09 12.88
CA GLN A 48 2.64 -4.59 13.74
C GLN A 48 1.55 -3.90 12.91
N LEU A 49 0.65 -3.20 13.60
CA LEU A 49 -0.43 -2.49 12.93
C LEU A 49 -0.38 -0.99 13.24
N LYS A 50 0.68 -0.35 12.78
CA LYS A 50 0.86 1.08 12.99
C LYS A 50 0.97 1.82 11.66
N VAL A 51 0.82 3.14 11.71
CA VAL A 51 0.90 3.97 10.52
C VAL A 51 1.51 5.34 10.82
N ASP A 52 2.50 5.72 10.04
CA ASP A 52 3.18 7.00 10.23
C ASP A 52 3.26 7.77 8.92
N GLN A 53 3.41 9.08 9.01
CA GLN A 53 3.51 9.93 7.83
C GLN A 53 4.95 10.36 7.58
N GLY A 54 5.37 10.28 6.32
CA GLY A 54 6.73 10.65 5.97
C GLY A 54 7.49 9.52 5.31
N VAL A 55 8.82 9.61 5.33
CA VAL A 55 9.67 8.59 4.73
C VAL A 55 10.49 7.86 5.80
N PHE A 56 10.24 6.56 5.94
CA PHE A 56 10.96 5.75 6.92
C PHE A 56 12.47 5.92 6.76
N ALA A 57 13.18 5.84 7.88
CA ALA A 57 14.63 5.97 7.86
C ALA A 57 15.27 4.92 6.96
N SER A 58 14.61 3.77 6.84
CA SER A 58 15.12 2.68 6.01
C SER A 58 14.04 1.62 5.80
N PRO A 59 13.07 1.91 4.92
CA PRO A 59 11.98 1.00 4.61
C PRO A 59 12.44 -0.23 3.82
N ASP A 60 11.65 -1.29 3.86
CA ASP A 60 11.98 -2.53 3.16
C ASP A 60 11.71 -2.38 1.66
N VAL A 61 10.65 -1.64 1.33
CA VAL A 61 10.27 -1.43 -0.07
C VAL A 61 9.71 -0.03 -0.27
N THR A 62 9.87 0.49 -1.48
CA THR A 62 9.37 1.83 -1.82
C THR A 62 8.50 1.78 -3.06
N VAL A 63 7.18 1.81 -2.85
CA VAL A 63 6.23 1.78 -3.97
C VAL A 63 5.70 3.18 -4.26
N THR A 64 5.50 3.47 -5.54
CA THR A 64 4.98 4.78 -5.96
C THR A 64 3.71 4.63 -6.79
N VAL A 65 2.66 5.33 -6.39
CA VAL A 65 1.39 5.28 -7.10
C VAL A 65 0.74 6.66 -7.17
N GLY A 66 -0.26 6.80 -8.03
CA GLY A 66 -0.94 8.06 -8.18
C GLY A 66 -2.13 8.19 -7.24
N LEU A 67 -2.29 9.37 -6.65
CA LEU A 67 -3.40 9.62 -5.73
C LEU A 67 -4.72 9.16 -6.32
N GLU A 68 -4.83 9.26 -7.65
CA GLU A 68 -6.05 8.85 -8.34
C GLU A 68 -6.21 7.34 -8.33
N ASP A 69 -5.10 6.63 -8.54
CA ASP A 69 -5.11 5.18 -8.56
C ASP A 69 -5.65 4.63 -7.24
N MET A 70 -5.03 5.03 -6.13
CA MET A 70 -5.45 4.58 -4.81
C MET A 70 -6.87 5.03 -4.50
N LEU A 71 -7.23 6.21 -5.01
CA LEU A 71 -8.56 6.76 -4.78
C LEU A 71 -9.64 5.77 -5.19
N ALA A 72 -9.41 5.08 -6.31
CA ALA A 72 -10.36 4.09 -6.80
C ALA A 72 -10.36 2.84 -5.93
N ILE A 73 -9.21 2.53 -5.35
CA ILE A 73 -9.08 1.36 -4.49
C ILE A 73 -9.69 1.62 -3.12
N SER A 74 -9.15 2.60 -2.40
CA SER A 74 -9.65 2.94 -1.08
C SER A 74 -11.13 3.27 -1.12
N GLY A 75 -11.60 3.69 -2.28
CA GLY A 75 -13.01 4.04 -2.44
C GLY A 75 -13.88 2.82 -2.65
N LYS A 76 -13.27 1.64 -2.60
CA LYS A 76 -13.99 0.39 -2.79
C LYS A 76 -14.58 0.30 -4.19
N THR A 77 -13.70 0.41 -5.19
CA THR A 77 -14.13 0.35 -6.59
C THR A 77 -13.16 -0.47 -7.42
N LEU A 78 -11.90 -0.04 -7.45
CA LEU A 78 -10.87 -0.74 -8.21
C LEU A 78 -10.21 -1.83 -7.36
N THR A 79 -9.40 -2.67 -8.00
CA THR A 79 -8.71 -3.75 -7.31
C THR A 79 -7.22 -3.75 -7.63
N VAL A 80 -6.43 -4.28 -6.71
CA VAL A 80 -4.98 -4.34 -6.89
C VAL A 80 -4.62 -4.95 -8.25
N GLY A 81 -5.26 -6.06 -8.58
CA GLY A 81 -4.99 -6.72 -9.84
C GLY A 81 -5.17 -5.79 -11.02
N ASP A 82 -6.17 -4.92 -10.95
CA ASP A 82 -6.45 -3.98 -12.02
C ASP A 82 -5.30 -2.99 -12.19
N ALA A 83 -4.96 -2.29 -11.11
CA ALA A 83 -3.88 -1.32 -11.14
C ALA A 83 -2.57 -1.96 -11.57
N LEU A 84 -2.38 -3.23 -11.18
CA LEU A 84 -1.17 -3.96 -11.52
C LEU A 84 -1.13 -4.27 -13.02
N LYS A 85 -2.21 -4.83 -13.54
CA LYS A 85 -2.29 -5.16 -14.95
C LYS A 85 -2.08 -3.93 -15.82
N GLN A 86 -2.66 -2.80 -15.40
CA GLN A 86 -2.54 -1.55 -16.14
C GLN A 86 -1.12 -1.01 -16.04
N GLY A 87 -0.52 -1.13 -14.85
CA GLY A 87 0.82 -0.64 -14.65
C GLY A 87 0.85 0.72 -13.98
N LYS A 88 -0.17 1.01 -13.19
CA LYS A 88 -0.27 2.29 -12.49
C LYS A 88 0.65 2.31 -11.27
N ILE A 89 0.86 1.14 -10.67
CA ILE A 89 1.72 1.02 -9.50
C ILE A 89 3.17 0.82 -9.90
N GLU A 90 4.05 1.66 -9.38
CA GLU A 90 5.47 1.57 -9.68
C GLU A 90 6.20 0.71 -8.66
N LEU A 91 7.24 0.02 -9.10
CA LEU A 91 8.02 -0.85 -8.22
C LEU A 91 9.44 -0.32 -8.06
N SER A 92 9.99 -0.48 -6.86
CA SER A 92 11.34 -0.01 -6.56
C SER A 92 11.79 -0.46 -5.18
N GLY A 93 13.03 -0.91 -5.07
CA GLY A 93 13.56 -1.36 -3.80
C GLY A 93 13.70 -2.87 -3.74
N ASP A 94 12.79 -3.51 -3.01
CA ASP A 94 12.82 -4.96 -2.87
C ASP A 94 11.57 -5.60 -3.47
N ALA A 95 11.55 -5.72 -4.79
CA ALA A 95 10.41 -6.30 -5.49
C ALA A 95 9.94 -7.58 -4.79
N ASP A 96 10.89 -8.36 -4.27
CA ASP A 96 10.57 -9.60 -3.59
C ASP A 96 9.52 -9.36 -2.51
N LEU A 97 9.72 -8.33 -1.70
CA LEU A 97 8.79 -8.00 -0.62
C LEU A 97 7.48 -7.46 -1.19
N ALA A 98 7.58 -6.45 -2.04
CA ALA A 98 6.40 -5.86 -2.65
C ALA A 98 5.53 -6.91 -3.32
N ALA A 99 6.16 -7.98 -3.78
CA ALA A 99 5.44 -9.07 -4.44
C ALA A 99 4.41 -9.69 -3.51
N LYS A 100 4.80 -9.90 -2.26
CA LYS A 100 3.91 -10.50 -1.26
C LYS A 100 2.60 -9.72 -1.19
N LEU A 101 2.70 -8.39 -1.20
CA LEU A 101 1.52 -7.54 -1.14
C LEU A 101 0.56 -7.84 -2.29
N ALA A 102 1.12 -8.10 -3.47
CA ALA A 102 0.32 -8.39 -4.65
C ALA A 102 -0.27 -9.80 -4.56
N GLU A 103 0.44 -10.70 -3.89
CA GLU A 103 -0.01 -12.07 -3.75
C GLU A 103 -1.14 -12.16 -2.72
N VAL A 104 -0.90 -11.59 -1.54
CA VAL A 104 -1.89 -11.61 -0.47
C VAL A 104 -3.24 -11.09 -0.97
N ILE A 105 -3.21 -10.24 -1.99
CA ILE A 105 -4.43 -9.67 -2.55
C ILE A 105 -4.99 -10.57 -3.65
N HIS A 106 -4.09 -11.22 -4.39
CA HIS A 106 -4.50 -12.11 -5.47
C HIS A 106 -4.69 -13.53 -4.96
N HIS A 107 -5.04 -14.44 -5.86
CA HIS A 107 -5.25 -15.84 -5.50
C HIS A 107 -6.43 -15.98 -4.53
N HIS A 108 -7.43 -15.13 -4.70
CA HIS A 108 -8.60 -15.16 -3.83
C HIS A 108 -9.61 -14.09 -4.25
N HIS A 109 -9.11 -12.95 -4.71
CA HIS A 109 -9.96 -11.85 -5.15
C HIS A 109 -9.55 -11.35 -6.53
N HIS A 110 -10.44 -11.51 -7.50
CA HIS A 110 -10.16 -11.09 -8.87
C HIS A 110 -8.95 -11.82 -9.44
N HIS A 111 -9.21 -12.87 -10.20
CA HIS A 111 -8.14 -13.66 -10.80
C HIS A 111 -7.12 -14.09 -9.75
N MET A 1 -8.80 14.05 -5.14
CA MET A 1 -8.69 12.69 -4.63
C MET A 1 -8.44 12.70 -3.11
N SER A 2 -7.70 13.70 -2.65
CA SER A 2 -7.38 13.82 -1.24
C SER A 2 -6.52 12.64 -0.77
N VAL A 3 -5.26 12.91 -0.47
CA VAL A 3 -4.33 11.88 -0.02
C VAL A 3 -4.67 11.43 1.39
N GLU A 4 -5.23 12.35 2.18
CA GLU A 4 -5.60 12.04 3.56
C GLU A 4 -6.67 10.96 3.61
N THR A 5 -7.68 11.09 2.76
CA THR A 5 -8.77 10.12 2.70
C THR A 5 -8.27 8.74 2.31
N ILE A 6 -7.04 8.69 1.80
CA ILE A 6 -6.44 7.44 1.38
C ILE A 6 -5.81 6.70 2.57
N ILE A 7 -4.95 7.39 3.30
CA ILE A 7 -4.30 6.81 4.46
C ILE A 7 -5.26 6.67 5.64
N GLU A 8 -6.19 7.62 5.74
CA GLU A 8 -7.17 7.61 6.82
C GLU A 8 -7.82 6.23 6.95
N ARG A 9 -8.21 5.66 5.82
CA ARG A 9 -8.84 4.34 5.81
C ARG A 9 -7.83 3.26 6.20
N ILE A 10 -6.57 3.47 5.84
CA ILE A 10 -5.52 2.51 6.15
C ILE A 10 -5.25 2.45 7.64
N LYS A 11 -4.95 3.60 8.23
CA LYS A 11 -4.68 3.68 9.66
C LYS A 11 -5.90 3.26 10.47
N ALA A 12 -7.06 3.82 10.14
CA ALA A 12 -8.30 3.50 10.84
C ALA A 12 -8.51 2.00 10.90
N ARG A 13 -8.15 1.30 9.83
CA ARG A 13 -8.30 -0.15 9.76
C ARG A 13 -7.16 -0.85 10.49
N VAL A 14 -5.94 -0.38 10.26
CA VAL A 14 -4.77 -0.97 10.89
C VAL A 14 -4.99 -1.15 12.39
N GLY A 15 -5.59 -0.15 13.03
CA GLY A 15 -5.85 -0.22 14.45
C GLY A 15 -6.62 -1.48 14.84
N ALA A 16 -7.41 -1.98 13.91
CA ALA A 16 -8.20 -3.19 14.16
C ALA A 16 -7.59 -4.40 13.46
N VAL A 17 -6.96 -4.15 12.32
CA VAL A 17 -6.33 -5.22 11.55
C VAL A 17 -5.44 -6.09 12.43
N ASP A 18 -5.40 -7.38 12.14
CA ASP A 18 -4.60 -8.32 12.90
C ASP A 18 -3.33 -8.69 12.14
N PRO A 19 -2.31 -9.14 12.88
CA PRO A 19 -1.02 -9.54 12.29
C PRO A 19 -1.13 -10.83 11.48
N ASN A 20 -1.90 -11.78 11.99
CA ASN A 20 -2.09 -13.06 11.31
C ASN A 20 -3.06 -12.92 10.14
N GLY A 21 -3.78 -11.80 10.11
CA GLY A 21 -4.75 -11.56 9.05
C GLY A 21 -4.16 -11.83 7.68
N PRO A 22 -3.23 -10.97 7.25
CA PRO A 22 -2.58 -11.11 5.94
C PRO A 22 -1.65 -12.30 5.87
N ARG A 23 -0.80 -12.34 4.84
CA ARG A 23 0.14 -13.43 4.67
C ARG A 23 1.20 -13.43 5.77
N LYS A 24 1.88 -14.55 5.93
CA LYS A 24 2.92 -14.67 6.95
C LYS A 24 4.11 -13.77 6.63
N VAL A 25 4.02 -12.52 7.06
CA VAL A 25 5.09 -11.55 6.83
C VAL A 25 5.11 -10.47 7.90
N LEU A 26 6.13 -9.62 7.87
CA LEU A 26 6.27 -8.55 8.84
C LEU A 26 7.44 -7.63 8.49
N GLY A 27 7.15 -6.35 8.31
CA GLY A 27 8.19 -5.40 7.97
C GLY A 27 7.66 -3.98 7.85
N VAL A 28 8.18 -3.25 6.87
CA VAL A 28 7.75 -1.86 6.65
C VAL A 28 7.82 -1.50 5.17
N PHE A 29 6.88 -0.67 4.72
CA PHE A 29 6.83 -0.25 3.32
C PHE A 29 6.86 1.27 3.21
N GLN A 30 7.25 1.78 2.05
CA GLN A 30 7.32 3.21 1.83
C GLN A 30 6.38 3.62 0.69
N LEU A 31 5.22 4.15 1.06
CA LEU A 31 4.23 4.58 0.08
C LEU A 31 4.51 6.01 -0.38
N ASN A 32 4.20 6.30 -1.64
CA ASN A 32 4.40 7.63 -2.20
C ASN A 32 3.31 7.98 -3.20
N ILE A 33 2.71 9.15 -3.03
CA ILE A 33 1.64 9.60 -3.92
C ILE A 33 2.20 10.50 -5.02
N LYS A 34 1.43 10.65 -6.09
CA LYS A 34 1.85 11.48 -7.22
C LYS A 34 0.88 12.65 -7.42
N THR A 35 1.34 13.85 -7.05
CA THR A 35 0.51 15.04 -7.19
C THR A 35 1.29 16.17 -7.86
N ALA A 36 0.59 17.23 -8.24
CA ALA A 36 1.20 18.37 -8.89
C ALA A 36 2.11 19.13 -7.92
N SER A 37 1.83 19.00 -6.63
CA SER A 37 2.61 19.68 -5.61
C SER A 37 3.90 18.91 -5.30
N GLY A 38 3.92 17.64 -5.71
CA GLY A 38 5.10 16.82 -5.47
C GLY A 38 4.76 15.35 -5.27
N VAL A 39 5.19 14.79 -4.15
CA VAL A 39 4.93 13.39 -3.85
C VAL A 39 4.77 13.17 -2.35
N GLU A 40 3.56 12.80 -1.94
CA GLU A 40 3.27 12.55 -0.53
C GLU A 40 3.83 11.19 -0.09
N GLN A 41 4.85 11.22 0.76
CA GLN A 41 5.47 10.01 1.27
C GLN A 41 4.81 9.56 2.57
N TRP A 42 4.52 8.26 2.67
CA TRP A 42 3.89 7.72 3.87
C TRP A 42 4.61 6.45 4.33
N ILE A 43 4.62 6.23 5.64
CA ILE A 43 5.29 5.06 6.20
C ILE A 43 4.27 4.10 6.82
N VAL A 44 4.35 2.83 6.44
CA VAL A 44 3.45 1.81 6.95
C VAL A 44 4.20 0.58 7.44
N ASP A 45 3.77 0.02 8.57
CA ASP A 45 4.42 -1.15 9.13
C ASP A 45 3.48 -2.35 9.08
N LEU A 46 4.04 -3.53 8.83
CA LEU A 46 3.26 -4.76 8.75
C LEU A 46 3.29 -5.51 10.08
N LYS A 47 4.47 -5.58 10.68
CA LYS A 47 4.64 -6.27 11.96
C LYS A 47 3.52 -5.90 12.92
N GLN A 48 3.47 -4.63 13.31
CA GLN A 48 2.44 -4.15 14.23
C GLN A 48 1.39 -3.33 13.49
N LEU A 49 0.56 -2.64 14.25
CA LEU A 49 -0.50 -1.82 13.67
C LEU A 49 -0.25 -0.34 13.93
N LYS A 50 0.68 0.23 13.17
CA LYS A 50 1.02 1.65 13.31
C LYS A 50 1.22 2.30 11.94
N VAL A 51 1.17 3.63 11.91
CA VAL A 51 1.34 4.37 10.66
C VAL A 51 2.01 5.71 10.91
N ASP A 52 2.89 6.11 9.99
CA ASP A 52 3.60 7.37 10.11
C ASP A 52 3.68 8.09 8.77
N GLN A 53 3.94 9.39 8.81
CA GLN A 53 4.03 10.19 7.59
C GLN A 53 5.48 10.55 7.29
N GLY A 54 5.84 10.51 6.01
CA GLY A 54 7.20 10.84 5.61
C GLY A 54 7.93 9.65 5.02
N VAL A 55 9.26 9.69 5.09
CA VAL A 55 10.08 8.60 4.56
C VAL A 55 10.76 7.83 5.68
N PHE A 56 10.49 6.53 5.76
CA PHE A 56 11.07 5.68 6.79
C PHE A 56 12.60 5.72 6.72
N ALA A 57 13.25 5.67 7.88
CA ALA A 57 14.70 5.69 7.94
C ALA A 57 15.31 4.54 7.14
N SER A 58 14.53 3.48 6.96
CA SER A 58 14.99 2.32 6.21
C SER A 58 13.84 1.34 5.98
N PRO A 59 12.99 1.63 5.00
CA PRO A 59 11.84 0.79 4.65
C PRO A 59 12.27 -0.53 4.02
N ASP A 60 11.36 -1.51 4.04
CA ASP A 60 11.65 -2.81 3.46
C ASP A 60 11.35 -2.83 1.96
N VAL A 61 10.30 -2.12 1.57
CA VAL A 61 9.92 -2.05 0.16
C VAL A 61 9.29 -0.69 -0.16
N THR A 62 9.65 -0.16 -1.33
CA THR A 62 9.13 1.14 -1.76
C THR A 62 8.13 0.97 -2.90
N VAL A 63 6.94 1.54 -2.72
CA VAL A 63 5.88 1.46 -3.72
C VAL A 63 5.44 2.85 -4.17
N THR A 64 5.11 2.97 -5.45
CA THR A 64 4.66 4.25 -6.00
C THR A 64 3.29 4.12 -6.64
N VAL A 65 2.40 5.04 -6.31
CA VAL A 65 1.05 5.04 -6.85
C VAL A 65 0.48 6.45 -6.95
N GLY A 66 -0.40 6.66 -7.92
CA GLY A 66 -1.00 7.98 -8.11
C GLY A 66 -2.24 8.16 -7.27
N LEU A 67 -2.74 9.41 -7.22
CA LEU A 67 -3.94 9.72 -6.45
C LEU A 67 -5.16 9.02 -7.03
N GLU A 68 -5.40 9.23 -8.32
CA GLU A 68 -6.54 8.62 -9.00
C GLU A 68 -6.60 7.12 -8.71
N ASP A 69 -5.49 6.44 -8.92
CA ASP A 69 -5.41 5.00 -8.68
C ASP A 69 -5.88 4.66 -7.27
N MET A 70 -5.27 5.31 -6.28
CA MET A 70 -5.62 5.07 -4.89
C MET A 70 -7.07 5.48 -4.62
N LEU A 71 -7.58 6.40 -5.43
CA LEU A 71 -8.95 6.87 -5.28
C LEU A 71 -9.95 5.74 -5.44
N ALA A 72 -9.81 4.98 -6.53
CA ALA A 72 -10.70 3.85 -6.80
C ALA A 72 -10.63 2.82 -5.68
N ILE A 73 -9.47 2.73 -5.03
CA ILE A 73 -9.27 1.79 -3.95
C ILE A 73 -9.88 2.32 -2.64
N SER A 74 -9.35 3.43 -2.15
CA SER A 74 -9.84 4.03 -0.92
C SER A 74 -11.34 4.32 -1.01
N GLY A 75 -11.81 4.58 -2.23
CA GLY A 75 -13.22 4.86 -2.43
C GLY A 75 -14.08 3.62 -2.36
N LYS A 76 -13.45 2.47 -2.16
CA LYS A 76 -14.16 1.20 -2.09
C LYS A 76 -14.82 0.87 -3.42
N THR A 77 -14.01 0.81 -4.48
CA THR A 77 -14.51 0.50 -5.80
C THR A 77 -13.64 -0.55 -6.50
N LEU A 78 -12.37 -0.21 -6.67
CA LEU A 78 -11.42 -1.12 -7.32
C LEU A 78 -10.76 -2.04 -6.31
N THR A 79 -10.04 -3.04 -6.79
CA THR A 79 -9.36 -3.99 -5.92
C THR A 79 -7.85 -3.94 -6.15
N VAL A 80 -7.10 -4.23 -5.09
CA VAL A 80 -5.64 -4.23 -5.17
C VAL A 80 -5.15 -5.04 -6.37
N GLY A 81 -5.77 -6.20 -6.57
CA GLY A 81 -5.39 -7.05 -7.69
C GLY A 81 -5.56 -6.36 -9.03
N ASP A 82 -6.63 -5.60 -9.17
CA ASP A 82 -6.92 -4.89 -10.41
C ASP A 82 -5.83 -3.86 -10.71
N ALA A 83 -5.55 -3.00 -9.74
CA ALA A 83 -4.52 -1.98 -9.90
C ALA A 83 -3.17 -2.60 -10.23
N LEU A 84 -2.91 -3.78 -9.67
CA LEU A 84 -1.66 -4.49 -9.90
C LEU A 84 -1.56 -4.98 -11.34
N LYS A 85 -2.64 -5.57 -11.83
CA LYS A 85 -2.68 -6.08 -13.19
C LYS A 85 -2.51 -4.95 -14.20
N GLN A 86 -3.10 -3.80 -13.90
CA GLN A 86 -2.99 -2.64 -14.78
C GLN A 86 -1.58 -2.07 -14.77
N GLY A 87 -0.97 -1.99 -13.60
CA GLY A 87 0.36 -1.47 -13.47
C GLY A 87 0.40 -0.06 -12.94
N LYS A 88 -0.63 0.30 -12.16
CA LYS A 88 -0.72 1.63 -11.58
C LYS A 88 0.22 1.78 -10.39
N ILE A 89 0.41 0.69 -9.66
CA ILE A 89 1.29 0.70 -8.49
C ILE A 89 2.65 0.11 -8.84
N GLU A 90 3.69 0.94 -8.76
CA GLU A 90 5.05 0.51 -9.06
C GLU A 90 5.76 0.03 -7.80
N LEU A 91 6.66 -0.93 -7.96
CA LEU A 91 7.40 -1.48 -6.83
C LEU A 91 8.88 -1.11 -6.92
N SER A 92 9.63 -1.40 -5.86
CA SER A 92 11.06 -1.09 -5.83
C SER A 92 11.71 -1.69 -4.58
N GLY A 93 12.85 -2.33 -4.77
CA GLY A 93 13.56 -2.93 -3.65
C GLY A 93 13.22 -4.40 -3.49
N ASP A 94 12.64 -4.75 -2.35
CA ASP A 94 12.27 -6.12 -2.06
C ASP A 94 10.85 -6.41 -2.54
N ALA A 95 10.67 -6.40 -3.86
CA ALA A 95 9.35 -6.68 -4.44
C ALA A 95 8.70 -7.88 -3.79
N ASP A 96 9.50 -8.89 -3.46
CA ASP A 96 9.00 -10.10 -2.82
C ASP A 96 8.14 -9.76 -1.60
N LEU A 97 8.67 -8.89 -0.74
CA LEU A 97 7.96 -8.48 0.46
C LEU A 97 6.57 -7.94 0.12
N ALA A 98 6.53 -6.88 -0.69
CA ALA A 98 5.28 -6.28 -1.09
C ALA A 98 4.38 -7.29 -1.82
N ALA A 99 5.01 -8.25 -2.48
CA ALA A 99 4.28 -9.28 -3.21
C ALA A 99 3.33 -10.04 -2.30
N LYS A 100 3.80 -10.32 -1.08
CA LYS A 100 2.99 -11.05 -0.10
C LYS A 100 1.75 -10.25 0.27
N LEU A 101 1.87 -8.92 0.26
CA LEU A 101 0.75 -8.05 0.59
C LEU A 101 -0.21 -7.91 -0.58
N ALA A 102 0.35 -7.68 -1.76
CA ALA A 102 -0.46 -7.53 -2.97
C ALA A 102 -1.13 -8.85 -3.35
N GLU A 103 -0.45 -9.96 -3.05
CA GLU A 103 -0.98 -11.28 -3.36
C GLU A 103 -2.07 -11.68 -2.39
N VAL A 104 -1.92 -11.25 -1.13
CA VAL A 104 -2.90 -11.56 -0.10
C VAL A 104 -4.31 -11.16 -0.53
N ILE A 105 -4.39 -10.21 -1.46
CA ILE A 105 -5.66 -9.73 -1.96
C ILE A 105 -6.13 -10.56 -3.16
N HIS A 106 -5.27 -10.65 -4.17
CA HIS A 106 -5.59 -11.42 -5.37
C HIS A 106 -6.05 -12.83 -5.02
N HIS A 107 -6.56 -13.55 -6.01
CA HIS A 107 -7.03 -14.91 -5.79
C HIS A 107 -7.25 -15.62 -7.12
N HIS A 108 -6.43 -15.29 -8.12
CA HIS A 108 -6.54 -15.89 -9.44
C HIS A 108 -5.18 -15.92 -10.13
N HIS A 109 -5.18 -16.26 -11.42
CA HIS A 109 -3.95 -16.32 -12.19
C HIS A 109 -4.05 -15.47 -13.45
N HIS A 110 -2.96 -15.40 -14.20
CA HIS A 110 -2.92 -14.61 -15.43
C HIS A 110 -2.73 -15.52 -16.65
N HIS A 111 -2.83 -14.93 -17.84
CA HIS A 111 -2.66 -15.68 -19.08
C HIS A 111 -3.60 -16.89 -19.11
N MET A 1 -8.49 13.56 -4.43
CA MET A 1 -9.66 13.96 -3.65
C MET A 1 -9.25 14.35 -2.24
N SER A 2 -8.50 13.49 -1.57
CA SER A 2 -8.04 13.75 -0.21
C SER A 2 -7.11 12.64 0.27
N VAL A 3 -5.83 12.96 0.43
CA VAL A 3 -4.85 11.99 0.88
C VAL A 3 -5.29 11.33 2.18
N GLU A 4 -5.92 12.11 3.05
CA GLU A 4 -6.40 11.60 4.33
C GLU A 4 -7.44 10.50 4.12
N THR A 5 -8.30 10.70 3.13
CA THR A 5 -9.34 9.73 2.83
C THR A 5 -8.76 8.43 2.29
N ILE A 6 -7.47 8.46 1.94
CA ILE A 6 -6.80 7.28 1.42
C ILE A 6 -6.27 6.41 2.56
N ILE A 7 -5.47 7.01 3.43
CA ILE A 7 -4.90 6.29 4.56
C ILE A 7 -6.00 5.82 5.52
N GLU A 8 -7.03 6.65 5.68
CA GLU A 8 -8.13 6.31 6.56
C GLU A 8 -8.62 4.88 6.32
N ARG A 9 -8.78 4.53 5.06
CA ARG A 9 -9.25 3.20 4.69
C ARG A 9 -8.18 2.14 5.02
N ILE A 10 -6.93 2.53 4.90
CA ILE A 10 -5.81 1.63 5.18
C ILE A 10 -5.74 1.30 6.67
N LYS A 11 -5.64 2.34 7.49
CA LYS A 11 -5.56 2.16 8.94
C LYS A 11 -6.84 1.52 9.47
N ALA A 12 -7.99 2.00 9.00
CA ALA A 12 -9.27 1.47 9.44
C ALA A 12 -9.32 -0.04 9.29
N ARG A 13 -8.79 -0.54 8.17
CA ARG A 13 -8.78 -1.97 7.91
C ARG A 13 -7.64 -2.65 8.67
N VAL A 14 -6.55 -1.92 8.85
CA VAL A 14 -5.38 -2.45 9.56
C VAL A 14 -5.71 -2.75 11.01
N GLY A 15 -6.54 -1.90 11.62
CA GLY A 15 -6.91 -2.10 13.00
C GLY A 15 -7.92 -3.23 13.18
N ALA A 16 -8.41 -3.75 12.07
CA ALA A 16 -9.39 -4.83 12.09
C ALA A 16 -8.84 -6.09 11.42
N VAL A 17 -7.86 -5.90 10.54
CA VAL A 17 -7.24 -7.01 9.83
C VAL A 17 -6.36 -7.84 10.76
N ASP A 18 -6.32 -9.14 10.52
CA ASP A 18 -5.51 -10.05 11.34
C ASP A 18 -4.16 -10.31 10.68
N PRO A 19 -3.18 -10.73 11.48
CA PRO A 19 -1.82 -11.02 11.00
C PRO A 19 -1.77 -12.27 10.13
N ASN A 20 -2.52 -13.29 10.53
CA ASN A 20 -2.56 -14.55 9.78
C ASN A 20 -3.48 -14.42 8.57
N GLY A 21 -4.27 -13.36 8.54
CA GLY A 21 -5.18 -13.15 7.44
C GLY A 21 -4.50 -13.28 6.09
N PRO A 22 -3.59 -12.34 5.78
CA PRO A 22 -2.85 -12.34 4.51
C PRO A 22 -1.85 -13.48 4.43
N ARG A 23 -1.00 -13.44 3.42
CA ARG A 23 0.01 -14.47 3.22
C ARG A 23 1.08 -14.40 4.31
N LYS A 24 1.88 -15.46 4.42
CA LYS A 24 2.93 -15.52 5.43
C LYS A 24 4.00 -14.47 5.15
N VAL A 25 3.80 -13.28 5.69
CA VAL A 25 4.76 -12.18 5.50
C VAL A 25 4.73 -11.21 6.67
N LEU A 26 5.74 -10.36 6.76
CA LEU A 26 5.84 -9.39 7.84
C LEU A 26 7.03 -8.47 7.64
N GLY A 27 6.75 -7.19 7.39
CA GLY A 27 7.82 -6.23 7.19
C GLY A 27 7.29 -4.80 7.12
N VAL A 28 7.90 -4.00 6.25
CA VAL A 28 7.49 -2.61 6.09
C VAL A 28 7.65 -2.15 4.65
N PHE A 29 6.80 -1.22 4.23
CA PHE A 29 6.84 -0.70 2.87
C PHE A 29 6.74 0.83 2.87
N GLN A 30 7.45 1.46 1.94
CA GLN A 30 7.43 2.92 1.82
C GLN A 30 6.67 3.36 0.59
N LEU A 31 5.44 3.81 0.79
CA LEU A 31 4.60 4.28 -0.31
C LEU A 31 4.64 5.80 -0.43
N ASN A 32 4.64 6.28 -1.66
CA ASN A 32 4.67 7.72 -1.91
C ASN A 32 3.56 8.14 -2.87
N ILE A 33 2.75 9.09 -2.45
CA ILE A 33 1.65 9.58 -3.27
C ILE A 33 2.11 10.65 -4.25
N LYS A 34 1.43 10.76 -5.38
CA LYS A 34 1.77 11.74 -6.41
C LYS A 34 0.63 12.72 -6.62
N THR A 35 0.74 13.90 -6.01
CA THR A 35 -0.28 14.92 -6.14
C THR A 35 0.23 16.10 -6.98
N ALA A 36 -0.66 17.05 -7.24
CA ALA A 36 -0.30 18.22 -8.03
C ALA A 36 0.47 19.23 -7.19
N SER A 37 0.62 18.94 -5.90
CA SER A 37 1.33 19.82 -4.99
C SER A 37 2.72 19.26 -4.67
N GLY A 38 2.88 17.95 -4.89
CA GLY A 38 4.16 17.31 -4.62
C GLY A 38 4.04 15.82 -4.45
N VAL A 39 4.60 15.29 -3.36
CA VAL A 39 4.54 13.86 -3.10
C VAL A 39 4.42 13.59 -1.60
N GLU A 40 3.32 12.95 -1.21
CA GLU A 40 3.07 12.62 0.19
C GLU A 40 3.60 11.23 0.53
N GLN A 41 4.62 11.19 1.39
CA GLN A 41 5.22 9.92 1.79
C GLN A 41 4.45 9.30 2.95
N TRP A 42 4.33 7.98 2.94
CA TRP A 42 3.62 7.27 3.99
C TRP A 42 4.34 5.98 4.36
N ILE A 43 4.25 5.59 5.63
CA ILE A 43 4.90 4.38 6.11
C ILE A 43 3.86 3.33 6.53
N VAL A 44 4.02 2.12 6.01
CA VAL A 44 3.10 1.03 6.32
C VAL A 44 3.85 -0.20 6.81
N ASP A 45 3.31 -0.86 7.82
CA ASP A 45 3.93 -2.05 8.38
C ASP A 45 3.02 -3.27 8.22
N LEU A 46 3.62 -4.41 7.91
CA LEU A 46 2.86 -5.65 7.72
C LEU A 46 2.87 -6.49 8.99
N LYS A 47 4.03 -6.54 9.66
CA LYS A 47 4.17 -7.31 10.88
C LYS A 47 2.98 -7.07 11.81
N GLN A 48 2.83 -5.84 12.27
CA GLN A 48 1.74 -5.48 13.16
C GLN A 48 0.71 -4.58 12.45
N LEU A 49 -0.29 -4.13 13.20
CA LEU A 49 -1.32 -3.27 12.64
C LEU A 49 -1.10 -1.81 13.03
N LYS A 50 -0.14 -1.17 12.37
CA LYS A 50 0.18 0.23 12.66
C LYS A 50 0.41 1.00 11.36
N VAL A 51 0.31 2.33 11.45
CA VAL A 51 0.50 3.19 10.30
C VAL A 51 1.17 4.50 10.69
N ASP A 52 2.06 4.99 9.83
CA ASP A 52 2.76 6.24 10.09
C ASP A 52 2.89 7.06 8.81
N GLN A 53 3.12 8.36 8.98
CA GLN A 53 3.27 9.26 7.83
C GLN A 53 4.72 9.68 7.65
N GLY A 54 5.14 9.82 6.40
CA GLY A 54 6.51 10.22 6.12
C GLY A 54 7.32 9.10 5.51
N VAL A 55 8.64 9.20 5.65
CA VAL A 55 9.54 8.18 5.10
C VAL A 55 10.23 7.41 6.22
N PHE A 56 9.99 6.10 6.27
CA PHE A 56 10.59 5.25 7.28
C PHE A 56 12.10 5.43 7.32
N ALA A 57 12.68 5.28 8.51
CA ALA A 57 14.12 5.41 8.68
C ALA A 57 14.87 4.40 7.82
N SER A 58 14.24 3.27 7.55
CA SER A 58 14.86 2.22 6.74
C SER A 58 13.82 1.17 6.33
N PRO A 59 12.97 1.54 5.36
CA PRO A 59 11.92 0.65 4.86
C PRO A 59 12.48 -0.51 4.06
N ASP A 60 11.70 -1.58 3.93
CA ASP A 60 12.12 -2.76 3.19
C ASP A 60 12.13 -2.48 1.69
N VAL A 61 11.11 -1.79 1.22
CA VAL A 61 10.99 -1.45 -0.20
C VAL A 61 10.27 -0.12 -0.40
N THR A 62 10.59 0.56 -1.49
CA THR A 62 9.97 1.84 -1.79
C THR A 62 9.06 1.74 -3.02
N VAL A 63 7.76 1.88 -2.78
CA VAL A 63 6.79 1.81 -3.86
C VAL A 63 6.19 3.18 -4.16
N THR A 64 5.88 3.42 -5.42
CA THR A 64 5.30 4.70 -5.84
C THR A 64 3.98 4.49 -6.57
N VAL A 65 3.02 5.37 -6.30
CA VAL A 65 1.70 5.29 -6.93
C VAL A 65 1.12 6.68 -7.18
N GLY A 66 0.03 6.72 -7.93
CA GLY A 66 -0.60 8.00 -8.23
C GLY A 66 -1.64 8.39 -7.20
N LEU A 67 -1.81 9.70 -7.00
CA LEU A 67 -2.78 10.20 -6.03
C LEU A 67 -4.19 9.69 -6.34
N GLU A 68 -4.54 9.70 -7.62
CA GLU A 68 -5.85 9.24 -8.07
C GLU A 68 -5.96 7.73 -7.96
N ASP A 69 -4.88 7.03 -8.33
CA ASP A 69 -4.85 5.58 -8.28
C ASP A 69 -5.27 5.08 -6.90
N MET A 70 -4.53 5.50 -5.87
CA MET A 70 -4.81 5.10 -4.51
C MET A 70 -6.25 5.44 -4.12
N LEU A 71 -6.82 6.43 -4.80
CA LEU A 71 -8.19 6.86 -4.53
C LEU A 71 -9.18 5.79 -4.96
N ALA A 72 -9.01 5.27 -6.17
CA ALA A 72 -9.90 4.24 -6.69
C ALA A 72 -9.81 2.97 -5.85
N ILE A 73 -8.60 2.62 -5.43
CA ILE A 73 -8.38 1.43 -4.62
C ILE A 73 -8.86 1.65 -3.19
N SER A 74 -8.22 2.59 -2.50
CA SER A 74 -8.57 2.90 -1.11
C SER A 74 -10.04 3.26 -1.00
N GLY A 75 -10.61 3.76 -2.09
CA GLY A 75 -12.01 4.15 -2.09
C GLY A 75 -12.94 2.96 -2.27
N LYS A 76 -12.36 1.76 -2.31
CA LYS A 76 -13.14 0.54 -2.48
C LYS A 76 -13.83 0.52 -3.85
N THR A 77 -13.03 0.66 -4.91
CA THR A 77 -13.57 0.65 -6.26
C THR A 77 -12.69 -0.18 -7.20
N LEU A 78 -11.42 0.20 -7.30
CA LEU A 78 -10.48 -0.51 -8.16
C LEU A 78 -9.80 -1.65 -7.39
N THR A 79 -9.07 -2.49 -8.13
CA THR A 79 -8.37 -3.62 -7.52
C THR A 79 -6.90 -3.62 -7.92
N VAL A 80 -6.07 -4.25 -7.09
CA VAL A 80 -4.64 -4.33 -7.36
C VAL A 80 -4.37 -4.83 -8.78
N GLY A 81 -5.06 -5.90 -9.16
CA GLY A 81 -4.88 -6.46 -10.48
C GLY A 81 -5.05 -5.42 -11.58
N ASP A 82 -6.09 -4.60 -11.45
CA ASP A 82 -6.36 -3.56 -12.43
C ASP A 82 -5.20 -2.56 -12.51
N ALA A 83 -4.85 -1.99 -11.37
CA ALA A 83 -3.77 -1.01 -11.30
C ALA A 83 -2.47 -1.62 -11.80
N LEU A 84 -2.28 -2.91 -11.56
CA LEU A 84 -1.08 -3.61 -12.00
C LEU A 84 -1.05 -3.76 -13.52
N LYS A 85 -2.15 -4.23 -14.09
CA LYS A 85 -2.26 -4.42 -15.53
C LYS A 85 -2.11 -3.08 -16.26
N GLN A 86 -2.70 -2.03 -15.70
CA GLN A 86 -2.64 -0.71 -16.29
C GLN A 86 -1.27 -0.09 -16.08
N GLY A 87 -0.69 -0.32 -14.91
CA GLY A 87 0.62 0.22 -14.59
C GLY A 87 0.54 1.46 -13.73
N LYS A 88 -0.48 1.52 -12.88
CA LYS A 88 -0.68 2.66 -11.99
C LYS A 88 0.28 2.59 -10.81
N ILE A 89 0.58 1.37 -10.36
CA ILE A 89 1.49 1.17 -9.24
C ILE A 89 2.91 0.89 -9.73
N GLU A 90 3.84 1.75 -9.34
CA GLU A 90 5.24 1.58 -9.74
C GLU A 90 6.03 0.87 -8.64
N LEU A 91 7.02 0.09 -9.06
CA LEU A 91 7.86 -0.65 -8.12
C LEU A 91 9.31 -0.16 -8.18
N SER A 92 10.06 -0.44 -7.12
CA SER A 92 11.47 -0.03 -7.06
C SER A 92 12.14 -0.61 -5.81
N GLY A 93 13.07 -1.53 -6.03
CA GLY A 93 13.78 -2.14 -4.93
C GLY A 93 13.14 -3.45 -4.47
N ASP A 94 13.95 -4.39 -4.04
CA ASP A 94 13.47 -5.69 -3.58
C ASP A 94 12.38 -6.20 -4.50
N ALA A 95 12.79 -6.90 -5.56
CA ALA A 95 11.85 -7.46 -6.52
C ALA A 95 10.97 -8.53 -5.87
N ASP A 96 11.52 -9.23 -4.89
CA ASP A 96 10.79 -10.28 -4.19
C ASP A 96 9.73 -9.68 -3.27
N LEU A 97 10.16 -8.81 -2.37
CA LEU A 97 9.26 -8.16 -1.42
C LEU A 97 8.10 -7.48 -2.16
N ALA A 98 8.45 -6.63 -3.12
CA ALA A 98 7.44 -5.92 -3.90
C ALA A 98 6.43 -6.88 -4.50
N ALA A 99 6.87 -8.09 -4.79
CA ALA A 99 6.01 -9.11 -5.37
C ALA A 99 5.03 -9.66 -4.34
N LYS A 100 5.49 -9.74 -3.08
CA LYS A 100 4.67 -10.25 -2.00
C LYS A 100 3.34 -9.50 -1.93
N LEU A 101 3.42 -8.18 -1.91
CA LEU A 101 2.21 -7.35 -1.85
C LEU A 101 1.28 -7.66 -3.00
N ALA A 102 1.85 -8.09 -4.12
CA ALA A 102 1.06 -8.42 -5.31
C ALA A 102 0.41 -9.79 -5.16
N GLU A 103 1.22 -10.80 -4.85
CA GLU A 103 0.72 -12.16 -4.68
C GLU A 103 -0.28 -12.23 -3.55
N VAL A 104 -0.05 -11.44 -2.50
CA VAL A 104 -0.93 -11.42 -1.33
C VAL A 104 -2.37 -11.10 -1.75
N ILE A 105 -2.51 -10.50 -2.93
CA ILE A 105 -3.83 -10.13 -3.43
C ILE A 105 -4.49 -11.32 -4.14
N HIS A 106 -3.70 -12.04 -4.93
CA HIS A 106 -4.19 -13.20 -5.66
C HIS A 106 -4.45 -14.38 -4.72
N HIS A 107 -5.64 -14.96 -4.81
CA HIS A 107 -6.00 -16.09 -3.97
C HIS A 107 -5.77 -15.76 -2.49
N HIS A 108 -6.02 -14.51 -2.12
CA HIS A 108 -5.84 -14.07 -0.74
C HIS A 108 -6.25 -12.62 -0.57
N HIS A 109 -6.97 -12.32 0.51
CA HIS A 109 -7.42 -10.96 0.78
C HIS A 109 -8.16 -10.39 -0.43
N HIS A 110 -9.47 -10.60 -0.47
CA HIS A 110 -10.29 -10.10 -1.56
C HIS A 110 -10.49 -8.59 -1.46
N HIS A 111 -9.52 -7.84 -1.98
CA HIS A 111 -9.57 -6.39 -1.94
C HIS A 111 -10.68 -5.86 -2.85
N MET A 1 -12.04 13.97 -2.38
CA MET A 1 -10.62 13.90 -2.69
C MET A 1 -9.78 14.53 -1.58
N SER A 2 -8.87 13.74 -1.01
CA SER A 2 -8.02 14.23 0.07
C SER A 2 -7.08 13.12 0.55
N VAL A 3 -5.78 13.32 0.32
CA VAL A 3 -4.78 12.35 0.73
C VAL A 3 -4.96 11.94 2.18
N GLU A 4 -5.50 12.85 2.99
CA GLU A 4 -5.74 12.57 4.40
C GLU A 4 -6.80 11.49 4.58
N THR A 5 -7.86 11.57 3.78
CA THR A 5 -8.95 10.60 3.85
C THR A 5 -8.47 9.22 3.43
N ILE A 6 -7.28 9.15 2.84
CA ILE A 6 -6.70 7.89 2.38
C ILE A 6 -6.02 7.15 3.54
N ILE A 7 -5.07 7.84 4.18
CA ILE A 7 -4.34 7.25 5.29
C ILE A 7 -5.29 6.85 6.42
N GLU A 8 -6.25 7.72 6.72
CA GLU A 8 -7.22 7.47 7.78
C GLU A 8 -7.79 6.05 7.66
N ARG A 9 -8.20 5.68 6.44
CA ARG A 9 -8.76 4.37 6.19
C ARG A 9 -7.74 3.27 6.51
N ILE A 10 -6.47 3.57 6.27
CA ILE A 10 -5.41 2.61 6.54
C ILE A 10 -5.21 2.39 8.04
N LYS A 11 -5.21 3.49 8.79
CA LYS A 11 -5.04 3.43 10.24
C LYS A 11 -6.28 2.85 10.91
N ALA A 12 -7.45 3.27 10.45
CA ALA A 12 -8.71 2.78 11.00
C ALA A 12 -8.88 1.29 10.76
N ARG A 13 -8.31 0.80 9.66
CA ARG A 13 -8.40 -0.62 9.32
C ARG A 13 -7.36 -1.43 10.10
N VAL A 14 -6.10 -1.03 9.98
CA VAL A 14 -5.02 -1.73 10.68
C VAL A 14 -5.38 -1.98 12.14
N GLY A 15 -5.90 -0.95 12.80
CA GLY A 15 -6.27 -1.09 14.20
C GLY A 15 -7.17 -2.28 14.44
N ALA A 16 -7.96 -2.65 13.43
CA ALA A 16 -8.86 -3.78 13.55
C ALA A 16 -8.26 -5.03 12.90
N VAL A 17 -7.48 -4.83 11.85
CA VAL A 17 -6.85 -5.94 11.14
C VAL A 17 -5.96 -6.75 12.08
N ASP A 18 -5.75 -8.02 11.72
CA ASP A 18 -4.92 -8.90 12.53
C ASP A 18 -3.51 -9.02 11.94
N PRO A 19 -2.55 -9.40 12.78
CA PRO A 19 -1.15 -9.57 12.36
C PRO A 19 -0.96 -10.76 11.44
N ASN A 20 -1.64 -11.86 11.75
CA ASN A 20 -1.54 -13.07 10.95
C ASN A 20 -2.35 -12.94 9.67
N GLY A 21 -3.21 -11.92 9.61
CA GLY A 21 -4.03 -11.71 8.43
C GLY A 21 -3.24 -11.82 7.14
N PRO A 22 -2.31 -10.88 6.92
CA PRO A 22 -1.47 -10.85 5.73
C PRO A 22 -0.45 -11.99 5.71
N ARG A 23 0.49 -11.92 4.77
CA ARG A 23 1.52 -12.94 4.65
C ARG A 23 2.47 -12.90 5.84
N LYS A 24 3.17 -14.01 6.08
CA LYS A 24 4.11 -14.10 7.19
C LYS A 24 5.29 -13.16 6.98
N VAL A 25 5.13 -11.92 7.43
CA VAL A 25 6.19 -10.92 7.30
C VAL A 25 6.11 -9.89 8.41
N LEU A 26 7.11 -9.00 8.46
CA LEU A 26 7.15 -7.96 9.47
C LEU A 26 8.27 -6.96 9.19
N GLY A 27 7.91 -5.70 9.04
CA GLY A 27 8.90 -4.66 8.77
C GLY A 27 8.26 -3.32 8.51
N VAL A 28 8.74 -2.63 7.47
CA VAL A 28 8.22 -1.32 7.12
C VAL A 28 8.22 -1.11 5.60
N PHE A 29 7.28 -0.31 5.13
CA PHE A 29 7.17 -0.04 3.69
C PHE A 29 7.10 1.47 3.44
N GLN A 30 7.53 1.87 2.24
CA GLN A 30 7.52 3.29 1.87
C GLN A 30 6.64 3.52 0.64
N LEU A 31 5.44 4.02 0.87
CA LEU A 31 4.51 4.29 -0.23
C LEU A 31 4.55 5.76 -0.62
N ASN A 32 4.37 6.03 -1.91
CA ASN A 32 4.38 7.39 -2.42
C ASN A 32 3.12 7.68 -3.23
N ILE A 33 2.45 8.77 -2.91
CA ILE A 33 1.24 9.16 -3.60
C ILE A 33 1.53 10.15 -4.73
N LYS A 34 1.45 9.67 -5.97
CA LYS A 34 1.71 10.51 -7.13
C LYS A 34 0.55 11.47 -7.38
N THR A 35 0.72 12.72 -6.93
CA THR A 35 -0.32 13.73 -7.11
C THR A 35 0.02 14.66 -8.27
N ALA A 36 -0.95 15.49 -8.65
CA ALA A 36 -0.75 16.43 -9.75
C ALA A 36 0.07 17.63 -9.29
N SER A 37 0.38 17.68 -8.01
CA SER A 37 1.16 18.78 -7.45
C SER A 37 2.54 18.30 -7.00
N GLY A 38 2.68 16.99 -6.82
CA GLY A 38 3.94 16.43 -6.40
C GLY A 38 3.83 14.97 -6.02
N VAL A 39 4.43 14.61 -4.89
CA VAL A 39 4.39 13.23 -4.41
C VAL A 39 4.36 13.18 -2.88
N GLU A 40 3.27 12.68 -2.34
CA GLU A 40 3.10 12.58 -0.89
C GLU A 40 3.64 11.24 -0.38
N GLN A 41 4.73 11.29 0.36
CA GLN A 41 5.35 10.09 0.91
C GLN A 41 4.70 9.70 2.24
N TRP A 42 4.54 8.40 2.45
CA TRP A 42 3.92 7.90 3.67
C TRP A 42 4.66 6.67 4.19
N ILE A 43 4.75 6.54 5.51
CA ILE A 43 5.42 5.40 6.13
C ILE A 43 4.42 4.44 6.75
N VAL A 44 4.65 3.15 6.56
CA VAL A 44 3.78 2.13 7.11
C VAL A 44 4.58 0.95 7.66
N ASP A 45 4.16 0.46 8.82
CA ASP A 45 4.84 -0.66 9.47
C ASP A 45 3.98 -1.92 9.42
N LEU A 46 4.61 -3.05 9.13
CA LEU A 46 3.89 -4.33 9.06
C LEU A 46 3.81 -4.99 10.43
N LYS A 47 4.93 -5.00 11.15
CA LYS A 47 4.98 -5.59 12.48
C LYS A 47 3.77 -5.19 13.30
N GLN A 48 3.66 -3.90 13.60
CA GLN A 48 2.55 -3.38 14.37
C GLN A 48 1.52 -2.70 13.48
N LEU A 49 0.59 -1.99 14.10
CA LEU A 49 -0.45 -1.28 13.35
C LEU A 49 -0.34 0.23 13.55
N LYS A 50 0.71 0.82 13.00
CA LYS A 50 0.93 2.26 13.12
C LYS A 50 1.07 2.90 11.75
N VAL A 51 0.99 4.23 11.70
CA VAL A 51 1.12 4.97 10.45
C VAL A 51 1.83 6.30 10.66
N ASP A 52 2.73 6.64 9.76
CA ASP A 52 3.47 7.89 9.85
C ASP A 52 3.58 8.55 8.47
N GLN A 53 3.81 9.86 8.47
CA GLN A 53 3.94 10.61 7.23
C GLN A 53 5.40 10.96 6.95
N GLY A 54 5.79 10.86 5.68
CA GLY A 54 7.16 11.16 5.31
C GLY A 54 7.88 9.96 4.73
N VAL A 55 9.21 9.99 4.76
CA VAL A 55 10.01 8.89 4.23
C VAL A 55 10.82 8.23 5.33
N PHE A 56 10.53 6.96 5.59
CA PHE A 56 11.22 6.21 6.62
C PHE A 56 12.73 6.31 6.47
N ALA A 57 13.44 6.29 7.58
CA ALA A 57 14.90 6.39 7.56
C ALA A 57 15.52 5.26 6.75
N SER A 58 14.83 4.12 6.72
CA SER A 58 15.31 2.96 5.98
C SER A 58 14.22 1.90 5.85
N PRO A 59 13.26 2.15 4.95
CA PRO A 59 12.14 1.24 4.70
C PRO A 59 12.58 -0.04 4.01
N ASP A 60 11.79 -1.10 4.17
CA ASP A 60 12.10 -2.38 3.56
C ASP A 60 11.91 -2.33 2.05
N VAL A 61 10.84 -1.69 1.61
CA VAL A 61 10.55 -1.57 0.18
C VAL A 61 9.82 -0.27 -0.12
N THR A 62 10.13 0.32 -1.27
CA THR A 62 9.51 1.57 -1.68
C THR A 62 8.57 1.36 -2.86
N VAL A 63 7.28 1.57 -2.62
CA VAL A 63 6.27 1.39 -3.66
C VAL A 63 5.68 2.74 -4.08
N THR A 64 5.38 2.87 -5.36
CA THR A 64 4.80 4.11 -5.88
C THR A 64 3.48 3.84 -6.60
N VAL A 65 2.48 4.67 -6.30
CA VAL A 65 1.16 4.52 -6.91
C VAL A 65 0.51 5.89 -7.15
N GLY A 66 -0.30 5.97 -8.19
CA GLY A 66 -0.97 7.22 -8.51
C GLY A 66 -1.88 7.68 -7.40
N LEU A 67 -2.07 9.00 -7.31
CA LEU A 67 -2.92 9.58 -6.27
C LEU A 67 -4.38 9.18 -6.49
N GLU A 68 -4.82 9.25 -7.74
CA GLU A 68 -6.20 8.89 -8.07
C GLU A 68 -6.42 7.39 -7.93
N ASP A 69 -5.49 6.60 -8.45
CA ASP A 69 -5.59 5.15 -8.39
C ASP A 69 -5.80 4.69 -6.95
N MET A 70 -4.90 5.09 -6.06
CA MET A 70 -4.99 4.71 -4.65
C MET A 70 -6.34 5.12 -4.07
N LEU A 71 -6.83 6.27 -4.49
CA LEU A 71 -8.11 6.79 -4.01
C LEU A 71 -9.21 5.73 -4.15
N ALA A 72 -9.36 5.22 -5.37
CA ALA A 72 -10.37 4.20 -5.65
C ALA A 72 -10.21 3.00 -4.71
N ILE A 73 -8.97 2.71 -4.34
CA ILE A 73 -8.67 1.59 -3.45
C ILE A 73 -9.03 1.92 -2.01
N SER A 74 -8.37 2.94 -1.46
CA SER A 74 -8.63 3.35 -0.08
C SER A 74 -10.11 3.70 0.11
N GLY A 75 -10.79 4.01 -0.98
CA GLY A 75 -12.19 4.36 -0.90
C GLY A 75 -13.09 3.15 -0.93
N LYS A 76 -12.49 1.97 -0.82
CA LYS A 76 -13.25 0.72 -0.82
C LYS A 76 -13.95 0.51 -2.16
N THR A 77 -13.16 0.52 -3.24
CA THR A 77 -13.71 0.33 -4.58
C THR A 77 -12.79 -0.54 -5.43
N LEU A 78 -11.54 -0.10 -5.58
CA LEU A 78 -10.56 -0.83 -6.37
C LEU A 78 -9.85 -1.87 -5.50
N THR A 79 -9.09 -2.76 -6.16
CA THR A 79 -8.35 -3.80 -5.45
C THR A 79 -6.89 -3.83 -5.89
N VAL A 80 -6.03 -4.37 -5.04
CA VAL A 80 -4.61 -4.46 -5.33
C VAL A 80 -4.37 -5.18 -6.66
N GLY A 81 -5.27 -6.10 -7.00
CA GLY A 81 -5.14 -6.84 -8.23
C GLY A 81 -5.29 -5.97 -9.46
N ASP A 82 -6.32 -5.12 -9.45
CA ASP A 82 -6.58 -4.22 -10.57
C ASP A 82 -5.37 -3.31 -10.83
N ALA A 83 -4.84 -2.73 -9.75
CA ALA A 83 -3.69 -1.84 -9.86
C ALA A 83 -2.44 -2.61 -10.33
N LEU A 84 -2.33 -3.86 -9.90
CA LEU A 84 -1.19 -4.69 -10.27
C LEU A 84 -1.26 -5.09 -11.74
N LYS A 85 -2.42 -5.59 -12.16
CA LYS A 85 -2.61 -6.01 -13.55
C LYS A 85 -2.41 -4.83 -14.49
N GLN A 86 -2.96 -3.68 -14.14
CA GLN A 86 -2.84 -2.48 -14.95
C GLN A 86 -1.42 -1.92 -14.89
N GLY A 87 -0.82 -1.97 -13.71
CA GLY A 87 0.53 -1.46 -13.53
C GLY A 87 0.56 -0.09 -12.91
N LYS A 88 -0.42 0.19 -12.05
CA LYS A 88 -0.50 1.48 -11.38
C LYS A 88 0.50 1.57 -10.24
N ILE A 89 0.75 0.43 -9.60
CA ILE A 89 1.71 0.38 -8.49
C ILE A 89 3.06 -0.15 -8.94
N GLU A 90 4.09 0.69 -8.78
CA GLU A 90 5.44 0.31 -9.19
C GLU A 90 6.19 -0.31 -8.02
N LEU A 91 7.11 -1.22 -8.33
CA LEU A 91 7.90 -1.90 -7.31
C LEU A 91 9.37 -1.51 -7.42
N SER A 92 10.13 -1.78 -6.36
CA SER A 92 11.56 -1.46 -6.34
C SER A 92 12.22 -2.02 -5.07
N GLY A 93 13.53 -2.16 -5.13
CA GLY A 93 14.27 -2.69 -3.99
C GLY A 93 14.00 -4.17 -3.77
N ASP A 94 13.39 -4.49 -2.63
CA ASP A 94 13.09 -5.87 -2.30
C ASP A 94 11.70 -6.26 -2.82
N ALA A 95 11.58 -6.36 -4.14
CA ALA A 95 10.31 -6.73 -4.76
C ALA A 95 9.66 -7.90 -4.03
N ASP A 96 10.48 -8.84 -3.57
CA ASP A 96 9.99 -10.00 -2.86
C ASP A 96 9.07 -9.59 -1.72
N LEU A 97 9.51 -8.62 -0.93
CA LEU A 97 8.71 -8.14 0.21
C LEU A 97 7.37 -7.60 -0.26
N ALA A 98 7.41 -6.68 -1.21
CA ALA A 98 6.19 -6.08 -1.75
C ALA A 98 5.31 -7.13 -2.40
N ALA A 99 5.93 -8.18 -2.93
CA ALA A 99 5.20 -9.26 -3.58
C ALA A 99 4.09 -9.79 -2.67
N LYS A 100 4.31 -9.72 -1.36
CA LYS A 100 3.33 -10.20 -0.39
C LYS A 100 1.99 -9.50 -0.60
N LEU A 101 2.04 -8.28 -1.10
CA LEU A 101 0.83 -7.51 -1.34
C LEU A 101 0.16 -7.91 -2.65
N ALA A 102 0.92 -7.85 -3.74
CA ALA A 102 0.41 -8.22 -5.05
C ALA A 102 -0.10 -9.65 -5.05
N GLU A 103 0.68 -10.55 -4.47
CA GLU A 103 0.30 -11.97 -4.41
C GLU A 103 -1.11 -12.13 -3.85
N VAL A 104 -1.49 -11.22 -2.95
CA VAL A 104 -2.82 -11.26 -2.35
C VAL A 104 -3.91 -11.30 -3.40
N ILE A 105 -3.59 -10.82 -4.60
CA ILE A 105 -4.55 -10.81 -5.70
C ILE A 105 -5.19 -12.17 -5.88
N HIS A 106 -4.44 -13.23 -5.58
CA HIS A 106 -4.94 -14.60 -5.71
C HIS A 106 -5.14 -14.96 -7.18
N HIS A 107 -6.21 -14.44 -7.78
CA HIS A 107 -6.49 -14.72 -9.18
C HIS A 107 -6.79 -16.20 -9.38
N HIS A 108 -8.06 -16.52 -9.59
CA HIS A 108 -8.48 -17.91 -9.81
C HIS A 108 -8.77 -18.17 -11.28
N HIS A 109 -9.16 -19.40 -11.60
CA HIS A 109 -9.46 -19.77 -12.97
C HIS A 109 -10.55 -18.88 -13.56
N HIS A 110 -10.16 -18.04 -14.51
CA HIS A 110 -11.09 -17.12 -15.15
C HIS A 110 -11.69 -16.16 -14.13
N HIS A 111 -11.04 -15.02 -13.94
CA HIS A 111 -11.51 -14.01 -13.00
C HIS A 111 -11.75 -14.63 -11.62
N MET A 1 -10.45 12.51 -3.52
CA MET A 1 -9.26 13.33 -3.37
C MET A 1 -8.73 13.27 -1.94
N SER A 2 -7.78 14.14 -1.63
CA SER A 2 -7.19 14.19 -0.30
C SER A 2 -6.41 12.91 -0.01
N VAL A 3 -5.10 13.04 0.15
CA VAL A 3 -4.24 11.90 0.44
C VAL A 3 -4.51 11.35 1.83
N GLU A 4 -4.87 12.22 2.76
CA GLU A 4 -5.16 11.82 4.13
C GLU A 4 -6.35 10.89 4.19
N THR A 5 -7.36 11.19 3.38
CA THR A 5 -8.58 10.38 3.33
C THR A 5 -8.30 8.99 2.78
N ILE A 6 -7.12 8.83 2.19
CA ILE A 6 -6.71 7.55 1.61
C ILE A 6 -6.11 6.64 2.67
N ILE A 7 -5.08 7.15 3.35
CA ILE A 7 -4.41 6.38 4.40
C ILE A 7 -5.32 6.19 5.60
N GLU A 8 -6.19 7.16 5.85
CA GLU A 8 -7.12 7.09 6.98
C GLU A 8 -7.80 5.73 7.03
N ARG A 9 -8.26 5.26 5.88
CA ARG A 9 -8.94 3.97 5.80
C ARG A 9 -8.00 2.84 6.19
N ILE A 10 -6.73 2.98 5.83
CA ILE A 10 -5.73 1.96 6.15
C ILE A 10 -5.51 1.87 7.66
N LYS A 11 -5.27 3.01 8.29
CA LYS A 11 -5.04 3.05 9.73
C LYS A 11 -6.27 2.59 10.50
N ALA A 12 -7.44 3.03 10.06
CA ALA A 12 -8.70 2.66 10.70
C ALA A 12 -8.92 1.15 10.61
N ARG A 13 -8.48 0.54 9.52
CA ARG A 13 -8.63 -0.89 9.32
C ARG A 13 -7.59 -1.66 10.13
N VAL A 14 -6.31 -1.36 9.90
CA VAL A 14 -5.23 -2.03 10.60
C VAL A 14 -5.43 -1.96 12.11
N GLY A 15 -5.79 -0.78 12.60
CA GLY A 15 -6.00 -0.60 14.03
C GLY A 15 -7.29 -1.24 14.50
N ALA A 16 -8.14 -1.63 13.55
CA ALA A 16 -9.41 -2.26 13.88
C ALA A 16 -9.30 -3.78 13.81
N VAL A 17 -8.45 -4.27 12.92
CA VAL A 17 -8.25 -5.71 12.75
C VAL A 17 -8.01 -6.39 14.09
N ASP A 18 -8.41 -7.65 14.19
CA ASP A 18 -8.23 -8.42 15.42
C ASP A 18 -6.79 -8.86 15.58
N PRO A 19 -6.30 -8.86 16.83
CA PRO A 19 -4.92 -9.26 17.14
C PRO A 19 -4.70 -10.75 16.96
N ASN A 20 -5.71 -11.54 17.31
CA ASN A 20 -5.63 -13.00 17.18
C ASN A 20 -5.84 -13.43 15.74
N GLY A 21 -6.36 -12.52 14.92
CA GLY A 21 -6.60 -12.83 13.52
C GLY A 21 -5.86 -11.89 12.58
N PRO A 22 -4.52 -11.91 12.66
CA PRO A 22 -3.66 -11.07 11.83
C PRO A 22 -3.67 -11.49 10.37
N ARG A 23 -2.77 -10.93 9.58
CA ARG A 23 -2.67 -11.25 8.16
C ARG A 23 -1.28 -11.77 7.82
N LYS A 24 -1.17 -12.50 6.71
CA LYS A 24 0.09 -13.05 6.27
C LYS A 24 1.04 -11.94 5.81
N VAL A 25 1.73 -11.33 6.77
CA VAL A 25 2.67 -10.26 6.47
C VAL A 25 3.74 -10.14 7.55
N LEU A 26 4.83 -9.45 7.23
CA LEU A 26 5.92 -9.26 8.18
C LEU A 26 6.99 -8.34 7.61
N GLY A 27 7.12 -7.15 8.20
CA GLY A 27 8.10 -6.20 7.74
C GLY A 27 7.55 -4.79 7.65
N VAL A 28 8.06 -4.00 6.71
CA VAL A 28 7.60 -2.63 6.52
C VAL A 28 7.56 -2.25 5.05
N PHE A 29 6.65 -1.37 4.70
CA PHE A 29 6.50 -0.92 3.32
C PHE A 29 6.54 0.60 3.23
N GLN A 30 6.89 1.12 2.05
CA GLN A 30 6.97 2.55 1.83
C GLN A 30 6.10 2.97 0.65
N LEU A 31 4.96 3.59 0.94
CA LEU A 31 4.05 4.04 -0.10
C LEU A 31 4.32 5.50 -0.46
N ASN A 32 4.08 5.85 -1.72
CA ASN A 32 4.28 7.20 -2.19
C ASN A 32 3.17 7.63 -3.15
N ILE A 33 2.54 8.76 -2.85
CA ILE A 33 1.46 9.28 -3.67
C ILE A 33 1.98 10.31 -4.67
N LYS A 34 2.16 9.88 -5.92
CA LYS A 34 2.64 10.76 -6.97
C LYS A 34 1.57 11.76 -7.39
N THR A 35 1.67 12.98 -6.88
CA THR A 35 0.69 14.02 -7.20
C THR A 35 1.32 15.10 -8.07
N ALA A 36 0.52 16.10 -8.43
CA ALA A 36 1.00 17.20 -9.25
C ALA A 36 1.84 18.18 -8.45
N SER A 37 1.61 18.21 -7.14
CA SER A 37 2.35 19.11 -6.26
C SER A 37 3.65 18.46 -5.80
N GLY A 38 3.71 17.14 -5.87
CA GLY A 38 4.90 16.42 -5.46
C GLY A 38 4.65 14.95 -5.23
N VAL A 39 5.16 14.42 -4.12
CA VAL A 39 4.99 13.02 -3.79
C VAL A 39 4.83 12.83 -2.29
N GLU A 40 3.65 12.37 -1.88
CA GLU A 40 3.37 12.14 -0.46
C GLU A 40 3.86 10.76 -0.03
N GLN A 41 4.91 10.74 0.80
CA GLN A 41 5.47 9.49 1.29
C GLN A 41 4.76 9.03 2.56
N TRP A 42 4.56 7.73 2.68
CA TRP A 42 3.89 7.16 3.84
C TRP A 42 4.59 5.89 4.30
N ILE A 43 4.59 5.65 5.61
CA ILE A 43 5.22 4.47 6.18
C ILE A 43 4.17 3.52 6.77
N VAL A 44 4.33 2.23 6.48
CA VAL A 44 3.41 1.21 6.98
C VAL A 44 4.15 -0.02 7.45
N ASP A 45 3.77 -0.52 8.63
CA ASP A 45 4.41 -1.70 9.19
C ASP A 45 3.50 -2.92 9.07
N LEU A 46 4.04 -4.00 8.51
CA LEU A 46 3.28 -5.24 8.33
C LEU A 46 3.08 -5.95 9.66
N LYS A 47 4.18 -6.25 10.35
CA LYS A 47 4.12 -6.93 11.64
C LYS A 47 2.99 -6.36 12.50
N GLN A 48 3.16 -5.12 12.94
CA GLN A 48 2.16 -4.47 13.78
C GLN A 48 1.14 -3.73 12.92
N LEU A 49 0.11 -3.18 13.57
CA LEU A 49 -0.92 -2.44 12.86
C LEU A 49 -0.80 -0.95 13.14
N LYS A 50 0.27 -0.34 12.64
CA LYS A 50 0.50 1.08 12.83
C LYS A 50 0.77 1.77 11.49
N VAL A 51 0.70 3.09 11.49
CA VAL A 51 0.92 3.88 10.27
C VAL A 51 1.61 5.20 10.59
N ASP A 52 2.63 5.54 9.80
CA ASP A 52 3.37 6.78 10.00
C ASP A 52 3.49 7.55 8.69
N GLN A 53 3.70 8.85 8.81
CA GLN A 53 3.83 9.71 7.63
C GLN A 53 5.29 10.03 7.35
N GLY A 54 5.69 9.95 6.08
CA GLY A 54 7.05 10.25 5.70
C GLY A 54 7.74 9.06 5.05
N VAL A 55 9.07 9.07 5.06
CA VAL A 55 9.84 7.99 4.46
C VAL A 55 10.65 7.24 5.52
N PHE A 56 10.35 5.96 5.69
CA PHE A 56 11.04 5.14 6.67
C PHE A 56 12.56 5.22 6.47
N ALA A 57 13.31 5.11 7.57
CA ALA A 57 14.76 5.16 7.52
C ALA A 57 15.32 4.05 6.64
N SER A 58 14.60 2.93 6.56
CA SER A 58 15.02 1.79 5.77
C SER A 58 13.88 0.80 5.59
N PRO A 59 12.92 1.15 4.73
CA PRO A 59 11.75 0.30 4.45
C PRO A 59 12.14 -0.96 3.68
N ASP A 60 11.27 -1.97 3.73
CA ASP A 60 11.51 -3.22 3.02
C ASP A 60 11.25 -3.06 1.53
N VAL A 61 10.26 -2.25 1.19
CA VAL A 61 9.91 -2.01 -0.21
C VAL A 61 9.42 -0.58 -0.41
N THR A 62 9.63 -0.07 -1.62
CA THR A 62 9.22 1.29 -1.95
C THR A 62 8.35 1.31 -3.20
N VAL A 63 7.05 1.51 -3.01
CA VAL A 63 6.11 1.56 -4.13
C VAL A 63 5.65 2.98 -4.40
N THR A 64 5.54 3.33 -5.68
CA THR A 64 5.12 4.67 -6.09
C THR A 64 3.92 4.60 -7.02
N VAL A 65 2.79 5.11 -6.55
CA VAL A 65 1.56 5.11 -7.35
C VAL A 65 0.94 6.50 -7.41
N GLY A 66 0.09 6.73 -8.40
CA GLY A 66 -0.57 8.01 -8.55
C GLY A 66 -1.69 8.21 -7.56
N LEU A 67 -1.91 9.46 -7.14
CA LEU A 67 -2.96 9.78 -6.19
C LEU A 67 -4.33 9.51 -6.78
N GLU A 68 -4.46 9.72 -8.09
CA GLU A 68 -5.73 9.50 -8.78
C GLU A 68 -6.12 8.03 -8.73
N ASP A 69 -5.21 7.17 -9.19
CA ASP A 69 -5.46 5.73 -9.22
C ASP A 69 -5.88 5.24 -7.84
N MET A 70 -5.08 5.55 -6.83
CA MET A 70 -5.37 5.14 -5.45
C MET A 70 -6.70 5.70 -4.99
N LEU A 71 -7.07 6.87 -5.51
CA LEU A 71 -8.32 7.52 -5.15
C LEU A 71 -9.50 6.58 -5.39
N ALA A 72 -9.62 6.09 -6.63
CA ALA A 72 -10.70 5.18 -6.98
C ALA A 72 -10.73 3.97 -6.06
N ILE A 73 -9.56 3.59 -5.55
CA ILE A 73 -9.45 2.45 -4.66
C ILE A 73 -9.93 2.80 -3.26
N SER A 74 -9.28 3.78 -2.65
CA SER A 74 -9.64 4.21 -1.30
C SER A 74 -11.11 4.61 -1.23
N GLY A 75 -11.67 4.99 -2.38
CA GLY A 75 -13.06 5.40 -2.43
C GLY A 75 -14.00 4.21 -2.53
N LYS A 76 -13.45 3.01 -2.45
CA LYS A 76 -14.24 1.79 -2.54
C LYS A 76 -14.90 1.67 -3.91
N THR A 77 -14.07 1.68 -4.96
CA THR A 77 -14.56 1.57 -6.32
C THR A 77 -13.66 0.68 -7.17
N LEU A 78 -12.39 1.06 -7.27
CA LEU A 78 -11.43 0.29 -8.05
C LEU A 78 -10.74 -0.76 -7.17
N THR A 79 -10.00 -1.66 -7.81
CA THR A 79 -9.29 -2.71 -7.11
C THR A 79 -7.82 -2.74 -7.49
N VAL A 80 -7.00 -3.36 -6.64
CA VAL A 80 -5.57 -3.47 -6.89
C VAL A 80 -5.29 -4.07 -8.26
N GLY A 81 -5.97 -5.17 -8.56
CA GLY A 81 -5.79 -5.84 -9.84
C GLY A 81 -5.96 -4.89 -11.00
N ASP A 82 -6.98 -4.04 -10.94
CA ASP A 82 -7.24 -3.08 -12.00
C ASP A 82 -6.08 -2.10 -12.15
N ALA A 83 -5.73 -1.43 -11.06
CA ALA A 83 -4.64 -0.47 -11.07
C ALA A 83 -3.34 -1.12 -11.50
N LEU A 84 -3.15 -2.38 -11.14
CA LEU A 84 -1.95 -3.12 -11.51
C LEU A 84 -1.88 -3.36 -13.00
N LYS A 85 -3.03 -3.70 -13.59
CA LYS A 85 -3.10 -3.95 -15.03
C LYS A 85 -2.80 -2.69 -15.82
N GLN A 86 -3.17 -1.53 -15.27
CA GLN A 86 -2.93 -0.26 -15.93
C GLN A 86 -1.44 0.08 -15.94
N GLY A 87 -0.77 -0.16 -14.82
CA GLY A 87 0.65 0.12 -14.73
C GLY A 87 0.94 1.41 -13.97
N LYS A 88 -0.03 1.85 -13.18
CA LYS A 88 0.13 3.08 -12.40
C LYS A 88 1.01 2.83 -11.18
N ILE A 89 0.93 1.64 -10.62
CA ILE A 89 1.72 1.28 -9.45
C ILE A 89 3.14 0.91 -9.85
N GLU A 90 4.10 1.72 -9.44
CA GLU A 90 5.51 1.47 -9.75
C GLU A 90 6.17 0.68 -8.65
N LEU A 91 7.11 -0.20 -9.02
CA LEU A 91 7.82 -1.02 -8.06
C LEU A 91 9.29 -0.61 -7.96
N SER A 92 9.87 -0.77 -6.78
CA SER A 92 11.27 -0.41 -6.56
C SER A 92 11.73 -0.85 -5.18
N GLY A 93 12.74 -1.72 -5.16
CA GLY A 93 13.26 -2.21 -3.88
C GLY A 93 13.30 -3.73 -3.82
N ASP A 94 12.36 -4.31 -3.09
CA ASP A 94 12.29 -5.75 -2.94
C ASP A 94 11.00 -6.30 -3.56
N ALA A 95 10.99 -6.41 -4.89
CA ALA A 95 9.82 -6.93 -5.59
C ALA A 95 9.25 -8.16 -4.90
N ASP A 96 10.14 -9.00 -4.37
CA ASP A 96 9.71 -10.22 -3.68
C ASP A 96 8.66 -9.91 -2.63
N LEU A 97 8.92 -8.88 -1.83
CA LEU A 97 7.99 -8.48 -0.77
C LEU A 97 6.72 -7.86 -1.37
N ALA A 98 6.91 -6.86 -2.23
CA ALA A 98 5.79 -6.18 -2.86
C ALA A 98 4.86 -7.18 -3.54
N ALA A 99 5.43 -8.29 -3.99
CA ALA A 99 4.65 -9.33 -4.66
C ALA A 99 3.60 -9.91 -3.73
N LYS A 100 3.97 -10.08 -2.46
CA LYS A 100 3.06 -10.63 -1.47
C LYS A 100 1.84 -9.73 -1.27
N LEU A 101 2.04 -8.44 -1.51
CA LEU A 101 0.95 -7.47 -1.37
C LEU A 101 -0.04 -7.58 -2.52
N ALA A 102 0.48 -7.69 -3.74
CA ALA A 102 -0.36 -7.82 -4.92
C ALA A 102 -0.98 -9.22 -5.01
N GLU A 103 -0.27 -10.21 -4.49
CA GLU A 103 -0.76 -11.58 -4.51
C GLU A 103 -1.89 -11.77 -3.50
N VAL A 104 -1.61 -11.44 -2.25
CA VAL A 104 -2.61 -11.58 -1.18
C VAL A 104 -3.91 -10.88 -1.56
N ILE A 105 -3.81 -9.84 -2.38
CA ILE A 105 -4.97 -9.09 -2.82
C ILE A 105 -5.59 -9.71 -4.07
N HIS A 106 -4.76 -10.39 -4.86
CA HIS A 106 -5.22 -11.03 -6.08
C HIS A 106 -4.12 -11.89 -6.70
N HIS A 107 -4.47 -13.11 -7.08
CA HIS A 107 -3.51 -14.04 -7.68
C HIS A 107 -2.41 -14.38 -6.69
N HIS A 108 -2.67 -15.39 -5.85
CA HIS A 108 -1.70 -15.82 -4.85
C HIS A 108 -1.08 -17.16 -5.23
N HIS A 109 0.23 -17.18 -5.41
CA HIS A 109 0.93 -18.41 -5.78
C HIS A 109 0.48 -18.90 -7.14
N HIS A 110 1.16 -18.45 -8.19
CA HIS A 110 0.82 -18.85 -9.56
C HIS A 110 1.50 -20.16 -9.92
N HIS A 111 2.83 -20.17 -9.87
CA HIS A 111 3.60 -21.36 -10.19
C HIS A 111 3.40 -21.75 -11.65
N MET A 1 -10.75 16.12 -3.49
CA MET A 1 -9.82 15.09 -3.05
C MET A 1 -8.94 15.60 -1.92
N SER A 2 -8.13 14.70 -1.35
CA SER A 2 -7.24 15.05 -0.25
C SER A 2 -6.44 13.84 0.21
N VAL A 3 -5.13 13.88 0.00
CA VAL A 3 -4.26 12.79 0.40
C VAL A 3 -4.51 12.37 1.85
N GLU A 4 -4.95 13.33 2.66
CA GLU A 4 -5.24 13.07 4.06
C GLU A 4 -6.42 12.11 4.20
N THR A 5 -7.45 12.33 3.40
CA THR A 5 -8.64 11.49 3.44
C THR A 5 -8.33 10.06 2.98
N ILE A 6 -7.15 9.89 2.41
CA ILE A 6 -6.73 8.57 1.93
C ILE A 6 -6.13 7.74 3.06
N ILE A 7 -5.13 8.28 3.73
CA ILE A 7 -4.49 7.59 4.84
C ILE A 7 -5.51 7.20 5.91
N GLU A 8 -6.41 8.11 6.23
CA GLU A 8 -7.43 7.87 7.23
C GLU A 8 -8.08 6.50 7.02
N ARG A 9 -8.45 6.21 5.78
CA ARG A 9 -9.09 4.95 5.45
C ARG A 9 -8.14 3.79 5.69
N ILE A 10 -6.84 4.03 5.48
CA ILE A 10 -5.83 3.01 5.68
C ILE A 10 -5.66 2.67 7.15
N LYS A 11 -5.43 3.69 7.97
CA LYS A 11 -5.26 3.51 9.40
C LYS A 11 -6.52 2.95 10.03
N ALA A 12 -7.66 3.55 9.73
CA ALA A 12 -8.94 3.11 10.26
C ALA A 12 -9.15 1.62 10.02
N ARG A 13 -8.64 1.13 8.89
CA ARG A 13 -8.77 -0.27 8.53
C ARG A 13 -7.75 -1.12 9.29
N VAL A 14 -6.51 -0.67 9.30
CA VAL A 14 -5.45 -1.38 10.00
C VAL A 14 -5.87 -1.75 11.42
N GLY A 15 -6.46 -0.80 12.12
CA GLY A 15 -6.90 -1.05 13.48
C GLY A 15 -7.95 -2.14 13.56
N ALA A 16 -8.63 -2.38 12.45
CA ALA A 16 -9.66 -3.41 12.40
C ALA A 16 -9.12 -4.71 11.84
N VAL A 17 -8.16 -4.61 10.92
CA VAL A 17 -7.55 -5.78 10.30
C VAL A 17 -7.11 -6.79 11.35
N ASP A 18 -7.20 -8.07 11.00
CA ASP A 18 -6.81 -9.14 11.92
C ASP A 18 -5.30 -9.11 12.18
N PRO A 19 -4.89 -9.69 13.32
CA PRO A 19 -3.48 -9.74 13.71
C PRO A 19 -2.66 -10.67 12.83
N ASN A 20 -3.24 -11.82 12.49
CA ASN A 20 -2.57 -12.80 11.64
C ASN A 20 -2.43 -12.29 10.22
N GLY A 21 -3.24 -11.30 9.87
CA GLY A 21 -3.19 -10.73 8.53
C GLY A 21 -3.54 -11.74 7.46
N PRO A 22 -3.81 -11.24 6.23
CA PRO A 22 -4.17 -12.09 5.10
C PRO A 22 -2.99 -12.93 4.61
N ARG A 23 -1.79 -12.58 5.06
CA ARG A 23 -0.59 -13.30 4.67
C ARG A 23 0.44 -13.29 5.79
N LYS A 24 1.13 -14.41 5.96
CA LYS A 24 2.16 -14.54 7.00
C LYS A 24 3.35 -13.64 6.70
N VAL A 25 3.27 -12.38 7.14
CA VAL A 25 4.35 -11.43 6.91
C VAL A 25 4.39 -10.38 8.02
N LEU A 26 5.45 -9.58 8.02
CA LEU A 26 5.61 -8.53 9.03
C LEU A 26 6.84 -7.67 8.73
N GLY A 27 6.62 -6.37 8.58
CA GLY A 27 7.71 -5.46 8.30
C GLY A 27 7.25 -4.04 8.09
N VAL A 28 7.83 -3.36 7.10
CA VAL A 28 7.46 -1.99 6.80
C VAL A 28 7.52 -1.71 5.31
N PHE A 29 6.70 -0.78 4.84
CA PHE A 29 6.65 -0.42 3.44
C PHE A 29 6.64 1.09 3.25
N GLN A 30 7.29 1.57 2.19
CA GLN A 30 7.36 2.99 1.91
C GLN A 30 6.59 3.33 0.64
N LEU A 31 5.39 3.87 0.81
CA LEU A 31 4.54 4.24 -0.33
C LEU A 31 4.67 5.73 -0.63
N ASN A 32 4.56 6.07 -1.91
CA ASN A 32 4.65 7.46 -2.34
C ASN A 32 3.48 7.83 -3.25
N ILE A 33 2.84 8.95 -2.93
CA ILE A 33 1.70 9.43 -3.71
C ILE A 33 2.14 10.41 -4.79
N LYS A 34 2.21 9.92 -6.03
CA LYS A 34 2.61 10.75 -7.16
C LYS A 34 1.50 11.72 -7.55
N THR A 35 1.67 12.98 -7.16
CA THR A 35 0.67 14.00 -7.46
C THR A 35 1.29 15.16 -8.25
N ALA A 36 0.46 16.01 -8.81
CA ALA A 36 0.93 17.16 -9.58
C ALA A 36 1.74 18.11 -8.70
N SER A 37 1.38 18.20 -7.43
CA SER A 37 2.06 19.07 -6.49
C SER A 37 3.44 18.50 -6.13
N GLY A 38 3.62 17.21 -6.39
CA GLY A 38 4.88 16.56 -6.09
C GLY A 38 4.72 15.09 -5.76
N VAL A 39 5.24 14.68 -4.61
CA VAL A 39 5.16 13.30 -4.17
C VAL A 39 5.04 13.20 -2.66
N GLU A 40 3.90 12.71 -2.18
CA GLU A 40 3.66 12.56 -0.75
C GLU A 40 4.13 11.20 -0.26
N GLN A 41 5.19 11.19 0.54
CA GLN A 41 5.74 9.95 1.07
C GLN A 41 5.03 9.56 2.37
N TRP A 42 4.68 8.29 2.48
CA TRP A 42 3.99 7.79 3.66
C TRP A 42 4.65 6.50 4.17
N ILE A 43 4.63 6.32 5.48
CA ILE A 43 5.23 5.13 6.09
C ILE A 43 4.15 4.21 6.66
N VAL A 44 4.26 2.93 6.34
CA VAL A 44 3.30 1.94 6.81
C VAL A 44 4.00 0.71 7.38
N ASP A 45 3.49 0.20 8.49
CA ASP A 45 4.07 -0.97 9.12
C ASP A 45 3.09 -2.15 9.09
N LEU A 46 3.63 -3.35 8.86
CA LEU A 46 2.80 -4.55 8.80
C LEU A 46 2.74 -5.23 10.17
N LYS A 47 3.90 -5.34 10.82
CA LYS A 47 3.98 -5.97 12.12
C LYS A 47 2.84 -5.51 13.03
N GLN A 48 2.82 -4.21 13.33
CA GLN A 48 1.78 -3.65 14.19
C GLN A 48 0.81 -2.81 13.37
N LEU A 49 -0.13 -2.18 14.06
CA LEU A 49 -1.13 -1.34 13.39
C LEU A 49 -0.85 0.13 13.63
N LYS A 50 0.17 0.66 12.95
CA LYS A 50 0.54 2.06 13.09
C LYS A 50 0.77 2.69 11.73
N VAL A 51 0.75 4.03 11.69
CA VAL A 51 0.96 4.76 10.43
C VAL A 51 1.72 6.06 10.68
N ASP A 52 2.64 6.38 9.78
CA ASP A 52 3.42 7.60 9.90
C ASP A 52 3.59 8.27 8.54
N GLN A 53 3.93 9.56 8.57
CA GLN A 53 4.12 10.32 7.33
C GLN A 53 5.60 10.63 7.11
N GLY A 54 6.03 10.57 5.85
CA GLY A 54 7.42 10.84 5.53
C GLY A 54 8.15 9.62 5.04
N VAL A 55 9.47 9.60 5.22
CA VAL A 55 10.29 8.49 4.80
C VAL A 55 10.83 7.71 6.00
N PHE A 56 10.50 6.42 6.05
CA PHE A 56 10.94 5.56 7.14
C PHE A 56 12.47 5.56 7.25
N ALA A 57 12.96 5.39 8.47
CA ALA A 57 14.40 5.37 8.71
C ALA A 57 15.08 4.27 7.90
N SER A 58 14.33 3.20 7.63
CA SER A 58 14.85 2.08 6.86
C SER A 58 13.74 1.12 6.46
N PRO A 59 12.94 1.53 5.46
CA PRO A 59 11.82 0.74 4.95
C PRO A 59 12.29 -0.50 4.19
N ASP A 60 11.43 -1.52 4.14
CA ASP A 60 11.76 -2.75 3.45
C ASP A 60 11.72 -2.56 1.94
N VAL A 61 10.68 -1.87 1.46
CA VAL A 61 10.52 -1.61 0.04
C VAL A 61 9.84 -0.27 -0.20
N THR A 62 10.18 0.36 -1.33
CA THR A 62 9.60 1.66 -1.68
C THR A 62 8.69 1.54 -2.89
N VAL A 63 7.39 1.47 -2.64
CA VAL A 63 6.40 1.35 -3.71
C VAL A 63 5.88 2.72 -4.12
N THR A 64 5.56 2.88 -5.40
CA THR A 64 5.04 4.14 -5.92
C THR A 64 3.69 3.94 -6.60
N VAL A 65 2.75 4.85 -6.34
CA VAL A 65 1.42 4.77 -6.93
C VAL A 65 0.81 6.15 -7.06
N GLY A 66 -0.04 6.33 -8.06
CA GLY A 66 -0.69 7.61 -8.28
C GLY A 66 -1.73 7.91 -7.23
N LEU A 67 -1.92 9.20 -6.94
CA LEU A 67 -2.90 9.63 -5.94
C LEU A 67 -4.31 9.28 -6.38
N GLU A 68 -4.56 9.34 -7.67
CA GLU A 68 -5.87 9.03 -8.22
C GLU A 68 -6.27 7.59 -7.89
N ASP A 69 -5.45 6.65 -8.32
CA ASP A 69 -5.71 5.24 -8.07
C ASP A 69 -5.84 4.96 -6.58
N MET A 70 -4.86 5.44 -5.81
CA MET A 70 -4.85 5.24 -4.36
C MET A 70 -6.18 5.68 -3.75
N LEU A 71 -6.70 6.80 -4.23
CA LEU A 71 -7.97 7.34 -3.73
C LEU A 71 -9.11 6.37 -4.03
N ALA A 72 -9.10 5.80 -5.22
CA ALA A 72 -10.13 4.87 -5.64
C ALA A 72 -10.14 3.63 -4.75
N ILE A 73 -8.96 3.10 -4.46
CA ILE A 73 -8.84 1.91 -3.61
C ILE A 73 -9.08 2.27 -2.14
N SER A 74 -8.23 3.12 -1.60
CA SER A 74 -8.34 3.53 -0.21
C SER A 74 -9.72 4.11 0.07
N GLY A 75 -10.37 4.61 -0.98
CA GLY A 75 -11.70 5.19 -0.82
C GLY A 75 -12.79 4.14 -0.89
N LYS A 76 -12.40 2.87 -0.87
CA LYS A 76 -13.36 1.78 -0.94
C LYS A 76 -14.12 1.80 -2.26
N THR A 77 -13.37 1.75 -3.36
CA THR A 77 -13.99 1.77 -4.69
C THR A 77 -13.28 0.79 -5.63
N LEU A 78 -11.99 0.99 -5.82
CA LEU A 78 -11.20 0.12 -6.69
C LEU A 78 -10.51 -0.98 -5.88
N THR A 79 -9.94 -1.95 -6.59
CA THR A 79 -9.24 -3.05 -5.93
C THR A 79 -7.80 -3.16 -6.44
N VAL A 80 -6.92 -3.64 -5.56
CA VAL A 80 -5.51 -3.80 -5.91
C VAL A 80 -5.36 -4.54 -7.24
N GLY A 81 -6.14 -5.59 -7.42
CA GLY A 81 -6.08 -6.36 -8.65
C GLY A 81 -6.38 -5.52 -9.88
N ASP A 82 -7.33 -4.61 -9.74
CA ASP A 82 -7.71 -3.74 -10.86
C ASP A 82 -6.56 -2.82 -11.24
N ALA A 83 -6.03 -2.09 -10.26
CA ALA A 83 -4.92 -1.18 -10.51
C ALA A 83 -3.71 -1.91 -11.05
N LEU A 84 -3.52 -3.15 -10.60
CA LEU A 84 -2.40 -3.96 -11.04
C LEU A 84 -2.53 -4.34 -12.51
N LYS A 85 -3.72 -4.78 -12.89
CA LYS A 85 -3.99 -5.17 -14.27
C LYS A 85 -3.81 -3.99 -15.21
N GLN A 86 -4.23 -2.80 -14.77
CA GLN A 86 -4.11 -1.59 -15.57
C GLN A 86 -2.65 -1.14 -15.65
N GLY A 87 -1.95 -1.24 -14.54
CA GLY A 87 -0.55 -0.83 -14.50
C GLY A 87 -0.37 0.55 -13.87
N LYS A 88 -1.33 0.94 -13.04
CA LYS A 88 -1.26 2.24 -12.37
C LYS A 88 -0.28 2.21 -11.21
N ILE A 89 -0.16 1.05 -10.57
CA ILE A 89 0.75 0.89 -9.44
C ILE A 89 2.17 0.60 -9.92
N GLU A 90 3.15 1.06 -9.15
CA GLU A 90 4.55 0.85 -9.50
C GLU A 90 5.21 -0.15 -8.55
N LEU A 91 6.19 -0.88 -9.06
CA LEU A 91 6.90 -1.88 -8.25
C LEU A 91 8.26 -1.36 -7.83
N SER A 92 8.93 -2.11 -6.96
CA SER A 92 10.26 -1.74 -6.48
C SER A 92 11.06 -2.96 -6.07
N GLY A 93 12.14 -2.74 -5.33
CA GLY A 93 12.98 -3.84 -4.88
C GLY A 93 12.20 -4.88 -4.10
N ASP A 94 12.91 -5.84 -3.51
CA ASP A 94 12.28 -6.89 -2.73
C ASP A 94 11.04 -7.42 -3.44
N ALA A 95 11.26 -8.11 -4.56
CA ALA A 95 10.16 -8.67 -5.33
C ALA A 95 9.22 -9.49 -4.44
N ASP A 96 9.79 -10.20 -3.48
CA ASP A 96 9.01 -11.02 -2.57
C ASP A 96 8.09 -10.15 -1.71
N LEU A 97 8.68 -9.15 -1.06
CA LEU A 97 7.91 -8.24 -0.21
C LEU A 97 6.82 -7.54 -1.00
N ALA A 98 7.21 -6.83 -2.05
CA ALA A 98 6.26 -6.12 -2.89
C ALA A 98 5.17 -7.05 -3.40
N ALA A 99 5.54 -8.29 -3.66
CA ALA A 99 4.58 -9.29 -4.14
C ALA A 99 3.64 -9.74 -3.03
N LYS A 100 4.19 -9.92 -1.84
CA LYS A 100 3.40 -10.35 -0.69
C LYS A 100 2.19 -9.44 -0.48
N LEU A 101 2.33 -8.18 -0.91
CA LEU A 101 1.26 -7.21 -0.77
C LEU A 101 0.20 -7.41 -1.86
N ALA A 102 0.65 -7.75 -3.06
CA ALA A 102 -0.25 -7.98 -4.18
C ALA A 102 -1.00 -9.31 -4.02
N GLU A 103 -0.25 -10.36 -3.70
CA GLU A 103 -0.83 -11.68 -3.52
C GLU A 103 -2.02 -11.63 -2.55
N VAL A 104 -1.93 -10.75 -1.57
CA VAL A 104 -2.99 -10.60 -0.57
C VAL A 104 -4.34 -10.39 -1.24
N ILE A 105 -4.37 -9.54 -2.26
CA ILE A 105 -5.60 -9.25 -2.99
C ILE A 105 -5.80 -10.23 -4.14
N HIS A 106 -4.71 -10.54 -4.84
CA HIS A 106 -4.76 -11.47 -5.97
C HIS A 106 -4.29 -12.85 -5.55
N HIS A 107 -5.21 -13.81 -5.59
CA HIS A 107 -4.89 -15.19 -5.21
C HIS A 107 -5.08 -16.13 -6.40
N HIS A 108 -4.01 -16.33 -7.17
CA HIS A 108 -4.06 -17.20 -8.33
C HIS A 108 -2.73 -17.91 -8.54
N HIS A 109 -2.72 -18.94 -9.38
CA HIS A 109 -1.51 -19.70 -9.66
C HIS A 109 -1.57 -20.32 -11.05
N HIS A 110 -0.40 -20.66 -11.59
CA HIS A 110 -0.32 -21.27 -12.91
C HIS A 110 0.66 -22.45 -12.91
N HIS A 111 0.33 -23.48 -13.68
CA HIS A 111 1.18 -24.66 -13.77
C HIS A 111 1.91 -24.71 -15.11
N MET A 1 -11.54 13.96 -3.70
CA MET A 1 -10.61 12.95 -3.22
C MET A 1 -9.91 13.41 -1.94
N SER A 2 -9.03 12.57 -1.41
CA SER A 2 -8.30 12.90 -0.19
C SER A 2 -7.32 11.79 0.17
N VAL A 3 -6.03 12.08 0.06
CA VAL A 3 -5.00 11.10 0.38
C VAL A 3 -5.22 10.50 1.76
N GLU A 4 -5.67 11.33 2.69
CA GLU A 4 -5.93 10.88 4.06
C GLU A 4 -6.99 9.79 4.07
N THR A 5 -8.02 9.96 3.27
CA THR A 5 -9.11 8.99 3.19
C THR A 5 -8.62 7.66 2.62
N ILE A 6 -7.44 7.67 2.03
CA ILE A 6 -6.86 6.47 1.44
C ILE A 6 -6.13 5.64 2.50
N ILE A 7 -5.19 6.29 3.20
CA ILE A 7 -4.42 5.62 4.24
C ILE A 7 -5.28 5.36 5.47
N GLU A 8 -6.23 6.26 5.73
CA GLU A 8 -7.11 6.13 6.88
C GLU A 8 -7.68 4.71 6.97
N ARG A 9 -8.11 4.19 5.84
CA ARG A 9 -8.68 2.84 5.78
C ARG A 9 -7.64 1.79 6.15
N ILE A 10 -6.39 2.05 5.76
CA ILE A 10 -5.29 1.13 6.05
C ILE A 10 -5.03 1.04 7.55
N LYS A 11 -4.91 2.20 8.19
CA LYS A 11 -4.65 2.26 9.62
C LYS A 11 -5.81 1.65 10.41
N ALA A 12 -7.03 1.97 9.99
CA ALA A 12 -8.23 1.45 10.66
C ALA A 12 -8.31 -0.06 10.51
N ARG A 13 -7.81 -0.58 9.39
CA ARG A 13 -7.84 -2.02 9.14
C ARG A 13 -6.71 -2.72 9.88
N VAL A 14 -5.48 -2.27 9.65
CA VAL A 14 -4.32 -2.86 10.30
C VAL A 14 -4.50 -2.92 11.81
N GLY A 15 -5.00 -1.83 12.39
CA GLY A 15 -5.22 -1.78 13.82
C GLY A 15 -6.35 -2.68 14.26
N ALA A 16 -7.15 -3.14 13.31
CA ALA A 16 -8.28 -4.01 13.61
C ALA A 16 -7.93 -5.47 13.33
N VAL A 17 -7.08 -5.70 12.34
CA VAL A 17 -6.67 -7.05 11.98
C VAL A 17 -6.18 -7.82 13.20
N ASP A 18 -6.34 -9.13 13.16
CA ASP A 18 -5.91 -9.99 14.27
C ASP A 18 -4.45 -9.70 14.64
N PRO A 19 -4.10 -10.03 15.89
CA PRO A 19 -2.74 -9.81 16.40
C PRO A 19 -1.72 -10.75 15.76
N ASN A 20 -2.14 -11.98 15.48
CA ASN A 20 -1.26 -12.97 14.85
C ASN A 20 -0.93 -12.57 13.42
N GLY A 21 -1.82 -11.78 12.81
CA GLY A 21 -1.60 -11.35 11.44
C GLY A 21 -1.19 -12.49 10.53
N PRO A 22 -2.18 -13.25 10.04
CA PRO A 22 -1.94 -14.38 9.15
C PRO A 22 -1.46 -13.95 7.77
N ARG A 23 -0.21 -13.50 7.68
CA ARG A 23 0.36 -13.06 6.42
C ARG A 23 1.88 -13.15 6.45
N LYS A 24 2.45 -13.89 5.51
CA LYS A 24 3.90 -14.06 5.43
C LYS A 24 4.57 -12.75 5.02
N VAL A 25 4.84 -11.89 6.00
CA VAL A 25 5.49 -10.61 5.75
C VAL A 25 6.27 -10.14 6.97
N LEU A 26 7.23 -9.25 6.74
CA LEU A 26 8.05 -8.71 7.82
C LEU A 26 8.99 -7.64 7.30
N GLY A 27 8.77 -6.40 7.73
CA GLY A 27 9.61 -5.30 7.31
C GLY A 27 8.86 -3.98 7.27
N VAL A 28 9.32 -3.06 6.42
CA VAL A 28 8.69 -1.75 6.30
C VAL A 28 8.73 -1.26 4.86
N PHE A 29 7.68 -0.56 4.45
CA PHE A 29 7.59 -0.03 3.09
C PHE A 29 7.43 1.49 3.11
N GLN A 30 7.70 2.12 1.97
CA GLN A 30 7.59 3.57 1.85
C GLN A 30 6.67 3.96 0.70
N LEU A 31 5.43 4.31 1.04
CA LEU A 31 4.45 4.70 0.04
C LEU A 31 4.59 6.18 -0.32
N ASN A 32 4.30 6.51 -1.57
CA ASN A 32 4.38 7.89 -2.03
C ASN A 32 3.29 8.21 -3.04
N ILE A 33 2.51 9.24 -2.77
CA ILE A 33 1.43 9.65 -3.65
C ILE A 33 1.92 10.60 -4.72
N LYS A 34 1.28 10.57 -5.89
CA LYS A 34 1.65 11.44 -6.99
C LYS A 34 0.49 12.35 -7.38
N THR A 35 0.53 13.59 -6.90
CA THR A 35 -0.52 14.56 -7.19
C THR A 35 0.08 15.88 -7.68
N ALA A 36 -0.76 16.72 -8.27
CA ALA A 36 -0.32 18.01 -8.77
C ALA A 36 0.22 18.89 -7.64
N SER A 37 -0.31 18.68 -6.44
CA SER A 37 0.12 19.45 -5.27
C SER A 37 1.51 19.02 -4.81
N GLY A 38 1.93 17.84 -5.27
CA GLY A 38 3.24 17.33 -4.90
C GLY A 38 3.25 15.83 -4.74
N VAL A 39 3.74 15.36 -3.60
CA VAL A 39 3.81 13.92 -3.33
C VAL A 39 3.68 13.64 -1.83
N GLU A 40 2.62 12.95 -1.45
CA GLU A 40 2.38 12.61 -0.05
C GLU A 40 3.07 11.30 0.32
N GLN A 41 4.09 11.41 1.18
CA GLN A 41 4.84 10.23 1.61
C GLN A 41 4.18 9.58 2.81
N TRP A 42 4.15 8.25 2.81
CA TRP A 42 3.54 7.50 3.90
C TRP A 42 4.41 6.31 4.29
N ILE A 43 4.45 6.02 5.58
CA ILE A 43 5.24 4.89 6.08
C ILE A 43 4.35 3.79 6.63
N VAL A 44 4.67 2.55 6.29
CA VAL A 44 3.90 1.40 6.75
C VAL A 44 4.81 0.25 7.19
N ASP A 45 4.45 -0.39 8.29
CA ASP A 45 5.24 -1.50 8.81
C ASP A 45 4.50 -2.82 8.64
N LEU A 46 5.19 -3.82 8.10
CA LEU A 46 4.61 -5.13 7.88
C LEU A 46 4.49 -5.91 9.19
N LYS A 47 5.62 -6.10 9.86
CA LYS A 47 5.64 -6.81 11.13
C LYS A 47 4.46 -6.41 12.00
N GLN A 48 4.46 -5.16 12.45
CA GLN A 48 3.38 -4.66 13.29
C GLN A 48 2.29 -4.00 12.45
N LEU A 49 1.21 -3.61 13.11
CA LEU A 49 0.09 -2.96 12.43
C LEU A 49 0.02 -1.48 12.77
N LYS A 50 1.00 -0.72 12.27
CA LYS A 50 1.06 0.71 12.52
C LYS A 50 1.22 1.48 11.22
N VAL A 51 0.98 2.78 11.27
CA VAL A 51 1.10 3.64 10.08
C VAL A 51 1.61 5.03 10.46
N ASP A 52 2.61 5.50 9.74
CA ASP A 52 3.17 6.82 9.99
C ASP A 52 3.17 7.67 8.74
N GLN A 53 3.18 8.99 8.91
CA GLN A 53 3.16 9.92 7.79
C GLN A 53 4.56 10.49 7.53
N GLY A 54 4.96 10.48 6.27
CA GLY A 54 6.28 11.00 5.92
C GLY A 54 7.16 9.95 5.27
N VAL A 55 8.47 10.13 5.38
CA VAL A 55 9.43 9.19 4.81
C VAL A 55 10.25 8.51 5.90
N PHE A 56 10.18 7.19 5.96
CA PHE A 56 10.93 6.42 6.94
C PHE A 56 12.42 6.74 6.88
N ALA A 57 13.07 6.72 8.04
CA ALA A 57 14.50 7.00 8.11
C ALA A 57 15.30 6.00 7.29
N SER A 58 14.74 4.80 7.11
CA SER A 58 15.41 3.76 6.36
C SER A 58 14.44 2.61 6.05
N PRO A 59 13.54 2.85 5.08
CA PRO A 59 12.56 1.85 4.67
C PRO A 59 13.18 0.67 3.94
N ASP A 60 12.47 -0.45 3.89
CA ASP A 60 12.96 -1.64 3.22
C ASP A 60 12.62 -1.61 1.73
N VAL A 61 11.52 -0.94 1.40
CA VAL A 61 11.08 -0.83 0.02
C VAL A 61 10.42 0.52 -0.25
N THR A 62 10.49 0.97 -1.49
CA THR A 62 9.90 2.25 -1.88
C THR A 62 9.02 2.11 -3.11
N VAL A 63 7.70 2.22 -2.91
CA VAL A 63 6.76 2.10 -4.00
C VAL A 63 6.05 3.43 -4.27
N THR A 64 5.77 3.69 -5.55
CA THR A 64 5.11 4.92 -5.94
C THR A 64 3.82 4.64 -6.71
N VAL A 65 2.77 5.38 -6.39
CA VAL A 65 1.48 5.22 -7.06
C VAL A 65 0.71 6.52 -7.10
N GLY A 66 -0.12 6.68 -8.13
CA GLY A 66 -0.91 7.89 -8.26
C GLY A 66 -1.98 8.01 -7.19
N LEU A 67 -2.37 9.25 -6.88
CA LEU A 67 -3.39 9.49 -5.87
C LEU A 67 -4.74 8.94 -6.32
N GLU A 68 -5.01 9.01 -7.61
CA GLU A 68 -6.26 8.51 -8.16
C GLU A 68 -6.31 6.99 -8.14
N ASP A 69 -5.20 6.36 -8.51
CA ASP A 69 -5.10 4.91 -8.53
C ASP A 69 -5.52 4.32 -7.18
N MET A 70 -4.84 4.74 -6.12
CA MET A 70 -5.13 4.26 -4.78
C MET A 70 -6.58 4.56 -4.40
N LEU A 71 -7.12 5.63 -4.96
CA LEU A 71 -8.50 6.03 -4.68
C LEU A 71 -9.47 4.90 -5.01
N ALA A 72 -9.37 4.38 -6.22
CA ALA A 72 -10.23 3.29 -6.66
C ALA A 72 -10.07 2.06 -5.76
N ILE A 73 -8.88 1.90 -5.21
CA ILE A 73 -8.60 0.78 -4.32
C ILE A 73 -9.22 0.99 -2.95
N SER A 74 -8.78 2.04 -2.26
CA SER A 74 -9.28 2.36 -0.93
C SER A 74 -10.81 2.51 -0.95
N GLY A 75 -11.34 2.90 -2.10
CA GLY A 75 -12.77 3.08 -2.24
C GLY A 75 -13.49 1.78 -2.50
N LYS A 76 -12.74 0.67 -2.49
CA LYS A 76 -13.33 -0.64 -2.73
C LYS A 76 -13.90 -0.74 -4.14
N THR A 77 -13.07 -0.48 -5.14
CA THR A 77 -13.50 -0.52 -6.53
C THR A 77 -12.53 -1.34 -7.38
N LEU A 78 -11.28 -0.88 -7.43
CA LEU A 78 -10.24 -1.55 -8.21
C LEU A 78 -9.48 -2.55 -7.35
N THR A 79 -8.66 -3.38 -7.99
CA THR A 79 -7.87 -4.38 -7.28
C THR A 79 -6.39 -4.20 -7.56
N VAL A 80 -5.56 -4.65 -6.62
CA VAL A 80 -4.11 -4.54 -6.76
C VAL A 80 -3.65 -5.11 -8.10
N GLY A 81 -4.23 -6.25 -8.48
CA GLY A 81 -3.87 -6.89 -9.73
C GLY A 81 -4.10 -5.99 -10.93
N ASP A 82 -5.22 -5.27 -10.91
CA ASP A 82 -5.56 -4.36 -12.00
C ASP A 82 -4.52 -3.25 -12.14
N ALA A 83 -4.26 -2.55 -11.04
CA ALA A 83 -3.29 -1.47 -11.05
C ALA A 83 -1.92 -1.96 -11.46
N LEU A 84 -1.60 -3.20 -11.09
CA LEU A 84 -0.32 -3.79 -11.42
C LEU A 84 -0.20 -4.06 -12.92
N LYS A 85 -1.23 -4.70 -13.48
CA LYS A 85 -1.26 -5.01 -14.90
C LYS A 85 -1.14 -3.73 -15.75
N GLN A 86 -1.81 -2.67 -15.30
CA GLN A 86 -1.78 -1.40 -16.01
C GLN A 86 -0.40 -0.76 -15.92
N GLY A 87 0.20 -0.84 -14.72
CA GLY A 87 1.52 -0.27 -14.52
C GLY A 87 1.46 1.08 -13.82
N LYS A 88 0.43 1.27 -13.01
CA LYS A 88 0.25 2.52 -12.27
C LYS A 88 1.20 2.59 -11.07
N ILE A 89 1.46 1.43 -10.48
CA ILE A 89 2.35 1.35 -9.33
C ILE A 89 3.79 1.07 -9.75
N GLU A 90 4.70 1.95 -9.36
CA GLU A 90 6.10 1.80 -9.70
C GLU A 90 6.85 1.03 -8.62
N LEU A 91 7.88 0.29 -9.02
CA LEU A 91 8.68 -0.50 -8.08
C LEU A 91 10.08 0.08 -7.94
N SER A 92 10.67 -0.08 -6.77
CA SER A 92 12.01 0.43 -6.50
C SER A 92 12.52 -0.05 -5.14
N GLY A 93 13.79 -0.44 -5.09
CA GLY A 93 14.37 -0.92 -3.84
C GLY A 93 14.46 -2.42 -3.79
N ASP A 94 13.59 -3.05 -3.02
CA ASP A 94 13.57 -4.49 -2.88
C ASP A 94 12.27 -5.09 -3.42
N ALA A 95 12.18 -5.18 -4.74
CA ALA A 95 10.99 -5.72 -5.39
C ALA A 95 10.53 -7.00 -4.70
N ASP A 96 11.49 -7.83 -4.28
CA ASP A 96 11.18 -9.07 -3.59
C ASP A 96 10.32 -8.83 -2.36
N LEU A 97 10.75 -7.89 -1.53
CA LEU A 97 10.02 -7.55 -0.31
C LEU A 97 8.59 -7.12 -0.63
N ALA A 98 8.47 -6.06 -1.43
CA ALA A 98 7.17 -5.55 -1.82
C ALA A 98 6.33 -6.63 -2.49
N ALA A 99 7.00 -7.57 -3.15
CA ALA A 99 6.31 -8.66 -3.84
C ALA A 99 5.32 -9.36 -2.91
N LYS A 100 5.68 -9.44 -1.63
CA LYS A 100 4.83 -10.09 -0.63
C LYS A 100 3.42 -9.51 -0.67
N LEU A 101 3.31 -8.25 -1.05
CA LEU A 101 2.03 -7.57 -1.14
C LEU A 101 1.26 -8.02 -2.38
N ALA A 102 1.89 -7.86 -3.54
CA ALA A 102 1.26 -8.25 -4.80
C ALA A 102 0.73 -9.67 -4.73
N GLU A 103 1.38 -10.51 -3.94
CA GLU A 103 0.97 -11.91 -3.78
C GLU A 103 -0.51 -12.00 -3.43
N VAL A 104 -1.01 -10.98 -2.73
CA VAL A 104 -2.41 -10.96 -2.33
C VAL A 104 -3.33 -11.05 -3.53
N ILE A 105 -2.81 -10.69 -4.70
CA ILE A 105 -3.59 -10.73 -5.93
C ILE A 105 -4.23 -12.11 -6.12
N HIS A 106 -3.58 -13.14 -5.60
CA HIS A 106 -4.09 -14.50 -5.71
C HIS A 106 -5.35 -14.68 -4.88
N HIS A 107 -6.50 -14.45 -5.51
CA HIS A 107 -7.78 -14.58 -4.83
C HIS A 107 -8.93 -14.57 -5.83
N HIS A 108 -10.14 -14.85 -5.35
CA HIS A 108 -11.31 -14.87 -6.20
C HIS A 108 -12.25 -13.70 -5.88
N HIS A 109 -12.29 -12.73 -6.78
CA HIS A 109 -13.14 -11.56 -6.58
C HIS A 109 -14.47 -11.73 -7.30
N HIS A 110 -15.56 -11.46 -6.58
CA HIS A 110 -16.90 -11.59 -7.15
C HIS A 110 -17.25 -13.05 -7.40
N HIS A 111 -16.67 -13.61 -8.47
CA HIS A 111 -16.92 -15.01 -8.83
C HIS A 111 -15.61 -15.77 -8.95
N MET A 1 -11.14 14.12 -3.90
CA MET A 1 -9.70 14.21 -3.78
C MET A 1 -9.28 14.41 -2.33
N SER A 2 -8.51 13.47 -1.80
CA SER A 2 -8.05 13.53 -0.42
C SER A 2 -7.14 12.35 -0.09
N VAL A 3 -5.86 12.65 0.14
CA VAL A 3 -4.88 11.62 0.46
C VAL A 3 -5.16 11.00 1.82
N GLU A 4 -5.68 11.82 2.73
CA GLU A 4 -6.00 11.35 4.07
C GLU A 4 -7.09 10.28 4.05
N THR A 5 -8.07 10.47 3.17
CA THR A 5 -9.18 9.53 3.04
C THR A 5 -8.70 8.20 2.48
N ILE A 6 -7.47 8.19 1.97
CA ILE A 6 -6.90 6.98 1.40
C ILE A 6 -6.25 6.12 2.48
N ILE A 7 -5.33 6.71 3.23
CA ILE A 7 -4.63 6.00 4.29
C ILE A 7 -5.61 5.54 5.37
N GLU A 8 -6.64 6.35 5.61
CA GLU A 8 -7.65 6.03 6.61
C GLU A 8 -8.11 4.58 6.48
N ARG A 9 -8.40 4.16 5.26
CA ARG A 9 -8.85 2.79 5.00
C ARG A 9 -7.76 1.79 5.37
N ILE A 10 -6.51 2.18 5.15
CA ILE A 10 -5.38 1.31 5.46
C ILE A 10 -5.23 1.10 6.96
N LYS A 11 -5.16 2.21 7.70
CA LYS A 11 -5.02 2.16 9.15
C LYS A 11 -6.24 1.48 9.78
N ALA A 12 -7.42 1.90 9.35
CA ALA A 12 -8.66 1.33 9.88
C ALA A 12 -8.64 -0.20 9.81
N ARG A 13 -8.12 -0.73 8.71
CA ARG A 13 -8.05 -2.17 8.51
C ARG A 13 -6.86 -2.75 9.27
N VAL A 14 -5.81 -1.95 9.43
CA VAL A 14 -4.61 -2.40 10.13
C VAL A 14 -4.89 -2.64 11.61
N GLY A 15 -5.72 -1.77 12.19
CA GLY A 15 -6.06 -1.91 13.59
C GLY A 15 -7.03 -3.06 13.85
N ALA A 16 -7.56 -3.63 12.77
CA ALA A 16 -8.49 -4.74 12.89
C ALA A 16 -7.90 -6.02 12.33
N VAL A 17 -6.96 -5.88 11.40
CA VAL A 17 -6.31 -7.02 10.78
C VAL A 17 -5.23 -7.61 11.70
N ASP A 18 -5.17 -8.93 11.75
CA ASP A 18 -4.19 -9.62 12.57
C ASP A 18 -3.04 -10.17 11.73
N PRO A 19 -1.89 -10.40 12.38
CA PRO A 19 -0.70 -10.92 11.70
C PRO A 19 -0.87 -12.38 11.28
N ASN A 20 -1.57 -13.15 12.10
CA ASN A 20 -1.80 -14.56 11.82
C ASN A 20 -2.73 -14.74 10.63
N GLY A 21 -3.35 -13.63 10.21
CA GLY A 21 -4.27 -13.67 9.08
C GLY A 21 -3.67 -14.37 7.87
N PRO A 22 -4.48 -14.55 6.83
CA PRO A 22 -4.04 -15.21 5.59
C PRO A 22 -3.07 -14.35 4.80
N ARG A 23 -2.77 -13.17 5.31
CA ARG A 23 -1.86 -12.24 4.65
C ARG A 23 -0.43 -12.48 5.13
N LYS A 24 0.28 -13.36 4.42
CA LYS A 24 1.68 -13.67 4.77
C LYS A 24 2.62 -12.57 4.29
N VAL A 25 2.83 -11.56 5.14
CA VAL A 25 3.71 -10.45 4.79
C VAL A 25 4.46 -9.95 6.02
N LEU A 26 5.62 -9.34 5.80
CA LEU A 26 6.42 -8.81 6.89
C LEU A 26 7.50 -7.87 6.36
N GLY A 27 7.40 -6.59 6.71
CA GLY A 27 8.37 -5.61 6.26
C GLY A 27 7.76 -4.25 6.03
N VAL A 28 8.36 -3.21 6.60
CA VAL A 28 7.87 -1.85 6.44
C VAL A 28 7.90 -1.42 4.99
N PHE A 29 6.95 -0.56 4.60
CA PHE A 29 6.88 -0.06 3.23
C PHE A 29 6.77 1.45 3.21
N GLN A 30 7.31 2.06 2.16
CA GLN A 30 7.27 3.51 2.02
C GLN A 30 6.35 3.93 0.87
N LEU A 31 5.14 4.36 1.22
CA LEU A 31 4.17 4.79 0.22
C LEU A 31 4.39 6.24 -0.17
N ASN A 32 4.13 6.56 -1.44
CA ASN A 32 4.31 7.91 -1.94
C ASN A 32 3.25 8.24 -2.98
N ILE A 33 2.54 9.36 -2.78
CA ILE A 33 1.51 9.78 -3.71
C ILE A 33 2.05 10.77 -4.74
N LYS A 34 1.32 10.93 -5.83
CA LYS A 34 1.73 11.84 -6.90
C LYS A 34 0.72 12.97 -7.07
N THR A 35 1.10 14.17 -6.65
CA THR A 35 0.23 15.34 -6.76
C THR A 35 0.97 16.53 -7.34
N ALA A 36 0.22 17.56 -7.73
CA ALA A 36 0.81 18.76 -8.30
C ALA A 36 1.61 19.53 -7.24
N SER A 37 1.28 19.31 -5.98
CA SER A 37 1.96 19.99 -4.88
C SER A 37 3.26 19.28 -4.53
N GLY A 38 3.39 18.03 -4.97
CA GLY A 38 4.58 17.27 -4.70
C GLY A 38 4.31 15.77 -4.60
N VAL A 39 4.71 15.18 -3.48
CA VAL A 39 4.51 13.75 -3.26
C VAL A 39 4.30 13.44 -1.78
N GLU A 40 3.09 12.98 -1.45
CA GLU A 40 2.76 12.65 -0.06
C GLU A 40 3.38 11.31 0.34
N GLN A 41 4.35 11.37 1.24
CA GLN A 41 5.03 10.16 1.71
C GLN A 41 4.34 9.60 2.96
N TRP A 42 4.19 8.28 3.00
CA TRP A 42 3.55 7.63 4.14
C TRP A 42 4.34 6.40 4.57
N ILE A 43 4.26 6.07 5.86
CA ILE A 43 4.97 4.91 6.39
C ILE A 43 3.99 3.84 6.88
N VAL A 44 4.23 2.61 6.46
CA VAL A 44 3.38 1.49 6.86
C VAL A 44 4.20 0.29 7.29
N ASP A 45 3.77 -0.36 8.37
CA ASP A 45 4.47 -1.52 8.89
C ASP A 45 3.64 -2.79 8.71
N LEU A 46 4.07 -3.65 7.79
CA LEU A 46 3.35 -4.89 7.52
C LEU A 46 3.39 -5.81 8.73
N LYS A 47 4.59 -6.11 9.20
CA LYS A 47 4.77 -6.98 10.37
C LYS A 47 3.75 -6.65 11.44
N GLN A 48 3.84 -5.45 12.00
CA GLN A 48 2.92 -5.01 13.05
C GLN A 48 1.69 -4.36 12.45
N LEU A 49 0.88 -3.73 13.30
CA LEU A 49 -0.33 -3.07 12.86
C LEU A 49 -0.33 -1.59 13.25
N LYS A 50 0.46 -0.79 12.54
CA LYS A 50 0.56 0.63 12.82
C LYS A 50 0.75 1.43 11.53
N VAL A 51 0.57 2.74 11.62
CA VAL A 51 0.73 3.61 10.46
C VAL A 51 1.29 4.97 10.86
N ASP A 52 2.19 5.50 10.05
CA ASP A 52 2.81 6.79 10.31
C ASP A 52 2.93 7.62 9.04
N GLN A 53 3.09 8.92 9.20
CA GLN A 53 3.22 9.82 8.05
C GLN A 53 4.66 10.30 7.89
N GLY A 54 5.12 10.39 6.65
CA GLY A 54 6.47 10.82 6.39
C GLY A 54 7.32 9.74 5.74
N VAL A 55 8.63 9.84 5.90
CA VAL A 55 9.55 8.87 5.33
C VAL A 55 10.24 8.06 6.42
N PHE A 56 10.06 6.73 6.37
CA PHE A 56 10.67 5.85 7.35
C PHE A 56 12.19 5.97 7.33
N ALA A 57 12.80 5.87 8.51
CA ALA A 57 14.25 5.97 8.63
C ALA A 57 14.96 4.94 7.76
N SER A 58 14.26 3.83 7.49
CA SER A 58 14.81 2.76 6.68
C SER A 58 13.75 1.73 6.33
N PRO A 59 12.90 2.06 5.35
CA PRO A 59 11.82 1.18 4.90
C PRO A 59 12.35 -0.06 4.17
N ASP A 60 11.51 -1.08 4.06
CA ASP A 60 11.87 -2.32 3.39
C ASP A 60 11.68 -2.19 1.88
N VAL A 61 10.66 -1.44 1.48
CA VAL A 61 10.36 -1.24 0.07
C VAL A 61 9.79 0.15 -0.19
N THR A 62 10.02 0.68 -1.38
CA THR A 62 9.53 1.99 -1.76
C THR A 62 8.63 1.92 -2.97
N VAL A 63 7.31 1.97 -2.73
CA VAL A 63 6.34 1.91 -3.81
C VAL A 63 5.85 3.30 -4.19
N THR A 64 5.62 3.52 -5.48
CA THR A 64 5.16 4.81 -5.97
C THR A 64 3.85 4.67 -6.74
N VAL A 65 2.85 5.43 -6.34
CA VAL A 65 1.54 5.39 -6.99
C VAL A 65 0.92 6.78 -7.05
N GLY A 66 -0.16 6.90 -7.81
CA GLY A 66 -0.84 8.18 -7.95
C GLY A 66 -2.09 8.27 -7.10
N LEU A 67 -2.68 9.46 -7.05
CA LEU A 67 -3.88 9.68 -6.26
C LEU A 67 -5.05 8.87 -6.82
N GLU A 68 -5.35 9.08 -8.10
CA GLU A 68 -6.44 8.36 -8.75
C GLU A 68 -6.30 6.85 -8.56
N ASP A 69 -5.10 6.34 -8.80
CA ASP A 69 -4.83 4.91 -8.65
C ASP A 69 -5.26 4.42 -7.27
N MET A 70 -4.73 5.05 -6.24
CA MET A 70 -5.07 4.68 -4.86
C MET A 70 -6.53 4.98 -4.56
N LEU A 71 -7.11 5.92 -5.30
CA LEU A 71 -8.50 6.29 -5.11
C LEU A 71 -9.43 5.10 -5.37
N ALA A 72 -9.14 4.36 -6.43
CA ALA A 72 -9.95 3.20 -6.78
C ALA A 72 -9.76 2.07 -5.77
N ILE A 73 -8.56 1.97 -5.21
CA ILE A 73 -8.25 0.94 -4.22
C ILE A 73 -8.85 1.30 -2.86
N SER A 74 -8.38 2.39 -2.29
CA SER A 74 -8.87 2.84 -0.98
C SER A 74 -10.38 3.02 -1.00
N GLY A 75 -10.92 3.34 -2.17
CA GLY A 75 -12.36 3.54 -2.30
C GLY A 75 -13.12 2.22 -2.32
N LYS A 76 -12.39 1.12 -2.23
CA LYS A 76 -13.01 -0.21 -2.22
C LYS A 76 -13.69 -0.49 -3.56
N THR A 77 -12.92 -0.41 -4.64
CA THR A 77 -13.45 -0.65 -5.97
C THR A 77 -12.50 -1.51 -6.80
N LEU A 78 -11.28 -1.04 -6.97
CA LEU A 78 -10.27 -1.77 -7.73
C LEU A 78 -9.49 -2.72 -6.84
N THR A 79 -8.69 -3.58 -7.45
CA THR A 79 -7.89 -4.55 -6.71
C THR A 79 -6.41 -4.40 -7.05
N VAL A 80 -5.56 -4.88 -6.14
CA VAL A 80 -4.11 -4.81 -6.34
C VAL A 80 -3.71 -5.50 -7.63
N GLY A 81 -4.49 -6.50 -8.03
CA GLY A 81 -4.19 -7.23 -9.25
C GLY A 81 -4.42 -6.41 -10.50
N ASP A 82 -5.54 -5.69 -10.52
CA ASP A 82 -5.88 -4.85 -11.68
C ASP A 82 -4.81 -3.77 -11.89
N ALA A 83 -4.46 -3.06 -10.83
CA ALA A 83 -3.45 -2.01 -10.90
C ALA A 83 -2.12 -2.57 -11.36
N LEU A 84 -1.83 -3.81 -10.96
CA LEU A 84 -0.58 -4.45 -11.33
C LEU A 84 -0.54 -4.77 -12.83
N LYS A 85 -1.60 -5.40 -13.31
CA LYS A 85 -1.69 -5.76 -14.72
C LYS A 85 -1.64 -4.52 -15.61
N GLN A 86 -2.32 -3.46 -15.18
CA GLN A 86 -2.35 -2.21 -15.92
C GLN A 86 -1.02 -1.46 -15.78
N GLY A 87 -0.42 -1.55 -14.60
CA GLY A 87 0.85 -0.88 -14.36
C GLY A 87 0.67 0.45 -13.66
N LYS A 88 -0.35 0.54 -12.81
CA LYS A 88 -0.62 1.77 -12.08
C LYS A 88 0.35 1.94 -10.92
N ILE A 89 0.78 0.82 -10.34
CA ILE A 89 1.72 0.84 -9.23
C ILE A 89 3.17 0.85 -9.72
N GLU A 90 4.07 1.39 -8.90
CA GLU A 90 5.48 1.45 -9.26
C GLU A 90 6.32 0.64 -8.28
N LEU A 91 7.42 0.09 -8.77
CA LEU A 91 8.31 -0.71 -7.94
C LEU A 91 9.68 -0.05 -7.81
N SER A 92 10.27 -0.13 -6.62
CA SER A 92 11.58 0.46 -6.38
C SER A 92 12.09 0.08 -4.99
N GLY A 93 13.13 -0.73 -4.95
CA GLY A 93 13.70 -1.16 -3.69
C GLY A 93 13.87 -2.66 -3.59
N ASP A 94 12.99 -3.32 -2.84
CA ASP A 94 13.04 -4.76 -2.67
C ASP A 94 11.84 -5.43 -3.32
N ALA A 95 11.90 -5.59 -4.64
CA ALA A 95 10.82 -6.21 -5.38
C ALA A 95 10.32 -7.47 -4.68
N ASP A 96 11.25 -8.22 -4.10
CA ASP A 96 10.90 -9.45 -3.39
C ASP A 96 9.80 -9.20 -2.37
N LEU A 97 9.95 -8.16 -1.57
CA LEU A 97 8.96 -7.81 -0.56
C LEU A 97 7.68 -7.30 -1.20
N ALA A 98 7.83 -6.34 -2.12
CA ALA A 98 6.68 -5.77 -2.82
C ALA A 98 5.85 -6.86 -3.50
N ALA A 99 6.50 -7.95 -3.87
CA ALA A 99 5.82 -9.06 -4.53
C ALA A 99 4.89 -9.78 -3.55
N LYS A 100 5.29 -9.84 -2.29
CA LYS A 100 4.50 -10.49 -1.27
C LYS A 100 3.09 -9.91 -1.20
N LEU A 101 3.00 -8.59 -1.26
CA LEU A 101 1.71 -7.90 -1.22
C LEU A 101 0.84 -8.30 -2.41
N ALA A 102 1.46 -8.41 -3.58
CA ALA A 102 0.74 -8.80 -4.79
C ALA A 102 0.39 -10.28 -4.77
N GLU A 103 1.22 -11.08 -4.10
CA GLU A 103 1.00 -12.51 -4.01
C GLU A 103 -0.12 -12.83 -3.02
N VAL A 104 -0.01 -12.25 -1.82
CA VAL A 104 -1.01 -12.47 -0.78
C VAL A 104 -2.37 -11.91 -1.19
N ILE A 105 -2.35 -10.76 -1.86
CA ILE A 105 -3.58 -10.12 -2.31
C ILE A 105 -4.18 -10.86 -3.51
N HIS A 106 -3.34 -11.64 -4.19
CA HIS A 106 -3.77 -12.38 -5.36
C HIS A 106 -4.23 -11.45 -6.48
N HIS A 107 -4.44 -12.00 -7.67
CA HIS A 107 -4.88 -11.22 -8.81
C HIS A 107 -6.38 -11.34 -9.00
N HIS A 108 -7.11 -11.42 -7.89
CA HIS A 108 -8.57 -11.52 -7.93
C HIS A 108 -9.17 -11.30 -6.55
N HIS A 109 -10.48 -11.53 -6.44
CA HIS A 109 -11.17 -11.36 -5.17
C HIS A 109 -10.90 -12.52 -4.23
N HIS A 110 -9.65 -12.62 -3.78
CA HIS A 110 -9.25 -13.69 -2.87
C HIS A 110 -8.68 -13.13 -1.58
N HIS A 111 -8.85 -13.86 -0.49
CA HIS A 111 -8.35 -13.44 0.81
C HIS A 111 -7.89 -14.64 1.64
#